data_3SL5
#
_entry.id   3SL5
#
_cell.length_a   97.394
_cell.length_b   109.966
_cell.length_c   159.613
_cell.angle_alpha   90.00
_cell.angle_beta   90.00
_cell.angle_gamma   90.00
#
_symmetry.space_group_name_H-M   'P 21 21 21'
#
loop_
_entity.id
_entity.type
_entity.pdbx_description
1 polymer "cAMP-specific 3',5'-cyclic phosphodiesterase 4D"
2 non-polymer 'ZINC ION'
3 non-polymer 'diethyl 2-[(thiophen-2-ylacetyl)amino]-4,7-dihydrothieno[2,3-c]pyridine-3,6(5H)-dicarboxylate'
4 non-polymer 1,2-ETHANEDIOL
5 non-polymer 'DIMETHYL SULFOXIDE'
6 non-polymer '4-(2-HYDROXYETHYL)-1-PIPERAZINE ETHANESULFONIC ACID'
7 water water
#
_entity_poly.entity_id   1
_entity_poly.type   'polypeptide(L)'
_entity_poly.pdbx_seq_one_letter_code
;IPRFGVKTEQEDVLAKELEDVNKWGLHVFRIAELSGNRPLTVIMHTIFQERDLLKTFKIPVDTLITYLMTLEDHYHADVA
YHNNIHAADVVQSTHVLLSTPALEAVFTDLEILAAIFASAIHDVDHPGVSNQFLINTNSELALMYNDSSVLENHHLAVGF
KLLQEENCDIFQNLTKKQRQSLRKMVIDIVLATDMSKHMNLLADLKTMVETKKVTSSGVLLLDNYSDRIQVLQNMVHCAD
LSNPTKPLQLYRQWTDRIMEEFFRQGDRERERGMEISPMCDKHNASVEKSQVGFIDYIVHPLWETWADLVHPDAQDILDT
LEDNREWYQSTIPQSPSPAPDSPEEGRQGQTEKFELTLE
;
_entity_poly.pdbx_strand_id   A,B,C,D
#
loop_
_chem_comp.id
_chem_comp.type
_chem_comp.name
_chem_comp.formula
DMS non-polymer 'DIMETHYL SULFOXIDE' 'C2 H6 O S'
EDO non-polymer 1,2-ETHANEDIOL 'C2 H6 O2'
EPE non-polymer '4-(2-HYDROXYETHYL)-1-PIPERAZINE ETHANESULFONIC ACID' 'C8 H18 N2 O4 S'
J25 non-polymer 'diethyl 2-[(thiophen-2-ylacetyl)amino]-4,7-dihydrothieno[2,3-c]pyridine-3,6(5H)-dicarboxylate' 'C19 H22 N2 O5 S2'
ZN non-polymer 'ZINC ION' 'Zn 2'
#
# COMPACT_ATOMS: atom_id res chain seq x y z
N GLY A 5 -28.73 31.22 -13.60
CA GLY A 5 -28.40 30.18 -14.56
C GLY A 5 -27.38 30.59 -15.61
N VAL A 6 -26.69 31.69 -15.33
CA VAL A 6 -25.74 32.26 -16.29
C VAL A 6 -24.34 32.39 -15.69
N LYS A 7 -23.33 32.20 -16.54
CA LYS A 7 -21.93 32.18 -16.12
C LYS A 7 -21.54 33.48 -15.45
N THR A 8 -20.60 33.40 -14.53
CA THR A 8 -20.05 34.60 -13.93
C THR A 8 -19.11 35.20 -14.96
N GLU A 9 -18.70 36.44 -14.76
CA GLU A 9 -17.81 37.05 -15.74
C GLU A 9 -16.51 36.29 -15.84
N GLN A 10 -16.07 35.73 -14.73
CA GLN A 10 -14.86 34.94 -14.73
C GLN A 10 -15.08 33.66 -15.53
N GLU A 11 -16.17 32.96 -15.21
CA GLU A 11 -16.51 31.75 -15.96
C GLU A 11 -16.53 32.04 -17.45
N ASP A 12 -16.92 33.25 -17.80
CA ASP A 12 -17.03 33.64 -19.20
C ASP A 12 -15.68 33.91 -19.82
N VAL A 13 -14.90 34.75 -19.15
CA VAL A 13 -13.54 35.03 -19.59
C VAL A 13 -12.83 33.70 -19.76
N LEU A 14 -13.08 32.80 -18.82
CA LEU A 14 -12.52 31.46 -18.84
C LEU A 14 -13.00 30.66 -20.06
N ALA A 15 -14.28 30.78 -20.40
CA ALA A 15 -14.81 30.07 -21.55
C ALA A 15 -14.18 30.53 -22.86
N LYS A 16 -13.95 31.83 -22.97
CA LYS A 16 -13.41 32.36 -24.21
C LYS A 16 -11.99 31.86 -24.40
N GLU A 17 -11.20 31.90 -23.32
CA GLU A 17 -9.86 31.35 -23.36
C GLU A 17 -9.92 29.92 -23.86
N LEU A 18 -10.90 29.19 -23.37
CA LEU A 18 -11.11 27.81 -23.76
C LEU A 18 -11.53 27.68 -25.20
N GLU A 19 -11.89 28.80 -25.83
CA GLU A 19 -12.30 28.73 -27.23
C GLU A 19 -11.08 28.36 -28.04
N ASP A 20 -9.92 28.47 -27.41
CA ASP A 20 -8.66 28.13 -28.05
C ASP A 20 -8.18 26.67 -27.93
N VAL A 21 -8.99 25.78 -27.35
CA VAL A 21 -8.51 24.43 -27.07
C VAL A 21 -8.03 23.62 -28.27
N ASN A 22 -8.53 23.91 -29.46
CA ASN A 22 -8.12 23.11 -30.60
C ASN A 22 -6.83 23.62 -31.22
N LYS A 23 -6.24 24.65 -30.60
CA LYS A 23 -5.08 25.33 -31.18
C LYS A 23 -3.81 25.16 -30.40
N TRP A 24 -2.74 24.80 -31.11
CA TRP A 24 -1.41 24.77 -30.52
C TRP A 24 -1.07 26.11 -29.85
N GLY A 25 -0.71 26.07 -28.58
CA GLY A 25 -0.27 27.30 -27.93
C GLY A 25 -1.36 28.05 -27.20
N LEU A 26 -2.43 27.35 -26.86
CA LEU A 26 -3.43 27.88 -25.93
C LEU A 26 -2.73 28.52 -24.74
N HIS A 27 -3.24 29.61 -24.20
CA HIS A 27 -2.60 30.10 -22.99
C HIS A 27 -3.07 29.38 -21.74
N VAL A 28 -2.44 28.24 -21.49
CA VAL A 28 -2.85 27.34 -20.43
C VAL A 28 -2.66 27.96 -19.04
N PHE A 29 -1.67 28.83 -18.89
CA PHE A 29 -1.44 29.49 -17.60
C PHE A 29 -2.57 30.46 -17.23
N ARG A 30 -3.03 31.26 -18.19
CA ARG A 30 -4.17 32.12 -17.95
C ARG A 30 -5.34 31.28 -17.47
N ILE A 31 -5.65 30.23 -18.23
CA ILE A 31 -6.69 29.27 -17.88
C ILE A 31 -6.49 28.73 -16.48
N ALA A 32 -5.26 28.34 -16.15
CA ALA A 32 -4.94 27.94 -14.78
C ALA A 32 -5.35 29.04 -13.78
N GLU A 33 -5.11 30.29 -14.14
CA GLU A 33 -5.45 31.39 -13.27
C GLU A 33 -6.96 31.63 -13.23
N LEU A 34 -7.58 31.67 -14.41
CA LEU A 34 -8.99 31.97 -14.53
C LEU A 34 -9.89 30.92 -13.88
N SER A 35 -9.43 29.69 -13.85
CA SER A 35 -10.27 28.59 -13.38
C SER A 35 -10.05 28.31 -11.91
N GLY A 36 -9.33 29.20 -11.24
CA GLY A 36 -8.96 28.99 -9.85
C GLY A 36 -8.06 27.76 -9.73
N ASN A 37 -7.09 27.67 -10.61
CA ASN A 37 -6.14 26.57 -10.58
C ASN A 37 -6.77 25.21 -10.87
N ARG A 38 -7.77 25.20 -11.74
CA ARG A 38 -8.35 23.97 -12.23
C ARG A 38 -8.15 23.80 -13.75
N PRO A 39 -6.96 24.12 -14.25
CA PRO A 39 -6.77 24.00 -15.70
C PRO A 39 -6.98 22.57 -16.19
N LEU A 40 -6.68 21.59 -15.35
CA LEU A 40 -6.74 20.20 -15.78
C LEU A 40 -8.18 19.78 -15.92
N THR A 41 -9.02 20.20 -14.99
CA THR A 41 -10.44 19.87 -15.00
C THR A 41 -11.23 20.51 -16.15
N VAL A 42 -11.05 21.81 -16.32
CA VAL A 42 -11.82 22.55 -17.32
C VAL A 42 -11.41 22.17 -18.73
N ILE A 43 -10.10 22.08 -18.96
CA ILE A 43 -9.62 21.63 -20.27
C ILE A 43 -10.06 20.19 -20.58
N MET A 44 -9.85 19.28 -19.64
CA MET A 44 -10.32 17.91 -19.79
C MET A 44 -11.80 17.88 -20.14
N HIS A 45 -12.58 18.55 -19.31
CA HIS A 45 -14.02 18.60 -19.50
C HIS A 45 -14.41 19.19 -20.86
N THR A 46 -13.77 20.28 -21.23
CA THR A 46 -13.96 20.93 -22.53
C THR A 46 -13.66 19.94 -23.66
N ILE A 47 -12.49 19.32 -23.59
CA ILE A 47 -12.10 18.30 -24.55
C ILE A 47 -13.07 17.13 -24.60
N PHE A 48 -13.48 16.65 -23.43
CA PHE A 48 -14.43 15.55 -23.33
C PHE A 48 -15.77 15.89 -23.97
N GLN A 49 -16.29 17.08 -23.65
CA GLN A 49 -17.50 17.58 -24.29
C GLN A 49 -17.29 17.73 -25.79
N GLU A 50 -16.18 18.36 -26.13
CA GLU A 50 -15.88 18.65 -27.52
C GLU A 50 -15.77 17.38 -28.38
N ARG A 51 -15.22 16.31 -27.81
CA ARG A 51 -15.12 15.07 -28.55
C ARG A 51 -16.30 14.18 -28.26
N ASP A 52 -17.26 14.68 -27.50
CA ASP A 52 -18.46 13.92 -27.21
C ASP A 52 -18.15 12.64 -26.42
N LEU A 53 -17.11 12.68 -25.60
CA LEU A 53 -16.67 11.46 -24.92
C LEU A 53 -17.65 11.00 -23.83
N LEU A 54 -18.33 11.94 -23.21
CA LEU A 54 -19.30 11.55 -22.20
C LEU A 54 -20.44 10.69 -22.75
N LYS A 55 -21.04 11.11 -23.86
CA LYS A 55 -22.09 10.30 -24.50
C LYS A 55 -21.54 8.95 -24.94
N THR A 56 -20.48 8.99 -25.73
CA THR A 56 -19.90 7.79 -26.28
C THR A 56 -19.60 6.76 -25.21
N PHE A 57 -19.15 7.22 -24.03
CA PHE A 57 -18.75 6.29 -22.98
C PHE A 57 -19.67 6.33 -21.77
N LYS A 58 -20.82 6.99 -21.95
CA LYS A 58 -21.83 7.03 -20.91
C LYS A 58 -21.19 7.45 -19.62
N ILE A 59 -20.34 8.47 -19.69
CA ILE A 59 -19.70 8.98 -18.49
C ILE A 59 -20.59 10.04 -17.89
N PRO A 60 -21.14 9.79 -16.68
CA PRO A 60 -21.93 10.81 -15.99
C PRO A 60 -21.08 12.07 -15.73
N VAL A 61 -21.62 13.24 -16.02
CA VAL A 61 -20.83 14.48 -15.91
C VAL A 61 -20.37 14.77 -14.49
N ASP A 62 -21.21 14.48 -13.51
CA ASP A 62 -20.84 14.77 -12.13
C ASP A 62 -19.69 13.83 -11.74
N THR A 63 -19.76 12.58 -12.18
CA THR A 63 -18.67 11.67 -11.95
C THR A 63 -17.42 12.17 -12.67
N LEU A 64 -17.58 12.63 -13.90
CA LEU A 64 -16.44 13.15 -14.65
C LEU A 64 -15.75 14.30 -13.93
N ILE A 65 -16.54 15.18 -13.35
CA ILE A 65 -15.99 16.33 -12.67
C ILE A 65 -15.37 15.93 -11.34
N THR A 66 -16.04 15.05 -10.61
CA THR A 66 -15.50 14.61 -9.34
C THR A 66 -14.12 13.98 -9.54
N TYR A 67 -14.01 13.04 -10.49
CA TYR A 67 -12.73 12.43 -10.77
C TYR A 67 -11.72 13.49 -11.22
N LEU A 68 -12.15 14.35 -12.13
CA LEU A 68 -11.25 15.37 -12.65
C LEU A 68 -10.68 16.21 -11.52
N MET A 69 -11.56 16.61 -10.61
CA MET A 69 -11.17 17.41 -9.47
C MET A 69 -10.23 16.63 -8.56
N THR A 70 -10.59 15.39 -8.30
CA THR A 70 -9.79 14.53 -7.46
C THR A 70 -8.42 14.37 -8.06
N LEU A 71 -8.39 14.07 -9.36
CA LEU A 71 -7.15 13.89 -10.07
C LEU A 71 -6.28 15.15 -10.03
N GLU A 72 -6.87 16.30 -10.28
CA GLU A 72 -6.09 17.52 -10.32
C GLU A 72 -5.46 17.80 -8.95
N ASP A 73 -6.25 17.60 -7.91
CA ASP A 73 -5.80 17.76 -6.53
C ASP A 73 -4.73 16.77 -6.11
N HIS A 74 -4.33 15.86 -6.99
CA HIS A 74 -3.26 14.93 -6.66
C HIS A 74 -1.99 15.26 -7.40
N TYR A 75 -2.06 16.26 -8.27
CA TYR A 75 -0.83 16.89 -8.68
C TYR A 75 -0.45 17.85 -7.57
N HIS A 76 0.84 18.14 -7.46
CA HIS A 76 1.35 19.01 -6.41
C HIS A 76 1.40 20.42 -6.90
N ALA A 77 0.79 21.31 -6.12
CA ALA A 77 0.81 22.71 -6.48
C ALA A 77 2.15 23.31 -6.07
N ASP A 78 2.88 22.63 -5.18
CA ASP A 78 4.16 23.12 -4.69
C ASP A 78 5.30 22.56 -5.51
N VAL A 79 4.98 22.11 -6.71
CA VAL A 79 5.96 21.61 -7.67
C VAL A 79 5.97 22.52 -8.90
N ALA A 80 7.11 23.12 -9.21
CA ALA A 80 7.14 24.17 -10.21
C ALA A 80 6.66 23.72 -11.58
N TYR A 81 7.04 22.51 -11.97
CA TYR A 81 6.82 22.05 -13.35
C TYR A 81 5.84 20.88 -13.48
N HIS A 82 6.12 19.77 -12.79
CA HIS A 82 5.28 18.60 -12.89
C HIS A 82 4.01 18.71 -12.02
N ASN A 83 3.14 19.62 -12.42
CA ASN A 83 1.90 19.86 -11.73
C ASN A 83 0.71 19.74 -12.67
N ASN A 84 -0.45 20.15 -12.16
CA ASN A 84 -1.69 20.06 -12.92
C ASN A 84 -1.69 20.94 -14.15
N ILE A 85 -0.93 22.03 -14.13
CA ILE A 85 -0.81 22.86 -15.32
C ILE A 85 -0.07 22.13 -16.42
N HIS A 86 1.01 21.43 -16.06
CA HIS A 86 1.71 20.61 -17.03
C HIS A 86 0.77 19.51 -17.52
N ALA A 87 0.15 18.79 -16.58
CA ALA A 87 -0.89 17.83 -16.96
C ALA A 87 -1.84 18.41 -18.01
N ALA A 88 -2.46 19.55 -17.68
CA ALA A 88 -3.42 20.17 -18.59
C ALA A 88 -2.85 20.44 -19.98
N ASP A 89 -1.60 20.89 -19.99
CA ASP A 89 -0.92 21.26 -21.21
C ASP A 89 -0.73 20.04 -22.09
N VAL A 90 -0.26 18.96 -21.48
CA VAL A 90 -0.02 17.71 -22.20
C VAL A 90 -1.33 17.14 -22.75
N VAL A 91 -2.39 17.24 -21.96
CA VAL A 91 -3.71 16.86 -22.40
C VAL A 91 -4.07 17.63 -23.65
N GLN A 92 -4.07 18.95 -23.53
CA GLN A 92 -4.49 19.78 -24.64
C GLN A 92 -3.60 19.60 -25.87
N SER A 93 -2.30 19.38 -25.66
CA SER A 93 -1.39 19.20 -26.78
C SER A 93 -1.69 17.89 -27.52
N THR A 94 -1.85 16.82 -26.74
CA THR A 94 -2.30 15.53 -27.25
C THR A 94 -3.60 15.73 -27.97
N HIS A 95 -4.51 16.46 -27.35
CA HIS A 95 -5.78 16.75 -27.98
C HIS A 95 -5.56 17.24 -29.39
N VAL A 96 -4.74 18.28 -29.51
CA VAL A 96 -4.39 18.88 -30.79
C VAL A 96 -3.66 17.93 -31.74
N LEU A 97 -2.67 17.21 -31.25
CA LEU A 97 -2.05 16.20 -32.09
C LEU A 97 -3.05 15.21 -32.69
N LEU A 98 -3.99 14.72 -31.87
CA LEU A 98 -5.00 13.78 -32.38
C LEU A 98 -5.80 14.35 -33.55
N SER A 99 -5.86 15.68 -33.66
CA SER A 99 -6.68 16.27 -34.69
C SER A 99 -5.94 16.47 -35.99
N THR A 100 -4.63 16.28 -35.95
CA THR A 100 -3.81 16.42 -37.14
C THR A 100 -4.47 15.68 -38.30
N PRO A 101 -4.56 16.34 -39.46
CA PRO A 101 -5.20 15.78 -40.66
C PRO A 101 -4.69 14.39 -41.04
N ALA A 102 -3.37 14.18 -40.96
CA ALA A 102 -2.77 12.88 -41.30
C ALA A 102 -3.36 11.74 -40.47
N LEU A 103 -4.03 12.09 -39.38
CA LEU A 103 -4.61 11.11 -38.49
C LEU A 103 -6.13 11.09 -38.56
N GLU A 104 -6.70 11.89 -39.43
CA GLU A 104 -8.15 12.02 -39.48
C GLU A 104 -8.76 10.64 -39.60
N ALA A 105 -9.70 10.35 -38.71
CA ALA A 105 -10.44 9.09 -38.77
C ALA A 105 -9.59 7.81 -38.62
N VAL A 106 -8.35 7.95 -38.16
CA VAL A 106 -7.52 6.78 -37.92
C VAL A 106 -7.86 6.05 -36.62
N PHE A 107 -7.92 6.78 -35.50
CA PHE A 107 -8.10 6.14 -34.20
C PHE A 107 -9.56 6.04 -33.78
N THR A 108 -9.87 4.98 -33.04
CA THR A 108 -11.20 4.81 -32.46
C THR A 108 -11.37 5.65 -31.20
N ASP A 109 -12.61 5.84 -30.81
CA ASP A 109 -12.95 6.64 -29.63
C ASP A 109 -12.24 6.16 -28.37
N LEU A 110 -12.06 4.85 -28.25
CA LEU A 110 -11.41 4.27 -27.11
C LEU A 110 -9.92 4.64 -27.11
N GLU A 111 -9.31 4.63 -28.28
CA GLU A 111 -7.90 4.97 -28.39
C GLU A 111 -7.67 6.46 -28.10
N ILE A 112 -8.64 7.29 -28.48
CA ILE A 112 -8.61 8.71 -28.19
C ILE A 112 -8.78 8.95 -26.70
N LEU A 113 -9.77 8.29 -26.12
CA LEU A 113 -9.97 8.33 -24.69
C LEU A 113 -8.72 7.86 -23.94
N ALA A 114 -8.05 6.84 -24.46
CA ALA A 114 -6.84 6.37 -23.80
C ALA A 114 -5.73 7.44 -23.89
N ALA A 115 -5.52 7.97 -25.08
CA ALA A 115 -4.47 8.95 -25.28
C ALA A 115 -4.68 10.17 -24.37
N ILE A 116 -5.92 10.62 -24.28
CA ILE A 116 -6.25 11.81 -23.52
C ILE A 116 -6.23 11.54 -22.00
N PHE A 117 -6.76 10.37 -21.60
CA PHE A 117 -6.77 10.02 -20.20
C PHE A 117 -5.33 9.78 -19.74
N ALA A 118 -4.56 9.06 -20.55
CA ALA A 118 -3.15 8.89 -20.26
C ALA A 118 -2.46 10.23 -19.99
N SER A 119 -2.67 11.20 -20.87
CA SER A 119 -2.05 12.51 -20.74
C SER A 119 -2.47 13.22 -19.47
N ALA A 120 -3.74 13.04 -19.10
CA ALA A 120 -4.28 13.67 -17.91
C ALA A 120 -3.61 13.15 -16.66
N ILE A 121 -3.20 11.89 -16.65
CA ILE A 121 -2.70 11.29 -15.40
C ILE A 121 -1.21 11.02 -15.41
N HIS A 122 -0.55 11.34 -16.51
CA HIS A 122 0.79 10.84 -16.79
C HIS A 122 1.87 11.32 -15.82
N ASP A 123 1.56 12.32 -15.01
CA ASP A 123 2.54 12.82 -14.04
C ASP A 123 1.94 12.98 -12.65
N VAL A 124 0.76 12.41 -12.45
CA VAL A 124 0.01 12.70 -11.24
C VAL A 124 0.80 12.28 -10.02
N ASP A 125 0.75 13.12 -8.98
CA ASP A 125 1.48 12.88 -7.74
C ASP A 125 3.00 12.88 -7.93
N HIS A 126 3.46 13.66 -8.90
CA HIS A 126 4.88 13.85 -9.12
C HIS A 126 5.51 14.64 -7.96
N PRO A 127 6.58 14.08 -7.39
CA PRO A 127 7.24 14.73 -6.24
C PRO A 127 8.10 15.94 -6.68
N GLY A 128 8.42 16.04 -7.97
CA GLY A 128 9.22 17.15 -8.47
C GLY A 128 10.71 16.83 -8.46
N VAL A 129 11.03 15.58 -8.15
CA VAL A 129 12.39 15.08 -8.30
C VAL A 129 12.34 13.93 -9.30
N SER A 130 13.49 13.51 -9.81
CA SER A 130 13.50 12.52 -10.88
C SER A 130 13.57 11.07 -10.37
N ASN A 131 13.39 10.13 -11.30
CA ASN A 131 13.51 8.72 -10.96
C ASN A 131 14.82 8.45 -10.26
N GLN A 132 15.92 8.86 -10.90
CA GLN A 132 17.26 8.64 -10.37
C GLN A 132 17.40 9.16 -8.95
N PHE A 133 16.89 10.36 -8.69
CA PHE A 133 16.89 10.91 -7.35
C PHE A 133 16.26 9.92 -6.38
N LEU A 134 15.07 9.46 -6.74
CA LEU A 134 14.28 8.59 -5.90
C LEU A 134 15.04 7.30 -5.66
N ILE A 135 15.64 6.79 -6.72
CA ILE A 135 16.43 5.59 -6.62
C ILE A 135 17.59 5.77 -5.65
N ASN A 136 18.38 6.81 -5.88
CA ASN A 136 19.57 7.04 -5.09
C ASN A 136 19.28 7.37 -3.62
N THR A 137 18.08 7.87 -3.35
CA THR A 137 17.72 8.28 -1.99
C THR A 137 17.01 7.14 -1.27
N ASN A 138 16.86 6.02 -1.98
CA ASN A 138 16.24 4.85 -1.41
C ASN A 138 14.80 5.10 -0.95
N SER A 139 14.05 5.83 -1.77
CA SER A 139 12.71 6.25 -1.36
C SER A 139 11.73 5.13 -1.59
N GLU A 140 10.71 5.10 -0.76
CA GLU A 140 9.62 4.14 -0.86
C GLU A 140 9.16 3.87 -2.30
N LEU A 141 8.92 4.95 -3.03
CA LEU A 141 8.48 4.87 -4.41
C LEU A 141 9.43 4.01 -5.24
N ALA A 142 10.72 4.25 -5.08
CA ALA A 142 11.72 3.52 -5.82
C ALA A 142 11.70 2.05 -5.43
N LEU A 143 11.55 1.79 -4.14
CA LEU A 143 11.52 0.43 -3.64
C LEU A 143 10.23 -0.27 -4.07
N MET A 144 9.14 0.49 -4.12
CA MET A 144 7.85 -0.05 -4.57
C MET A 144 8.01 -0.63 -5.95
N TYR A 145 8.67 0.11 -6.82
CA TYR A 145 8.70 -0.21 -8.24
C TYR A 145 10.05 -0.70 -8.72
N ASN A 146 10.83 -1.23 -7.77
CA ASN A 146 12.07 -1.91 -8.10
C ASN A 146 12.94 -1.11 -9.04
N ASP A 147 12.98 0.20 -8.82
CA ASP A 147 13.85 1.08 -9.57
C ASP A 147 13.53 1.24 -11.06
N SER A 148 12.43 0.67 -11.52
CA SER A 148 12.15 0.77 -12.95
C SER A 148 10.96 1.67 -13.22
N SER A 149 11.17 2.68 -14.06
CA SER A 149 10.18 3.70 -14.32
C SER A 149 9.40 4.06 -13.07
N VAL A 150 10.14 4.36 -11.99
CA VAL A 150 9.52 4.58 -10.70
C VAL A 150 8.36 5.56 -10.78
N LEU A 151 8.64 6.78 -11.23
CA LEU A 151 7.60 7.78 -11.29
C LEU A 151 6.43 7.32 -12.15
N GLU A 152 6.71 6.88 -13.36
CA GLU A 152 5.66 6.56 -14.31
C GLU A 152 4.73 5.41 -13.87
N ASN A 153 5.29 4.41 -13.21
CA ASN A 153 4.44 3.41 -12.57
C ASN A 153 3.57 4.04 -11.51
N HIS A 154 4.13 4.98 -10.77
CA HIS A 154 3.37 5.60 -9.71
C HIS A 154 2.24 6.49 -10.26
N HIS A 155 2.49 7.21 -11.35
CA HIS A 155 1.47 8.07 -11.92
C HIS A 155 0.29 7.22 -12.35
N LEU A 156 0.59 6.10 -12.99
CA LEU A 156 -0.44 5.16 -13.40
C LEU A 156 -1.22 4.63 -12.19
N ALA A 157 -0.51 4.03 -11.24
CA ALA A 157 -1.17 3.43 -10.08
C ALA A 157 -2.11 4.43 -9.42
N VAL A 158 -1.68 5.69 -9.31
CA VAL A 158 -2.50 6.73 -8.70
C VAL A 158 -3.68 7.11 -9.59
N GLY A 159 -3.40 7.40 -10.86
CA GLY A 159 -4.45 7.74 -11.81
C GLY A 159 -5.55 6.71 -11.83
N PHE A 160 -5.21 5.43 -11.77
CA PHE A 160 -6.22 4.38 -11.74
C PHE A 160 -6.87 4.19 -10.37
N LYS A 161 -6.08 4.28 -9.31
CA LYS A 161 -6.62 4.16 -7.97
C LYS A 161 -7.65 5.24 -7.66
N LEU A 162 -7.43 6.45 -8.17
CA LEU A 162 -8.35 7.56 -7.95
C LEU A 162 -9.75 7.32 -8.52
N LEU A 163 -9.88 6.37 -9.44
CA LEU A 163 -11.18 5.99 -9.99
C LEU A 163 -12.11 5.38 -8.94
N GLN A 164 -11.52 4.90 -7.84
CA GLN A 164 -12.27 4.24 -6.79
C GLN A 164 -12.78 5.19 -5.70
N GLU A 165 -12.36 6.43 -5.72
CA GLU A 165 -12.88 7.35 -4.74
C GLU A 165 -14.34 7.67 -5.05
N GLU A 166 -15.03 8.26 -4.08
CA GLU A 166 -16.45 8.46 -4.18
C GLU A 166 -16.83 9.13 -5.48
N ASN A 167 -17.71 8.47 -6.22
CA ASN A 167 -18.25 8.99 -7.47
C ASN A 167 -17.15 9.46 -8.41
N CYS A 168 -16.12 8.63 -8.50
CA CYS A 168 -15.00 8.95 -9.38
C CYS A 168 -14.86 8.00 -10.54
N ASP A 169 -15.54 6.85 -10.51
CA ASP A 169 -15.35 5.89 -11.59
C ASP A 169 -15.96 6.36 -12.90
N ILE A 170 -15.19 7.15 -13.63
CA ILE A 170 -15.64 7.67 -14.91
C ILE A 170 -15.85 6.57 -15.96
N PHE A 171 -15.31 5.39 -15.69
CA PHE A 171 -15.40 4.27 -16.64
C PHE A 171 -16.40 3.20 -16.20
N GLN A 172 -17.22 3.52 -15.21
CA GLN A 172 -18.17 2.57 -14.68
C GLN A 172 -19.11 1.92 -15.72
N ASN A 173 -19.32 2.58 -16.86
CA ASN A 173 -20.23 2.04 -17.85
C ASN A 173 -19.58 1.30 -19.01
N LEU A 174 -18.26 1.37 -19.11
CA LEU A 174 -17.57 0.61 -20.13
C LEU A 174 -17.66 -0.89 -19.82
N THR A 175 -17.72 -1.71 -20.86
CA THR A 175 -17.65 -3.15 -20.67
C THR A 175 -16.27 -3.56 -20.20
N LYS A 176 -16.16 -4.73 -19.58
CA LYS A 176 -14.85 -5.28 -19.22
C LYS A 176 -13.86 -5.19 -20.40
N LYS A 177 -14.29 -5.59 -21.60
CA LYS A 177 -13.45 -5.50 -22.80
C LYS A 177 -12.94 -4.11 -23.06
N GLN A 178 -13.85 -3.14 -23.10
CA GLN A 178 -13.45 -1.76 -23.31
C GLN A 178 -12.43 -1.38 -22.25
N ARG A 179 -12.72 -1.76 -21.01
CA ARG A 179 -11.93 -1.35 -19.85
C ARG A 179 -10.55 -1.94 -19.88
N GLN A 180 -10.45 -3.21 -20.27
CA GLN A 180 -9.15 -3.86 -20.35
C GLN A 180 -8.31 -3.28 -21.48
N SER A 181 -8.94 -3.01 -22.62
CA SER A 181 -8.26 -2.39 -23.72
C SER A 181 -7.77 -0.98 -23.36
N LEU A 182 -8.69 -0.20 -22.80
CA LEU A 182 -8.35 1.14 -22.36
C LEU A 182 -7.17 1.09 -21.40
N ARG A 183 -7.27 0.23 -20.40
CA ARG A 183 -6.24 0.16 -19.36
C ARG A 183 -4.84 -0.18 -19.91
N LYS A 184 -4.75 -1.26 -20.66
CA LYS A 184 -3.51 -1.63 -21.30
C LYS A 184 -2.92 -0.48 -22.09
N MET A 185 -3.73 0.14 -22.95
CA MET A 185 -3.29 1.26 -23.78
C MET A 185 -2.81 2.42 -22.95
N VAL A 186 -3.58 2.77 -21.93
CA VAL A 186 -3.19 3.87 -21.05
C VAL A 186 -1.85 3.57 -20.36
N ILE A 187 -1.67 2.34 -19.94
CA ILE A 187 -0.43 1.92 -19.33
C ILE A 187 0.75 1.98 -20.30
N ASP A 188 0.56 1.53 -21.53
CA ASP A 188 1.65 1.56 -22.51
C ASP A 188 2.05 3.00 -22.81
N ILE A 189 1.07 3.89 -22.87
CA ILE A 189 1.34 5.29 -23.14
C ILE A 189 2.08 5.97 -21.99
N VAL A 190 1.57 5.87 -20.77
CA VAL A 190 2.24 6.50 -19.63
C VAL A 190 3.62 5.90 -19.35
N LEU A 191 3.79 4.59 -19.58
CA LEU A 191 5.10 3.99 -19.39
C LEU A 191 6.11 4.56 -20.38
N ALA A 192 5.65 4.87 -21.59
CA ALA A 192 6.50 5.43 -22.63
C ALA A 192 6.86 6.91 -22.39
N THR A 193 6.37 7.49 -21.31
CA THR A 193 6.72 8.87 -21.00
C THR A 193 8.06 8.96 -20.26
N ASP A 194 8.54 7.83 -19.76
CA ASP A 194 9.86 7.70 -19.14
C ASP A 194 10.91 8.08 -20.18
N MET A 195 11.78 9.03 -19.84
CA MET A 195 12.77 9.54 -20.80
C MET A 195 13.77 8.49 -21.25
N SER A 196 13.97 7.47 -20.43
CA SER A 196 14.91 6.44 -20.77
C SER A 196 14.35 5.54 -21.88
N LYS A 197 13.09 5.79 -22.26
CA LYS A 197 12.45 5.03 -23.33
C LYS A 197 12.43 5.88 -24.58
N HIS A 198 12.97 7.08 -24.48
CA HIS A 198 12.95 8.01 -25.58
C HIS A 198 13.60 7.46 -26.85
N MET A 199 14.90 7.18 -26.76
CA MET A 199 15.68 6.64 -27.88
C MET A 199 15.01 5.47 -28.58
N ASN A 200 14.46 4.54 -27.82
CA ASN A 200 13.73 3.42 -28.45
C ASN A 200 12.44 3.85 -29.11
N LEU A 201 11.67 4.69 -28.41
CA LEU A 201 10.45 5.20 -28.99
C LEU A 201 10.72 5.85 -30.33
N LEU A 202 11.72 6.72 -30.35
CA LEU A 202 12.05 7.43 -31.58
C LEU A 202 12.46 6.47 -32.69
N ALA A 203 13.33 5.52 -32.35
CA ALA A 203 13.78 4.52 -33.31
C ALA A 203 12.57 3.92 -34.00
N ASP A 204 11.67 3.36 -33.22
CA ASP A 204 10.47 2.79 -33.80
C ASP A 204 9.77 3.81 -34.68
N LEU A 205 9.59 5.01 -34.17
CA LEU A 205 8.88 6.06 -34.91
C LEU A 205 9.55 6.36 -36.25
N LYS A 206 10.88 6.50 -36.25
CA LYS A 206 11.62 6.68 -37.49
C LYS A 206 11.35 5.53 -38.43
N THR A 207 11.37 4.32 -37.88
CA THR A 207 11.09 3.12 -38.65
C THR A 207 9.69 3.15 -39.27
N MET A 208 8.72 3.62 -38.51
CA MET A 208 7.36 3.74 -39.00
C MET A 208 7.39 4.67 -40.19
N VAL A 209 8.06 5.79 -40.00
CA VAL A 209 8.18 6.78 -41.06
C VAL A 209 8.83 6.17 -42.29
N GLU A 210 10.00 5.58 -42.08
CA GLU A 210 10.74 4.89 -43.14
C GLU A 210 9.87 3.86 -43.87
N THR A 211 9.33 2.90 -43.13
CA THR A 211 8.46 1.90 -43.74
C THR A 211 7.02 2.41 -43.74
N LYS A 212 6.84 3.65 -44.18
CA LYS A 212 5.55 4.31 -44.12
C LYS A 212 4.51 3.65 -45.01
N LYS A 213 3.25 3.79 -44.62
CA LYS A 213 2.13 3.35 -45.43
C LYS A 213 0.93 4.25 -45.14
N VAL A 214 0.30 4.71 -46.20
CA VAL A 214 -0.85 5.58 -46.10
C VAL A 214 -2.01 4.90 -46.82
N THR A 215 -3.21 5.45 -46.72
CA THR A 215 -4.36 4.82 -47.36
C THR A 215 -5.55 5.74 -47.53
N SER A 216 -5.95 5.94 -48.78
CA SER A 216 -7.15 6.70 -49.17
C SER A 216 -7.26 8.08 -48.49
N SER A 217 -7.28 9.12 -49.31
CA SER A 217 -7.27 10.50 -48.82
C SER A 217 -6.08 10.76 -47.89
N GLY A 218 -5.14 9.83 -47.89
CA GLY A 218 -3.82 10.04 -47.31
C GLY A 218 -3.75 10.25 -45.81
N VAL A 219 -4.15 9.24 -45.05
CA VAL A 219 -3.99 9.26 -43.60
C VAL A 219 -3.31 7.96 -43.21
N LEU A 220 -2.32 8.06 -42.32
CA LEU A 220 -1.58 6.88 -41.86
C LEU A 220 -2.42 5.61 -41.80
N LEU A 221 -1.84 4.52 -42.30
CA LEU A 221 -2.45 3.18 -42.21
C LEU A 221 -1.73 2.42 -41.09
N LEU A 222 -2.52 1.86 -40.18
CA LEU A 222 -1.99 1.16 -39.02
C LEU A 222 -2.91 0.01 -38.70
N ASP A 223 -2.52 -1.20 -39.11
CA ASP A 223 -3.40 -2.35 -38.95
C ASP A 223 -2.90 -3.35 -37.93
N ASN A 224 -2.39 -2.84 -36.81
CA ASN A 224 -2.02 -3.68 -35.68
C ASN A 224 -1.76 -2.82 -34.44
N TYR A 225 -1.92 -3.43 -33.27
CA TYR A 225 -1.80 -2.70 -32.02
C TYR A 225 -0.42 -2.04 -31.91
N SER A 226 0.61 -2.82 -32.23
CA SER A 226 1.97 -2.38 -32.07
C SER A 226 2.20 -1.03 -32.76
N ASP A 227 1.62 -0.87 -33.95
CA ASP A 227 1.80 0.36 -34.71
C ASP A 227 0.94 1.47 -34.13
N ARG A 228 -0.30 1.11 -33.82
CA ARG A 228 -1.28 2.05 -33.31
C ARG A 228 -0.80 2.64 -31.99
N ILE A 229 -0.41 1.76 -31.07
CA ILE A 229 0.01 2.20 -29.76
C ILE A 229 1.36 2.93 -29.82
N GLN A 230 2.20 2.59 -30.79
CA GLN A 230 3.47 3.29 -30.94
C GLN A 230 3.26 4.74 -31.35
N VAL A 231 2.36 4.96 -32.29
CA VAL A 231 2.00 6.32 -32.69
C VAL A 231 1.43 7.07 -31.51
N LEU A 232 0.62 6.39 -30.70
CA LEU A 232 -0.01 7.07 -29.57
C LEU A 232 1.02 7.39 -28.51
N GLN A 233 1.94 6.46 -28.27
CA GLN A 233 3.01 6.68 -27.32
C GLN A 233 3.86 7.84 -27.77
N ASN A 234 4.32 7.81 -29.01
CA ASN A 234 5.05 8.94 -29.56
C ASN A 234 4.25 10.24 -29.53
N MET A 235 2.96 10.17 -29.81
CA MET A 235 2.11 11.36 -29.76
C MET A 235 2.12 12.01 -28.37
N VAL A 236 1.82 11.23 -27.34
CA VAL A 236 1.78 11.75 -25.98
C VAL A 236 3.16 12.14 -25.48
N HIS A 237 4.17 11.36 -25.89
CA HIS A 237 5.56 11.71 -25.66
C HIS A 237 5.92 13.06 -26.30
N CYS A 238 5.50 13.26 -27.54
CA CYS A 238 5.68 14.55 -28.21
C CYS A 238 5.02 15.66 -27.40
N ALA A 239 3.78 15.46 -26.99
CA ALA A 239 3.06 16.44 -26.17
C ALA A 239 3.80 16.69 -24.86
N ASP A 240 4.28 15.62 -24.25
CA ASP A 240 5.07 15.78 -23.05
C ASP A 240 6.26 16.71 -23.30
N LEU A 241 6.89 16.60 -24.45
CA LEU A 241 8.03 17.46 -24.77
C LEU A 241 7.67 18.48 -25.83
N SER A 242 6.54 19.14 -25.65
CA SER A 242 6.04 20.06 -26.66
C SER A 242 6.37 21.52 -26.35
N ASN A 243 6.76 21.78 -25.11
CA ASN A 243 7.05 23.14 -24.64
C ASN A 243 7.92 23.96 -25.59
N PRO A 244 9.01 23.36 -26.10
CA PRO A 244 9.90 24.17 -26.93
C PRO A 244 9.30 24.42 -28.29
N THR A 245 8.13 23.85 -28.58
CA THR A 245 7.47 24.07 -29.86
C THR A 245 6.31 25.06 -29.69
N LYS A 246 6.16 25.58 -28.48
CA LYS A 246 5.13 26.55 -28.20
C LYS A 246 5.71 27.95 -28.37
N PRO A 247 4.84 28.94 -28.54
CA PRO A 247 5.28 30.34 -28.54
C PRO A 247 6.22 30.61 -27.36
N LEU A 248 7.30 31.32 -27.64
CA LEU A 248 8.36 31.58 -26.67
C LEU A 248 7.81 32.07 -25.33
N GLN A 249 6.73 32.83 -25.39
CA GLN A 249 6.06 33.30 -24.17
C GLN A 249 5.71 32.12 -23.26
N LEU A 250 5.22 31.04 -23.87
CA LEU A 250 4.86 29.85 -23.14
C LEU A 250 6.10 29.08 -22.78
N TYR A 251 6.90 28.82 -23.81
CA TYR A 251 8.13 28.06 -23.67
C TYR A 251 8.95 28.50 -22.45
N ARG A 252 9.12 29.82 -22.29
CA ARG A 252 9.98 30.37 -21.24
C ARG A 252 9.50 30.13 -19.82
N GLN A 253 8.19 30.28 -19.60
CA GLN A 253 7.63 29.96 -18.30
C GLN A 253 7.88 28.49 -17.99
N TRP A 254 7.72 27.64 -19.00
CA TRP A 254 7.98 26.23 -18.81
C TRP A 254 9.44 25.99 -18.44
N THR A 255 10.36 26.65 -19.14
CA THR A 255 11.78 26.51 -18.80
C THR A 255 12.05 27.03 -17.39
N ASP A 256 11.41 28.14 -17.01
CA ASP A 256 11.54 28.68 -15.66
C ASP A 256 11.17 27.64 -14.64
N ARG A 257 10.05 26.99 -14.89
CA ARG A 257 9.48 26.03 -13.97
C ARG A 257 10.32 24.76 -13.87
N ILE A 258 10.74 24.23 -15.02
CA ILE A 258 11.60 23.04 -15.01
C ILE A 258 12.93 23.33 -14.31
N MET A 259 13.50 24.49 -14.60
CA MET A 259 14.79 24.85 -14.01
C MET A 259 14.68 25.01 -12.50
N GLU A 260 13.56 25.60 -12.06
CA GLU A 260 13.27 25.73 -10.63
C GLU A 260 13.27 24.38 -9.96
N GLU A 261 12.70 23.41 -10.65
CA GLU A 261 12.64 22.06 -10.15
C GLU A 261 14.02 21.43 -10.09
N PHE A 262 14.75 21.45 -11.22
CA PHE A 262 16.11 20.90 -11.25
C PHE A 262 16.98 21.55 -10.19
N PHE A 263 16.92 22.87 -10.10
CA PHE A 263 17.69 23.57 -9.09
C PHE A 263 17.29 23.13 -7.68
N ARG A 264 15.99 23.05 -7.40
CA ARG A 264 15.55 22.55 -6.11
C ARG A 264 16.02 21.11 -5.91
N GLN A 265 16.04 20.31 -6.96
CA GLN A 265 16.52 18.95 -6.82
C GLN A 265 18.03 18.94 -6.56
N GLY A 266 18.75 19.74 -7.34
CA GLY A 266 20.19 19.90 -7.15
C GLY A 266 20.51 20.41 -5.76
N ASP A 267 19.60 21.19 -5.19
CA ASP A 267 19.75 21.68 -3.83
C ASP A 267 19.72 20.53 -2.84
N ARG A 268 18.80 19.59 -3.03
CA ARG A 268 18.70 18.46 -2.12
C ARG A 268 19.87 17.52 -2.34
N GLU A 269 20.38 17.47 -3.56
CA GLU A 269 21.49 16.57 -3.87
C GLU A 269 22.79 17.11 -3.30
N ARG A 270 23.02 18.42 -3.48
CA ARG A 270 24.25 19.06 -3.04
C ARG A 270 24.53 18.83 -1.55
N GLU A 271 23.50 19.02 -0.72
CA GLU A 271 23.61 18.80 0.72
C GLU A 271 23.76 17.32 1.05
N ARG A 272 22.84 16.52 0.52
CA ARG A 272 22.81 15.09 0.84
C ARG A 272 23.99 14.37 0.22
N GLY A 273 25.09 15.10 0.02
CA GLY A 273 26.35 14.52 -0.41
C GLY A 273 26.45 14.25 -1.89
N MET A 274 25.37 13.76 -2.47
CA MET A 274 25.33 13.36 -3.88
C MET A 274 25.94 14.44 -4.77
N GLU A 275 26.46 14.02 -5.93
CA GLU A 275 27.00 14.98 -6.89
C GLU A 275 25.88 15.61 -7.74
N ILE A 276 25.70 16.92 -7.58
CA ILE A 276 24.63 17.65 -8.25
C ILE A 276 24.37 17.15 -9.67
N SER A 277 23.16 16.63 -9.89
CA SER A 277 22.74 16.01 -11.15
C SER A 277 23.04 16.80 -12.43
N PRO A 278 22.81 16.17 -13.60
CA PRO A 278 23.07 16.83 -14.89
C PRO A 278 22.18 18.05 -15.12
N MET A 279 22.79 19.23 -15.21
CA MET A 279 22.08 20.49 -15.51
C MET A 279 21.33 21.07 -14.30
N CYS A 280 21.40 20.37 -13.17
CA CYS A 280 20.69 20.80 -11.97
C CYS A 280 21.50 21.81 -11.16
N ASP A 281 22.81 21.84 -11.40
CA ASP A 281 23.73 22.64 -10.61
C ASP A 281 23.38 24.14 -10.57
N LYS A 282 23.18 24.67 -9.38
CA LYS A 282 22.84 26.07 -9.19
C LYS A 282 24.06 26.96 -9.42
N HIS A 283 23.86 28.07 -10.10
CA HIS A 283 24.93 29.01 -10.44
C HIS A 283 25.91 28.43 -11.46
N ASN A 284 26.11 27.11 -11.40
CA ASN A 284 26.98 26.42 -12.36
C ASN A 284 26.21 25.90 -13.56
N ALA A 285 24.97 26.34 -13.73
CA ALA A 285 24.14 25.87 -14.83
C ALA A 285 23.89 26.96 -15.86
N SER A 286 24.06 26.62 -17.13
CA SER A 286 23.64 27.50 -18.19
C SER A 286 22.32 27.00 -18.76
N VAL A 287 21.25 27.71 -18.44
CA VAL A 287 19.92 27.34 -18.91
C VAL A 287 19.83 27.38 -20.44
N GLU A 288 20.43 28.40 -21.04
CA GLU A 288 20.38 28.58 -22.48
C GLU A 288 21.13 27.48 -23.22
N LYS A 289 22.25 27.04 -22.65
CA LYS A 289 23.00 25.94 -23.27
C LYS A 289 22.21 24.65 -23.13
N SER A 290 21.66 24.43 -21.94
CA SER A 290 20.85 23.25 -21.68
C SER A 290 19.63 23.14 -22.58
N GLN A 291 19.00 24.28 -22.90
CA GLN A 291 17.85 24.27 -23.78
C GLN A 291 18.25 23.98 -25.22
N VAL A 292 19.42 24.44 -25.64
CA VAL A 292 19.87 24.10 -26.99
C VAL A 292 20.26 22.63 -27.02
N GLY A 293 20.96 22.19 -25.99
CA GLY A 293 21.35 20.80 -25.90
C GLY A 293 20.13 19.92 -26.07
N PHE A 294 19.11 20.22 -25.28
CA PHE A 294 17.89 19.44 -25.24
C PHE A 294 17.15 19.47 -26.57
N ILE A 295 17.09 20.65 -27.18
CA ILE A 295 16.40 20.76 -28.46
C ILE A 295 17.14 20.00 -29.56
N ASP A 296 18.44 20.24 -29.69
CA ASP A 296 19.23 19.60 -30.75
C ASP A 296 19.21 18.07 -30.63
N TYR A 297 19.40 17.57 -29.43
CA TYR A 297 19.60 16.14 -29.22
C TYR A 297 18.32 15.36 -28.99
N ILE A 298 17.41 15.91 -28.22
CA ILE A 298 16.19 15.18 -27.91
C ILE A 298 14.98 15.69 -28.68
N VAL A 299 14.59 16.93 -28.42
CA VAL A 299 13.30 17.46 -28.86
C VAL A 299 13.14 17.62 -30.37
N HIS A 300 14.16 18.16 -31.05
CA HIS A 300 14.07 18.36 -32.49
C HIS A 300 14.00 17.04 -33.26
N PRO A 301 14.86 16.06 -32.89
CA PRO A 301 14.79 14.81 -33.65
C PRO A 301 13.45 14.12 -33.47
N LEU A 302 12.87 14.22 -32.28
CA LEU A 302 11.54 13.69 -32.04
C LEU A 302 10.50 14.36 -32.91
N TRP A 303 10.44 15.69 -32.82
CA TRP A 303 9.48 16.44 -33.62
C TRP A 303 9.70 16.39 -35.12
N GLU A 304 10.97 16.39 -35.54
CA GLU A 304 11.23 16.24 -36.97
C GLU A 304 10.69 14.91 -37.47
N THR A 305 10.90 13.86 -36.69
CA THR A 305 10.44 12.54 -37.07
C THR A 305 8.95 12.47 -37.04
N TRP A 306 8.37 12.99 -35.95
CA TRP A 306 6.91 13.08 -35.87
C TRP A 306 6.35 13.88 -37.05
N ALA A 307 6.96 15.03 -37.34
CA ALA A 307 6.58 15.85 -38.50
C ALA A 307 6.56 15.07 -39.82
N ASP A 308 7.57 14.22 -40.03
CA ASP A 308 7.57 13.37 -41.22
C ASP A 308 6.34 12.49 -41.28
N LEU A 309 6.10 11.74 -40.20
CA LEU A 309 4.95 10.85 -40.12
C LEU A 309 3.68 11.54 -40.55
N VAL A 310 3.56 12.83 -40.22
CA VAL A 310 2.32 13.57 -40.45
C VAL A 310 2.46 14.70 -41.48
N HIS A 311 3.57 14.71 -42.21
CA HIS A 311 3.86 15.75 -43.21
C HIS A 311 2.63 16.06 -44.07
N PRO A 312 2.27 17.34 -44.19
CA PRO A 312 2.93 18.55 -43.69
C PRO A 312 2.31 19.12 -42.41
N ASP A 313 1.58 18.30 -41.67
CA ASP A 313 0.77 18.80 -40.56
C ASP A 313 1.54 19.59 -39.53
N ALA A 314 2.75 19.16 -39.23
CA ALA A 314 3.47 19.69 -38.07
C ALA A 314 4.50 20.76 -38.41
N GLN A 315 4.41 21.28 -39.63
CA GLN A 315 5.40 22.24 -40.14
C GLN A 315 5.52 23.50 -39.31
N ASP A 316 4.39 24.18 -39.07
CA ASP A 316 4.39 25.36 -38.22
C ASP A 316 4.98 25.04 -36.86
N ILE A 317 4.63 23.88 -36.32
CA ILE A 317 5.13 23.45 -35.03
C ILE A 317 6.66 23.30 -35.08
N LEU A 318 7.14 22.56 -36.06
CA LEU A 318 8.58 22.30 -36.17
C LEU A 318 9.36 23.60 -36.39
N ASP A 319 8.80 24.49 -37.21
CA ASP A 319 9.38 25.82 -37.43
C ASP A 319 9.46 26.65 -36.15
N THR A 320 8.39 26.66 -35.38
CA THR A 320 8.40 27.36 -34.11
C THR A 320 9.57 26.89 -33.25
N LEU A 321 9.73 25.58 -33.20
CA LEU A 321 10.77 24.96 -32.39
C LEU A 321 12.15 25.43 -32.82
N GLU A 322 12.37 25.50 -34.13
CA GLU A 322 13.65 25.97 -34.66
C GLU A 322 13.86 27.46 -34.37
N ASP A 323 12.81 28.25 -34.50
CA ASP A 323 12.90 29.65 -34.11
C ASP A 323 13.29 29.75 -32.64
N ASN A 324 12.56 29.05 -31.77
CA ASN A 324 12.82 29.08 -30.36
C ASN A 324 14.24 28.63 -30.06
N ARG A 325 14.69 27.63 -30.81
CA ARG A 325 16.04 27.06 -30.70
C ARG A 325 17.12 28.12 -30.99
N GLU A 326 17.02 28.75 -32.15
CA GLU A 326 17.95 29.82 -32.49
C GLU A 326 17.90 30.92 -31.46
N TRP A 327 16.69 31.27 -31.04
CA TRP A 327 16.54 32.29 -30.03
C TRP A 327 17.47 32.03 -28.87
N TYR A 328 17.27 30.92 -28.18
CA TYR A 328 18.13 30.58 -27.04
C TYR A 328 19.62 30.72 -27.41
N GLN A 329 19.98 30.39 -28.64
CA GLN A 329 21.35 30.57 -29.14
C GLN A 329 21.82 32.04 -29.11
N SER A 330 20.89 32.97 -29.36
CA SER A 330 21.17 34.39 -29.17
C SER A 330 21.72 34.58 -27.76
N THR A 331 20.95 34.13 -26.78
CA THR A 331 21.39 34.19 -25.39
C THR A 331 22.73 33.46 -25.24
N ILE A 332 23.07 32.67 -26.27
CA ILE A 332 24.40 32.08 -26.41
C ILE A 332 24.73 31.07 -25.32
N GLN B 10 13.17 -38.20 11.77
CA GLN B 10 14.39 -38.92 11.40
C GLN B 10 15.54 -37.94 11.13
N GLU B 11 16.01 -37.31 12.21
CA GLU B 11 17.06 -36.29 12.14
C GLU B 11 18.25 -36.75 11.31
N ASP B 12 18.74 -37.95 11.62
CA ASP B 12 19.91 -38.48 10.91
C ASP B 12 19.62 -38.65 9.42
N VAL B 13 18.54 -39.34 9.09
CA VAL B 13 18.17 -39.63 7.71
C VAL B 13 18.10 -38.37 6.83
N LEU B 14 17.61 -37.27 7.40
CA LEU B 14 17.55 -36.00 6.68
C LEU B 14 18.96 -35.54 6.36
N ALA B 15 19.87 -35.74 7.31
CA ALA B 15 21.26 -35.38 7.10
C ALA B 15 21.87 -36.14 5.90
N LYS B 16 21.53 -37.41 5.78
CA LYS B 16 22.06 -38.24 4.68
C LYS B 16 21.64 -37.69 3.33
N GLU B 17 20.36 -37.30 3.22
CA GLU B 17 19.79 -36.76 2.00
C GLU B 17 20.44 -35.46 1.59
N LEU B 18 20.67 -34.59 2.57
CA LEU B 18 21.30 -33.31 2.29
C LEU B 18 22.71 -33.47 1.75
N GLU B 19 23.25 -34.68 1.83
CA GLU B 19 24.57 -34.98 1.27
C GLU B 19 24.56 -34.90 -0.26
N ASP B 20 23.36 -34.94 -0.84
CA ASP B 20 23.21 -34.86 -2.29
C ASP B 20 22.91 -33.44 -2.78
N VAL B 21 23.10 -32.47 -1.88
CA VAL B 21 22.69 -31.09 -2.14
C VAL B 21 23.44 -30.45 -3.33
N ASN B 22 24.56 -31.04 -3.72
CA ASN B 22 25.32 -30.51 -4.85
C ASN B 22 24.98 -31.28 -6.12
N LYS B 23 23.97 -32.13 -6.02
CA LYS B 23 23.59 -32.99 -7.13
C LYS B 23 22.24 -32.62 -7.77
N TRP B 24 22.27 -32.43 -9.08
CA TRP B 24 21.03 -32.39 -9.85
C TRP B 24 20.26 -33.66 -9.51
N GLY B 25 19.05 -33.53 -8.99
CA GLY B 25 18.25 -34.71 -8.71
C GLY B 25 18.01 -34.92 -7.24
N LEU B 26 18.39 -33.94 -6.42
CA LEU B 26 18.06 -33.99 -5.00
C LEU B 26 16.61 -34.39 -4.88
N HIS B 27 16.28 -35.30 -3.96
CA HIS B 27 14.86 -35.56 -3.73
C HIS B 27 14.32 -34.57 -2.72
N VAL B 28 14.06 -33.38 -3.24
CA VAL B 28 13.59 -32.26 -2.44
C VAL B 28 12.33 -32.63 -1.66
N PHE B 29 11.53 -33.55 -2.22
CA PHE B 29 10.32 -34.00 -1.55
C PHE B 29 10.59 -34.78 -0.26
N ARG B 30 11.45 -35.79 -0.33
CA ARG B 30 11.81 -36.55 0.87
C ARG B 30 12.36 -35.58 1.91
N ILE B 31 13.21 -34.67 1.45
CA ILE B 31 13.75 -33.64 2.31
C ILE B 31 12.68 -32.70 2.86
N ALA B 32 11.60 -32.50 2.10
CA ALA B 32 10.44 -31.78 2.61
C ALA B 32 9.79 -32.54 3.76
N GLU B 33 9.70 -33.86 3.62
CA GLU B 33 9.14 -34.70 4.66
C GLU B 33 10.06 -34.74 5.89
N LEU B 34 11.28 -35.24 5.71
CA LEU B 34 12.25 -35.35 6.80
C LEU B 34 12.52 -34.02 7.52
N SER B 35 12.17 -32.92 6.88
CA SER B 35 12.49 -31.58 7.38
C SER B 35 11.32 -31.02 8.19
N GLY B 36 10.20 -31.73 8.16
CA GLY B 36 9.00 -31.23 8.80
C GLY B 36 8.46 -30.09 7.97
N ASN B 37 8.76 -30.14 6.68
CA ASN B 37 8.32 -29.14 5.71
C ASN B 37 9.13 -27.85 5.83
N ARG B 38 10.43 -28.01 6.01
CA ARG B 38 11.36 -26.89 5.99
C ARG B 38 12.46 -27.12 4.97
N PRO B 39 12.10 -27.64 3.79
CA PRO B 39 13.11 -27.91 2.77
C PRO B 39 13.83 -26.66 2.34
N LEU B 40 13.13 -25.53 2.27
CA LEU B 40 13.80 -24.29 1.89
C LEU B 40 14.75 -23.89 3.00
N THR B 41 14.28 -23.98 4.24
CA THR B 41 15.14 -23.61 5.35
C THR B 41 16.42 -24.45 5.37
N VAL B 42 16.27 -25.77 5.31
CA VAL B 42 17.43 -26.64 5.47
C VAL B 42 18.37 -26.63 4.26
N ILE B 43 17.82 -26.85 3.07
CA ILE B 43 18.61 -26.70 1.84
C ILE B 43 19.32 -25.35 1.81
N MET B 44 18.60 -24.27 2.08
CA MET B 44 19.21 -22.94 2.07
C MET B 44 20.37 -22.90 3.04
N HIS B 45 20.10 -23.34 4.26
CA HIS B 45 21.10 -23.30 5.34
C HIS B 45 22.33 -24.14 5.04
N THR B 46 22.09 -25.35 4.52
CA THR B 46 23.16 -26.25 4.11
C THR B 46 23.98 -25.66 2.98
N ILE B 47 23.30 -25.08 1.99
CA ILE B 47 23.97 -24.40 0.89
C ILE B 47 24.84 -23.25 1.41
N PHE B 48 24.30 -22.51 2.38
CA PHE B 48 25.05 -21.39 2.94
C PHE B 48 26.30 -21.82 3.69
N GLN B 49 26.21 -22.94 4.40
CA GLN B 49 27.40 -23.53 4.98
C GLN B 49 28.31 -23.99 3.84
N GLU B 50 27.77 -24.90 3.02
CA GLU B 50 28.47 -25.41 1.85
C GLU B 50 29.34 -24.34 1.17
N ARG B 51 28.79 -23.15 0.92
CA ARG B 51 29.52 -22.11 0.21
C ARG B 51 30.13 -21.08 1.15
N ASP B 52 29.98 -21.33 2.45
CA ASP B 52 30.59 -20.53 3.50
C ASP B 52 30.22 -19.05 3.41
N LEU B 53 28.94 -18.78 3.18
CA LEU B 53 28.48 -17.41 3.04
C LEU B 53 28.30 -16.73 4.40
N LEU B 54 27.98 -17.52 5.42
CA LEU B 54 27.79 -16.98 6.75
C LEU B 54 29.06 -16.30 7.18
N LYS B 55 30.17 -17.06 7.19
CA LYS B 55 31.50 -16.50 7.40
C LYS B 55 31.73 -15.30 6.49
N THR B 56 31.72 -15.56 5.18
CA THR B 56 32.03 -14.57 4.16
C THR B 56 31.28 -13.26 4.36
N PHE B 57 30.02 -13.34 4.77
CA PHE B 57 29.16 -12.16 4.84
C PHE B 57 28.74 -11.77 6.27
N LYS B 58 29.31 -12.44 7.26
CA LYS B 58 29.07 -12.10 8.65
C LYS B 58 27.61 -12.31 9.03
N ILE B 59 26.98 -13.29 8.41
CA ILE B 59 25.58 -13.53 8.68
C ILE B 59 25.42 -14.31 9.96
N PRO B 60 24.77 -13.70 10.96
CA PRO B 60 24.44 -14.45 12.17
C PRO B 60 23.57 -15.66 11.82
N VAL B 61 23.97 -16.81 12.33
CA VAL B 61 23.24 -18.07 12.15
C VAL B 61 21.75 -17.98 12.51
N ASP B 62 21.47 -17.48 13.70
CA ASP B 62 20.09 -17.36 14.15
C ASP B 62 19.36 -16.43 13.22
N THR B 63 19.99 -15.31 12.90
CA THR B 63 19.43 -14.40 11.93
C THR B 63 19.10 -15.16 10.65
N LEU B 64 20.02 -16.00 10.19
CA LEU B 64 19.82 -16.71 8.93
C LEU B 64 18.60 -17.62 9.01
N ILE B 65 18.54 -18.41 10.08
CA ILE B 65 17.51 -19.41 10.25
C ILE B 65 16.17 -18.76 10.50
N THR B 66 16.17 -17.62 11.17
CA THR B 66 14.91 -16.91 11.41
C THR B 66 14.32 -16.40 10.10
N TYR B 67 15.15 -15.77 9.27
CA TYR B 67 14.70 -15.32 7.96
C TYR B 67 14.23 -16.46 7.06
N LEU B 68 14.94 -17.58 7.08
CA LEU B 68 14.57 -18.73 6.28
C LEU B 68 13.21 -19.24 6.72
N MET B 69 13.08 -19.46 8.02
CA MET B 69 11.82 -19.85 8.62
C MET B 69 10.74 -18.92 8.11
N THR B 70 11.00 -17.63 8.27
CA THR B 70 10.00 -16.60 7.96
C THR B 70 9.64 -16.65 6.48
N LEU B 71 10.66 -16.71 5.62
CA LEU B 71 10.43 -16.79 4.17
C LEU B 71 9.58 -17.99 3.80
N GLU B 72 10.01 -19.16 4.25
CA GLU B 72 9.30 -20.39 3.95
C GLU B 72 7.84 -20.28 4.39
N ASP B 73 7.62 -19.83 5.62
CA ASP B 73 6.27 -19.62 6.15
C ASP B 73 5.41 -18.68 5.30
N HIS B 74 6.02 -17.92 4.41
CA HIS B 74 5.25 -17.06 3.54
C HIS B 74 4.93 -17.68 2.20
N TYR B 75 5.36 -18.92 2.01
CA TYR B 75 4.90 -19.75 0.90
C TYR B 75 3.67 -20.47 1.37
N HIS B 76 2.68 -20.59 0.50
CA HIS B 76 1.40 -21.16 0.87
C HIS B 76 1.45 -22.68 0.83
N ALA B 77 1.19 -23.30 1.98
CA ALA B 77 1.18 -24.76 2.10
C ALA B 77 0.15 -25.39 1.17
N ASP B 78 -0.91 -24.63 0.89
CA ASP B 78 -2.05 -25.13 0.14
C ASP B 78 -1.90 -24.93 -1.37
N VAL B 79 -0.86 -24.24 -1.80
CA VAL B 79 -0.59 -24.14 -3.23
C VAL B 79 0.22 -25.36 -3.62
N ALA B 80 -0.28 -26.10 -4.61
CA ALA B 80 0.29 -27.41 -4.93
C ALA B 80 1.69 -27.33 -5.52
N TYR B 81 1.95 -26.28 -6.31
CA TYR B 81 3.24 -26.15 -6.98
C TYR B 81 4.12 -24.98 -6.50
N HIS B 82 3.64 -23.75 -6.66
CA HIS B 82 4.38 -22.59 -6.23
C HIS B 82 4.41 -22.45 -4.72
N ASN B 83 5.10 -23.36 -4.06
CA ASN B 83 5.21 -23.32 -2.61
C ASN B 83 6.68 -23.44 -2.21
N ASN B 84 6.92 -23.73 -0.93
CA ASN B 84 8.29 -23.75 -0.41
C ASN B 84 9.14 -24.87 -0.98
N ILE B 85 8.53 -26.02 -1.24
CA ILE B 85 9.28 -27.11 -1.86
C ILE B 85 9.87 -26.62 -3.17
N HIS B 86 9.03 -26.06 -4.03
CA HIS B 86 9.47 -25.48 -5.29
C HIS B 86 10.55 -24.43 -5.07
N ALA B 87 10.33 -23.55 -4.10
CA ALA B 87 11.32 -22.53 -3.79
C ALA B 87 12.64 -23.22 -3.47
N ALA B 88 12.58 -24.20 -2.57
CA ALA B 88 13.75 -24.97 -2.17
C ALA B 88 14.40 -25.59 -3.41
N ASP B 89 13.57 -26.25 -4.20
CA ASP B 89 13.99 -26.88 -5.43
C ASP B 89 14.65 -25.91 -6.41
N VAL B 90 14.19 -24.67 -6.46
CA VAL B 90 14.78 -23.71 -7.36
C VAL B 90 16.09 -23.24 -6.75
N VAL B 91 16.08 -23.02 -5.44
CA VAL B 91 17.28 -22.60 -4.75
C VAL B 91 18.38 -23.60 -5.01
N GLN B 92 18.09 -24.86 -4.73
CA GLN B 92 19.10 -25.92 -4.84
C GLN B 92 19.53 -26.23 -6.27
N SER B 93 18.66 -25.96 -7.25
CA SER B 93 19.05 -26.11 -8.64
C SER B 93 20.01 -24.99 -9.04
N THR B 94 19.71 -23.78 -8.58
CA THR B 94 20.51 -22.62 -8.90
C THR B 94 21.90 -22.86 -8.35
N HIS B 95 21.93 -23.46 -7.18
CA HIS B 95 23.17 -23.76 -6.50
C HIS B 95 24.05 -24.70 -7.34
N VAL B 96 23.42 -25.72 -7.91
CA VAL B 96 24.14 -26.71 -8.69
C VAL B 96 24.65 -26.08 -9.98
N LEU B 97 23.82 -25.26 -10.61
CA LEU B 97 24.19 -24.52 -11.80
C LEU B 97 25.30 -23.52 -11.55
N LEU B 98 25.37 -23.01 -10.34
CA LEU B 98 26.43 -22.08 -9.99
C LEU B 98 27.74 -22.83 -9.95
N SER B 99 27.72 -24.03 -9.39
CA SER B 99 28.92 -24.87 -9.31
C SER B 99 29.33 -25.46 -10.65
N THR B 100 28.66 -25.06 -11.73
CA THR B 100 29.00 -25.64 -13.02
C THR B 100 30.42 -25.27 -13.41
N PRO B 101 31.23 -26.28 -13.75
CA PRO B 101 32.66 -26.13 -14.06
C PRO B 101 32.91 -25.07 -15.12
N ALA B 102 32.04 -24.98 -16.12
CA ALA B 102 32.21 -23.93 -17.13
C ALA B 102 32.16 -22.54 -16.50
N LEU B 103 31.48 -22.41 -15.37
CA LEU B 103 31.30 -21.10 -14.76
C LEU B 103 32.28 -20.78 -13.61
N GLU B 104 33.24 -21.66 -13.39
CA GLU B 104 34.15 -21.52 -12.25
C GLU B 104 34.84 -20.18 -12.28
N ALA B 105 34.88 -19.52 -11.13
CA ALA B 105 35.61 -18.27 -10.99
C ALA B 105 35.01 -17.10 -11.81
N VAL B 106 33.79 -17.25 -12.28
CA VAL B 106 33.16 -16.16 -13.02
C VAL B 106 32.52 -15.16 -12.08
N PHE B 107 31.72 -15.67 -11.15
CA PHE B 107 30.90 -14.84 -10.28
C PHE B 107 31.51 -14.66 -8.89
N THR B 108 31.31 -13.48 -8.32
CA THR B 108 31.83 -13.16 -7.01
C THR B 108 30.88 -13.70 -5.96
N ASP B 109 31.31 -13.68 -4.70
CA ASP B 109 30.47 -14.13 -3.61
C ASP B 109 29.14 -13.36 -3.51
N LEU B 110 29.14 -12.09 -3.89
CA LEU B 110 27.92 -11.30 -3.82
C LEU B 110 26.90 -11.83 -4.84
N GLU B 111 27.36 -11.99 -6.08
CA GLU B 111 26.49 -12.41 -7.17
C GLU B 111 26.02 -13.83 -6.91
N ILE B 112 26.87 -14.61 -6.27
CA ILE B 112 26.45 -15.95 -5.88
C ILE B 112 25.31 -15.81 -4.88
N LEU B 113 25.47 -14.90 -3.92
CA LEU B 113 24.49 -14.67 -2.88
C LEU B 113 23.18 -14.20 -3.49
N ALA B 114 23.28 -13.20 -4.38
CA ALA B 114 22.11 -12.66 -5.03
C ALA B 114 21.30 -13.75 -5.76
N ALA B 115 21.97 -14.53 -6.60
CA ALA B 115 21.32 -15.57 -7.38
C ALA B 115 20.56 -16.55 -6.49
N ILE B 116 21.19 -16.90 -5.37
CA ILE B 116 20.65 -17.90 -4.44
C ILE B 116 19.52 -17.30 -3.63
N PHE B 117 19.73 -16.10 -3.10
CA PHE B 117 18.67 -15.39 -2.40
C PHE B 117 17.49 -15.20 -3.33
N ALA B 118 17.74 -14.61 -4.49
CA ALA B 118 16.69 -14.42 -5.48
C ALA B 118 15.91 -15.70 -5.67
N SER B 119 16.60 -16.82 -5.81
CA SER B 119 15.94 -18.09 -6.06
C SER B 119 15.00 -18.45 -4.93
N ALA B 120 15.39 -18.07 -3.72
CA ALA B 120 14.68 -18.49 -2.53
C ALA B 120 13.41 -17.68 -2.36
N ILE B 121 13.43 -16.46 -2.87
CA ILE B 121 12.29 -15.58 -2.72
C ILE B 121 11.47 -15.43 -3.99
N HIS B 122 11.90 -16.05 -5.09
CA HIS B 122 11.36 -15.73 -6.40
C HIS B 122 9.87 -16.02 -6.55
N ASP B 123 9.31 -16.83 -5.66
CA ASP B 123 7.88 -17.12 -5.72
C ASP B 123 7.20 -16.98 -4.38
N VAL B 124 7.75 -16.19 -3.48
CA VAL B 124 7.15 -16.13 -2.16
C VAL B 124 5.77 -15.48 -2.23
N ASP B 125 4.84 -16.03 -1.46
CA ASP B 125 3.48 -15.53 -1.35
C ASP B 125 2.73 -15.69 -2.65
N HIS B 126 3.13 -16.69 -3.42
CA HIS B 126 2.38 -17.04 -4.62
C HIS B 126 0.98 -17.56 -4.25
N PRO B 127 -0.06 -17.07 -4.94
CA PRO B 127 -1.44 -17.44 -4.63
C PRO B 127 -1.95 -18.66 -5.42
N GLY B 128 -1.14 -19.16 -6.34
CA GLY B 128 -1.55 -20.28 -7.17
C GLY B 128 -2.35 -19.84 -8.38
N VAL B 129 -2.24 -18.57 -8.76
CA VAL B 129 -2.89 -18.08 -9.96
C VAL B 129 -1.94 -17.20 -10.76
N SER B 130 -2.19 -17.11 -12.05
CA SER B 130 -1.32 -16.37 -12.97
C SER B 130 -1.52 -14.87 -12.85
N ASN B 131 -0.56 -14.13 -13.40
CA ASN B 131 -0.69 -12.68 -13.41
C ASN B 131 -1.98 -12.28 -14.08
N GLN B 132 -2.38 -13.07 -15.08
CA GLN B 132 -3.53 -12.70 -15.88
C GLN B 132 -4.76 -12.82 -15.02
N PHE B 133 -4.81 -13.83 -14.15
CA PHE B 133 -5.89 -13.98 -13.20
C PHE B 133 -5.99 -12.77 -12.29
N LEU B 134 -4.85 -12.36 -11.73
CA LEU B 134 -4.82 -11.18 -10.87
C LEU B 134 -5.20 -9.93 -11.65
N ILE B 135 -4.76 -9.85 -12.89
CA ILE B 135 -5.09 -8.71 -13.73
C ILE B 135 -6.58 -8.65 -14.03
N ASN B 136 -7.13 -9.77 -14.45
CA ASN B 136 -8.53 -9.83 -14.83
C ASN B 136 -9.53 -9.51 -13.73
N THR B 137 -9.14 -9.76 -12.48
CA THR B 137 -10.03 -9.54 -11.34
C THR B 137 -9.80 -8.18 -10.70
N ASN B 138 -8.87 -7.39 -11.26
CA ASN B 138 -8.52 -6.09 -10.68
C ASN B 138 -7.91 -6.20 -9.30
N SER B 139 -7.01 -7.14 -9.09
CA SER B 139 -6.46 -7.32 -7.75
C SER B 139 -5.65 -6.09 -7.36
N GLU B 140 -5.61 -5.80 -6.07
CA GLU B 140 -4.84 -4.68 -5.57
C GLU B 140 -3.47 -4.74 -6.19
N LEU B 141 -2.91 -5.95 -6.19
CA LEU B 141 -1.60 -6.24 -6.72
C LEU B 141 -1.47 -5.79 -8.16
N ALA B 142 -2.44 -6.15 -9.00
CA ALA B 142 -2.34 -5.77 -10.39
C ALA B 142 -2.48 -4.26 -10.60
N LEU B 143 -3.20 -3.60 -9.69
CA LEU B 143 -3.32 -2.14 -9.74
C LEU B 143 -2.03 -1.47 -9.31
N MET B 144 -1.40 -2.04 -8.31
CA MET B 144 -0.15 -1.53 -7.80
C MET B 144 0.94 -1.55 -8.87
N TYR B 145 1.00 -2.63 -9.63
CA TYR B 145 2.12 -2.85 -10.52
C TYR B 145 1.74 -2.72 -11.98
N ASN B 146 0.52 -2.24 -12.23
CA ASN B 146 0.14 -1.91 -13.59
C ASN B 146 0.14 -3.12 -14.53
N ASP B 147 -0.27 -4.26 -13.98
CA ASP B 147 -0.53 -5.46 -14.78
C ASP B 147 0.78 -6.04 -15.31
N SER B 148 1.89 -5.49 -14.85
CA SER B 148 3.19 -5.88 -15.37
C SER B 148 3.96 -6.64 -14.31
N SER B 149 4.25 -7.91 -14.56
CA SER B 149 5.00 -8.73 -13.62
C SER B 149 4.42 -8.62 -12.21
N VAL B 150 3.09 -8.72 -12.15
CA VAL B 150 2.38 -8.51 -10.91
C VAL B 150 2.95 -9.37 -9.78
N LEU B 151 2.98 -10.68 -9.98
CA LEU B 151 3.43 -11.60 -8.96
C LEU B 151 4.89 -11.42 -8.66
N GLU B 152 5.68 -11.19 -9.70
CA GLU B 152 7.11 -11.12 -9.54
C GLU B 152 7.53 -9.85 -8.80
N ASN B 153 6.79 -8.77 -9.01
CA ASN B 153 6.94 -7.57 -8.20
C ASN B 153 6.56 -7.87 -6.76
N HIS B 154 5.47 -8.61 -6.59
CA HIS B 154 5.03 -9.01 -5.27
C HIS B 154 6.04 -9.89 -4.57
N HIS B 155 6.60 -10.86 -5.31
CA HIS B 155 7.63 -11.73 -4.78
C HIS B 155 8.85 -10.92 -4.30
N LEU B 156 9.28 -9.97 -5.11
CA LEU B 156 10.36 -9.10 -4.69
C LEU B 156 10.03 -8.39 -3.39
N ALA B 157 8.90 -7.71 -3.37
CA ALA B 157 8.45 -6.95 -2.19
C ALA B 157 8.41 -7.78 -0.92
N VAL B 158 7.78 -8.94 -0.97
CA VAL B 158 7.69 -9.75 0.22
C VAL B 158 9.07 -10.20 0.68
N GLY B 159 9.82 -10.84 -0.22
CA GLY B 159 11.10 -11.41 0.12
C GLY B 159 12.01 -10.38 0.77
N PHE B 160 11.95 -9.15 0.26
CA PHE B 160 12.72 -8.04 0.80
C PHE B 160 12.19 -7.62 2.16
N LYS B 161 10.88 -7.39 2.20
CA LYS B 161 10.21 -6.90 3.37
C LYS B 161 10.47 -7.82 4.54
N LEU B 162 10.50 -9.12 4.28
CA LEU B 162 10.63 -10.09 5.35
C LEU B 162 11.95 -9.88 6.10
N LEU B 163 12.93 -9.26 5.45
CA LEU B 163 14.21 -8.91 6.06
C LEU B 163 14.05 -7.96 7.24
N GLN B 164 13.00 -7.16 7.21
CA GLN B 164 12.75 -6.20 8.28
C GLN B 164 12.06 -6.78 9.50
N GLU B 165 11.66 -8.05 9.43
CA GLU B 165 11.03 -8.66 10.60
C GLU B 165 12.07 -8.98 11.67
N GLU B 166 11.62 -9.22 12.89
CA GLU B 166 12.52 -9.45 14.02
C GLU B 166 13.62 -10.47 13.69
N ASN B 167 14.87 -10.02 13.75
CA ASN B 167 16.04 -10.90 13.55
C ASN B 167 16.04 -11.63 12.22
N CYS B 168 15.65 -10.93 11.17
CA CYS B 168 15.57 -11.55 9.84
C CYS B 168 16.53 -10.92 8.84
N ASP B 169 17.15 -9.81 9.20
CA ASP B 169 17.86 -9.03 8.19
C ASP B 169 18.89 -9.85 7.35
N ILE B 170 19.81 -10.56 7.99
CA ILE B 170 20.77 -11.43 7.29
C ILE B 170 21.77 -10.71 6.37
N PHE B 171 21.43 -9.52 5.91
CA PHE B 171 22.38 -8.71 5.18
C PHE B 171 22.88 -7.55 6.03
N GLN B 172 22.67 -7.65 7.33
CA GLN B 172 22.98 -6.55 8.25
C GLN B 172 24.45 -6.15 8.23
N ASN B 173 25.33 -7.12 7.99
CA ASN B 173 26.76 -6.83 7.99
C ASN B 173 27.34 -6.65 6.60
N LEU B 174 26.51 -6.83 5.57
CA LEU B 174 26.90 -6.40 4.23
C LEU B 174 27.21 -4.91 4.26
N THR B 175 28.08 -4.48 3.36
CA THR B 175 28.40 -3.06 3.25
C THR B 175 27.32 -2.40 2.43
N LYS B 176 27.24 -1.08 2.52
CA LYS B 176 26.24 -0.33 1.77
C LYS B 176 26.24 -0.66 0.27
N LYS B 177 27.43 -0.63 -0.35
CA LYS B 177 27.52 -0.92 -1.78
C LYS B 177 27.18 -2.37 -2.09
N GLN B 178 27.58 -3.28 -1.23
CA GLN B 178 27.16 -4.68 -1.33
C GLN B 178 25.63 -4.79 -1.32
N ARG B 179 24.98 -4.12 -0.37
CA ARG B 179 23.52 -4.11 -0.28
C ARG B 179 22.88 -3.50 -1.52
N GLN B 180 23.47 -2.41 -2.01
CA GLN B 180 22.94 -1.78 -3.22
C GLN B 180 23.02 -2.77 -4.37
N SER B 181 24.19 -3.33 -4.58
CA SER B 181 24.41 -4.20 -5.72
C SER B 181 23.56 -5.46 -5.61
N LEU B 182 23.55 -6.06 -4.43
CA LEU B 182 22.81 -7.30 -4.25
C LEU B 182 21.31 -7.04 -4.42
N ARG B 183 20.83 -5.89 -3.99
CA ARG B 183 19.45 -5.53 -4.27
C ARG B 183 19.18 -5.49 -5.76
N LYS B 184 19.95 -4.72 -6.51
CA LYS B 184 19.68 -4.61 -7.95
C LYS B 184 19.68 -5.98 -8.63
N MET B 185 20.73 -6.75 -8.36
CA MET B 185 20.88 -8.07 -8.95
C MET B 185 19.66 -8.95 -8.63
N VAL B 186 19.30 -9.02 -7.35
CA VAL B 186 18.14 -9.80 -6.96
C VAL B 186 16.88 -9.36 -7.71
N ILE B 187 16.70 -8.05 -7.86
CA ILE B 187 15.55 -7.55 -8.58
C ILE B 187 15.62 -8.00 -10.02
N ASP B 188 16.75 -7.72 -10.66
CA ASP B 188 16.97 -8.11 -12.04
C ASP B 188 16.67 -9.59 -12.24
N ILE B 189 16.98 -10.41 -11.25
CA ILE B 189 16.81 -11.84 -11.41
C ILE B 189 15.34 -12.23 -11.27
N VAL B 190 14.69 -11.88 -10.18
CA VAL B 190 13.32 -12.31 -9.97
C VAL B 190 12.41 -11.90 -11.15
N LEU B 191 12.51 -10.66 -11.59
CA LEU B 191 11.66 -10.21 -12.69
C LEU B 191 11.94 -10.99 -13.96
N ALA B 192 13.15 -11.50 -14.08
CA ALA B 192 13.46 -12.33 -15.24
C ALA B 192 12.72 -13.66 -15.17
N THR B 193 12.09 -13.95 -14.03
CA THR B 193 11.36 -15.22 -13.87
C THR B 193 9.93 -15.16 -14.38
N ASP B 194 9.47 -13.95 -14.71
CA ASP B 194 8.20 -13.75 -15.41
C ASP B 194 8.28 -14.40 -16.81
N MET B 195 7.39 -15.35 -17.05
CA MET B 195 7.41 -16.09 -18.30
C MET B 195 7.23 -15.21 -19.53
N SER B 196 6.74 -14.00 -19.35
CA SER B 196 6.50 -13.12 -20.49
C SER B 196 7.80 -12.44 -20.86
N LYS B 197 8.85 -12.76 -20.10
CA LYS B 197 10.18 -12.28 -20.43
C LYS B 197 10.99 -13.38 -21.11
N HIS B 198 10.45 -14.60 -21.12
CA HIS B 198 11.19 -15.75 -21.59
C HIS B 198 11.90 -15.50 -22.89
N MET B 199 11.13 -15.16 -23.92
CA MET B 199 11.66 -15.08 -25.28
C MET B 199 12.86 -14.14 -25.41
N ASN B 200 12.81 -12.98 -24.76
CA ASN B 200 13.92 -12.04 -24.80
C ASN B 200 15.14 -12.49 -24.00
N LEU B 201 14.90 -13.14 -22.88
CA LEU B 201 15.98 -13.76 -22.13
C LEU B 201 16.72 -14.76 -23.00
N LEU B 202 15.94 -15.46 -23.83
CA LEU B 202 16.46 -16.54 -24.65
C LEU B 202 17.27 -15.98 -25.81
N ALA B 203 16.66 -15.04 -26.53
CA ALA B 203 17.32 -14.33 -27.61
C ALA B 203 18.68 -13.82 -27.16
N ASP B 204 18.71 -13.17 -26.00
CA ASP B 204 19.94 -12.59 -25.50
C ASP B 204 20.97 -13.65 -25.16
N LEU B 205 20.50 -14.72 -24.53
CA LEU B 205 21.40 -15.81 -24.16
C LEU B 205 22.01 -16.40 -25.42
N LYS B 206 21.19 -16.56 -26.46
CA LYS B 206 21.67 -17.14 -27.71
C LYS B 206 22.79 -16.26 -28.22
N THR B 207 22.48 -14.97 -28.34
CA THR B 207 23.43 -13.98 -28.80
C THR B 207 24.74 -14.10 -28.04
N MET B 208 24.64 -14.29 -26.73
CA MET B 208 25.82 -14.48 -25.94
C MET B 208 26.57 -15.69 -26.44
N VAL B 209 25.89 -16.84 -26.48
CA VAL B 209 26.52 -18.05 -26.95
C VAL B 209 27.24 -17.81 -28.27
N GLU B 210 26.53 -17.18 -29.21
CA GLU B 210 27.10 -16.87 -30.52
C GLU B 210 28.31 -15.94 -30.46
N THR B 211 28.44 -15.18 -29.37
CA THR B 211 29.57 -14.29 -29.21
C THR B 211 30.31 -14.59 -27.91
N LYS B 212 30.22 -15.84 -27.46
CA LYS B 212 30.86 -16.27 -26.23
C LYS B 212 32.33 -15.86 -26.21
N LYS B 213 32.80 -15.44 -25.04
CA LYS B 213 34.19 -15.06 -24.86
C LYS B 213 34.71 -15.69 -23.58
N VAL B 214 35.98 -16.08 -23.58
CA VAL B 214 36.53 -16.80 -22.45
C VAL B 214 37.91 -16.24 -22.07
N THR B 215 38.33 -16.50 -20.84
CA THR B 215 39.65 -16.08 -20.41
C THR B 215 40.65 -17.05 -21.00
N SER B 216 41.90 -16.97 -20.55
CA SER B 216 42.91 -17.92 -20.96
C SER B 216 42.63 -19.24 -20.28
N SER B 217 42.08 -19.14 -19.07
CA SER B 217 41.70 -20.29 -18.25
C SER B 217 40.65 -21.11 -18.98
N GLY B 218 39.77 -20.41 -19.70
CA GLY B 218 38.68 -21.05 -20.41
C GLY B 218 37.32 -20.74 -19.84
N VAL B 219 37.26 -20.00 -18.75
CA VAL B 219 35.97 -19.73 -18.14
C VAL B 219 35.30 -18.51 -18.79
N LEU B 220 33.98 -18.47 -18.68
CA LEU B 220 33.19 -17.42 -19.31
C LEU B 220 33.72 -16.05 -18.94
N LEU B 221 34.02 -15.27 -19.97
CA LEU B 221 34.46 -13.90 -19.76
C LEU B 221 33.24 -12.99 -19.85
N LEU B 222 32.83 -12.45 -18.71
CA LEU B 222 31.68 -11.58 -18.63
C LEU B 222 32.13 -10.26 -18.02
N ASP B 223 32.44 -9.29 -18.88
CA ASP B 223 33.11 -8.07 -18.42
C ASP B 223 32.20 -6.84 -18.41
N ASN B 224 30.93 -7.02 -18.08
CA ASN B 224 29.98 -5.92 -18.02
C ASN B 224 28.73 -6.42 -17.33
N TYR B 225 28.00 -5.52 -16.68
CA TYR B 225 26.86 -5.94 -15.87
C TYR B 225 25.81 -6.72 -16.67
N SER B 226 25.31 -6.13 -17.75
CA SER B 226 24.32 -6.79 -18.60
C SER B 226 24.58 -8.29 -18.77
N ASP B 227 25.81 -8.62 -19.13
CA ASP B 227 26.16 -10.01 -19.46
C ASP B 227 26.19 -10.85 -18.19
N ARG B 228 26.75 -10.27 -17.15
CA ARG B 228 26.82 -10.97 -15.90
C ARG B 228 25.40 -11.29 -15.44
N ILE B 229 24.52 -10.29 -15.41
CA ILE B 229 23.15 -10.47 -14.93
C ILE B 229 22.26 -11.33 -15.85
N GLN B 230 22.37 -11.13 -17.17
CA GLN B 230 21.68 -11.99 -18.14
C GLN B 230 22.05 -13.47 -17.98
N VAL B 231 23.27 -13.73 -17.54
CA VAL B 231 23.69 -15.10 -17.28
C VAL B 231 23.07 -15.58 -15.96
N LEU B 232 22.98 -14.69 -14.99
CA LEU B 232 22.34 -15.04 -13.71
C LEU B 232 20.83 -15.16 -13.91
N GLN B 233 20.26 -14.21 -14.65
CA GLN B 233 18.87 -14.27 -15.01
C GLN B 233 18.55 -15.58 -15.70
N ASN B 234 19.23 -15.87 -16.80
CA ASN B 234 18.99 -17.12 -17.51
C ASN B 234 19.31 -18.34 -16.64
N MET B 235 20.29 -18.21 -15.76
CA MET B 235 20.57 -19.30 -14.82
C MET B 235 19.36 -19.57 -13.90
N VAL B 236 18.82 -18.53 -13.28
CA VAL B 236 17.74 -18.75 -12.34
C VAL B 236 16.43 -19.10 -13.06
N HIS B 237 16.26 -18.55 -14.26
CA HIS B 237 15.18 -18.92 -15.17
C HIS B 237 15.23 -20.42 -15.49
N CYS B 238 16.41 -20.94 -15.79
CA CYS B 238 16.58 -22.37 -16.07
C CYS B 238 16.23 -23.23 -14.84
N ALA B 239 16.68 -22.81 -13.67
CA ALA B 239 16.34 -23.52 -12.44
C ALA B 239 14.82 -23.47 -12.22
N ASP B 240 14.21 -22.35 -12.59
CA ASP B 240 12.79 -22.22 -12.39
C ASP B 240 12.08 -23.17 -13.37
N LEU B 241 12.68 -23.31 -14.56
CA LEU B 241 12.16 -24.24 -15.54
C LEU B 241 12.95 -25.57 -15.58
N SER B 242 13.41 -26.04 -14.42
CA SER B 242 14.31 -27.19 -14.37
C SER B 242 13.62 -28.54 -14.24
N ASN B 243 12.35 -28.52 -13.88
CA ASN B 243 11.63 -29.74 -13.57
C ASN B 243 11.71 -30.81 -14.65
N PRO B 244 11.39 -30.44 -15.90
CA PRO B 244 11.40 -31.47 -16.93
C PRO B 244 12.80 -32.06 -17.15
N THR B 245 13.81 -31.51 -16.47
CA THR B 245 15.18 -31.98 -16.70
C THR B 245 15.66 -32.78 -15.51
N LYS B 246 14.73 -33.23 -14.69
CA LYS B 246 15.08 -33.96 -13.49
C LYS B 246 14.66 -35.40 -13.68
N PRO B 247 15.29 -36.32 -12.95
CA PRO B 247 14.84 -37.72 -12.93
C PRO B 247 13.33 -37.80 -13.10
N LEU B 248 12.88 -38.60 -14.04
CA LEU B 248 11.45 -38.75 -14.30
C LEU B 248 10.59 -38.71 -13.05
N GLN B 249 10.90 -39.53 -12.06
CA GLN B 249 10.08 -39.60 -10.85
C GLN B 249 9.91 -38.23 -10.18
N LEU B 250 10.90 -37.35 -10.36
CA LEU B 250 10.78 -35.97 -9.90
C LEU B 250 9.90 -35.14 -10.84
N TYR B 251 10.24 -35.14 -12.11
CA TYR B 251 9.44 -34.46 -13.12
C TYR B 251 7.97 -34.76 -12.86
N ARG B 252 7.65 -36.03 -12.64
CA ARG B 252 6.27 -36.49 -12.57
C ARG B 252 5.50 -35.90 -11.41
N GLN B 253 6.11 -35.89 -10.22
CA GLN B 253 5.54 -35.25 -9.06
C GLN B 253 5.33 -33.77 -9.30
N TRP B 254 6.30 -33.10 -9.93
CA TRP B 254 6.13 -31.69 -10.30
C TRP B 254 4.97 -31.51 -11.27
N THR B 255 4.90 -32.35 -12.28
CA THR B 255 3.80 -32.24 -13.23
C THR B 255 2.46 -32.44 -12.50
N ASP B 256 2.40 -33.41 -11.60
CA ASP B 256 1.16 -33.63 -10.85
C ASP B 256 0.73 -32.40 -10.07
N ARG B 257 1.71 -31.71 -9.49
CA ARG B 257 1.45 -30.53 -8.66
C ARG B 257 1.11 -29.30 -9.48
N ILE B 258 1.80 -29.13 -10.61
CA ILE B 258 1.59 -27.99 -11.47
C ILE B 258 0.22 -28.14 -12.11
N MET B 259 -0.22 -29.37 -12.30
CA MET B 259 -1.52 -29.58 -12.91
C MET B 259 -2.67 -29.40 -11.91
N GLU B 260 -2.46 -29.83 -10.67
CA GLU B 260 -3.41 -29.59 -9.61
C GLU B 260 -3.68 -28.09 -9.53
N GLU B 261 -2.60 -27.32 -9.46
CA GLU B 261 -2.70 -25.88 -9.33
C GLU B 261 -3.40 -25.23 -10.52
N PHE B 262 -2.99 -25.60 -11.73
CA PHE B 262 -3.61 -25.05 -12.93
C PHE B 262 -5.10 -25.35 -12.95
N PHE B 263 -5.46 -26.53 -12.47
CA PHE B 263 -6.84 -26.98 -12.52
C PHE B 263 -7.68 -26.24 -11.49
N ARG B 264 -7.10 -25.98 -10.32
CA ARG B 264 -7.76 -25.18 -9.31
C ARG B 264 -8.01 -23.76 -9.82
N GLN B 265 -7.08 -23.22 -10.62
CA GLN B 265 -7.28 -21.90 -11.18
C GLN B 265 -8.39 -21.96 -12.21
N GLY B 266 -8.43 -23.06 -12.96
CA GLY B 266 -9.47 -23.24 -13.95
C GLY B 266 -10.80 -23.34 -13.24
N ASP B 267 -10.81 -24.05 -12.13
CA ASP B 267 -12.04 -24.15 -11.33
C ASP B 267 -12.50 -22.78 -10.88
N ARG B 268 -11.55 -21.95 -10.47
CA ARG B 268 -11.85 -20.65 -9.92
C ARG B 268 -12.35 -19.74 -11.02
N GLU B 269 -11.78 -19.90 -12.21
CA GLU B 269 -12.23 -19.16 -13.38
C GLU B 269 -13.64 -19.57 -13.79
N ARG B 270 -13.87 -20.87 -13.92
CA ARG B 270 -15.20 -21.41 -14.18
C ARG B 270 -16.25 -20.90 -13.18
N GLU B 271 -15.94 -21.00 -11.88
CA GLU B 271 -16.85 -20.52 -10.84
C GLU B 271 -17.38 -19.14 -11.18
N ARG B 272 -16.45 -18.27 -11.58
CA ARG B 272 -16.75 -16.87 -11.82
C ARG B 272 -17.10 -16.67 -13.28
N GLY B 273 -17.30 -17.76 -13.99
CA GLY B 273 -17.64 -17.71 -15.39
C GLY B 273 -16.65 -16.98 -16.27
N MET B 274 -15.41 -16.82 -15.78
CA MET B 274 -14.32 -16.27 -16.59
C MET B 274 -14.04 -17.23 -17.72
N GLU B 275 -13.24 -16.83 -18.70
CA GLU B 275 -12.78 -17.78 -19.71
C GLU B 275 -11.75 -18.69 -19.08
N ILE B 276 -11.82 -20.00 -19.33
CA ILE B 276 -10.84 -20.93 -18.79
C ILE B 276 -9.50 -20.80 -19.53
N SER B 277 -8.40 -20.81 -18.76
CA SER B 277 -7.05 -20.67 -19.29
C SER B 277 -6.54 -21.90 -20.05
N PRO B 278 -5.34 -21.78 -20.65
CA PRO B 278 -4.67 -22.94 -21.26
C PRO B 278 -4.36 -24.01 -20.22
N MET B 279 -4.62 -25.26 -20.55
CA MET B 279 -4.32 -26.39 -19.67
C MET B 279 -4.93 -26.24 -18.29
N CYS B 280 -5.79 -25.24 -18.11
CA CYS B 280 -6.39 -25.02 -16.80
C CYS B 280 -7.71 -25.77 -16.59
N ASP B 281 -8.27 -26.30 -17.68
CA ASP B 281 -9.55 -26.98 -17.62
C ASP B 281 -9.39 -28.46 -17.26
N LYS B 282 -9.75 -28.82 -16.02
CA LYS B 282 -9.51 -30.19 -15.55
C LYS B 282 -10.29 -31.23 -16.33
N HIS B 283 -11.23 -30.78 -17.16
CA HIS B 283 -11.92 -31.69 -18.08
C HIS B 283 -11.14 -31.81 -19.39
N ASN B 284 -11.32 -30.80 -20.24
CA ASN B 284 -10.67 -30.77 -21.55
C ASN B 284 -9.19 -30.40 -21.44
N ALA B 285 -8.39 -31.31 -20.90
CA ALA B 285 -6.95 -31.09 -20.72
C ALA B 285 -6.13 -32.32 -21.04
N SER B 286 -5.05 -32.14 -21.79
CA SER B 286 -4.13 -33.22 -22.08
C SER B 286 -2.84 -32.93 -21.35
N VAL B 287 -2.81 -33.29 -20.08
CA VAL B 287 -1.62 -33.10 -19.27
C VAL B 287 -0.34 -33.41 -20.06
N GLU B 288 -0.31 -34.53 -20.76
CA GLU B 288 0.88 -34.96 -21.49
C GLU B 288 1.20 -34.12 -22.71
N LYS B 289 0.18 -33.83 -23.53
CA LYS B 289 0.43 -33.03 -24.73
C LYS B 289 1.04 -31.69 -24.31
N SER B 290 0.55 -31.16 -23.19
CA SER B 290 0.98 -29.86 -22.70
C SER B 290 2.43 -29.92 -22.25
N GLN B 291 2.77 -30.90 -21.42
CA GLN B 291 4.16 -31.12 -21.01
C GLN B 291 5.08 -31.25 -22.21
N VAL B 292 4.67 -32.04 -23.19
CA VAL B 292 5.46 -32.17 -24.42
C VAL B 292 5.48 -30.83 -25.18
N GLY B 293 4.36 -30.11 -25.11
CA GLY B 293 4.26 -28.83 -25.77
C GLY B 293 5.22 -27.88 -25.10
N PHE B 294 5.22 -27.92 -23.77
CA PHE B 294 6.03 -27.02 -22.95
C PHE B 294 7.52 -27.30 -23.12
N ILE B 295 7.88 -28.58 -23.15
CA ILE B 295 9.27 -28.93 -23.42
C ILE B 295 9.71 -28.46 -24.82
N ASP B 296 8.88 -28.70 -25.83
CA ASP B 296 9.30 -28.39 -27.19
C ASP B 296 9.52 -26.90 -27.45
N TYR B 297 8.61 -26.07 -26.94
CA TYR B 297 8.64 -24.64 -27.26
C TYR B 297 9.36 -23.81 -26.22
N ILE B 298 9.34 -24.23 -24.97
CA ILE B 298 9.91 -23.42 -23.91
C ILE B 298 11.17 -24.01 -23.29
N VAL B 299 11.04 -25.17 -22.66
CA VAL B 299 12.11 -25.73 -21.86
C VAL B 299 13.31 -26.20 -22.67
N HIS B 300 13.07 -26.96 -23.73
CA HIS B 300 14.20 -27.49 -24.49
C HIS B 300 14.99 -26.39 -25.19
N PRO B 301 14.31 -25.49 -25.90
CA PRO B 301 15.06 -24.38 -26.51
C PRO B 301 15.91 -23.65 -25.47
N LEU B 302 15.38 -23.56 -24.26
CA LEU B 302 16.05 -22.83 -23.21
C LEU B 302 17.30 -23.56 -22.80
N TRP B 303 17.11 -24.78 -22.32
CA TRP B 303 18.19 -25.59 -21.80
C TRP B 303 19.24 -25.94 -22.84
N GLU B 304 18.79 -26.12 -24.07
CA GLU B 304 19.71 -26.34 -25.17
C GLU B 304 20.69 -25.18 -25.22
N THR B 305 20.16 -23.97 -25.17
CA THR B 305 20.97 -22.78 -25.29
C THR B 305 21.86 -22.58 -24.08
N TRP B 306 21.38 -23.00 -22.92
CA TRP B 306 22.18 -22.89 -21.71
C TRP B 306 23.29 -23.95 -21.77
N ALA B 307 22.89 -25.17 -22.10
CA ALA B 307 23.85 -26.24 -22.34
C ALA B 307 24.94 -25.75 -23.29
N ASP B 308 24.56 -25.10 -24.39
CA ASP B 308 25.55 -24.50 -25.28
C ASP B 308 26.51 -23.64 -24.47
N LEU B 309 25.95 -22.67 -23.76
CA LEU B 309 26.76 -21.75 -22.98
C LEU B 309 27.75 -22.44 -22.07
N VAL B 310 27.27 -23.40 -21.27
CA VAL B 310 28.13 -24.07 -20.30
C VAL B 310 28.58 -25.44 -20.81
N HIS B 311 28.66 -25.57 -22.13
CA HIS B 311 29.04 -26.83 -22.72
C HIS B 311 30.39 -27.28 -22.17
N PRO B 312 30.49 -28.57 -21.82
CA PRO B 312 29.45 -29.56 -22.01
C PRO B 312 28.82 -30.01 -20.69
N ASP B 313 28.70 -29.11 -19.73
CA ASP B 313 28.37 -29.52 -18.36
C ASP B 313 26.92 -29.92 -18.18
N ALA B 314 26.04 -29.39 -19.01
CA ALA B 314 24.62 -29.62 -18.82
C ALA B 314 24.12 -30.84 -19.60
N GLN B 315 25.07 -31.61 -20.13
CA GLN B 315 24.76 -32.67 -21.07
C GLN B 315 23.80 -33.74 -20.55
N ASP B 316 24.01 -34.20 -19.31
CA ASP B 316 23.14 -35.21 -18.74
C ASP B 316 21.78 -34.57 -18.56
N ILE B 317 21.81 -33.27 -18.27
CA ILE B 317 20.61 -32.49 -18.02
C ILE B 317 19.81 -32.36 -19.30
N LEU B 318 20.51 -32.09 -20.40
CA LEU B 318 19.84 -31.99 -21.68
C LEU B 318 19.26 -33.35 -22.01
N ASP B 319 20.06 -34.39 -21.78
CA ASP B 319 19.68 -35.76 -22.16
C ASP B 319 18.51 -36.26 -21.34
N THR B 320 18.56 -36.01 -20.04
CA THR B 320 17.47 -36.36 -19.17
C THR B 320 16.21 -35.63 -19.61
N LEU B 321 16.38 -34.39 -20.04
CA LEU B 321 15.28 -33.59 -20.56
C LEU B 321 14.68 -34.27 -21.77
N GLU B 322 15.55 -34.82 -22.61
CA GLU B 322 15.12 -35.40 -23.87
C GLU B 322 14.47 -36.76 -23.65
N ASP B 323 14.93 -37.50 -22.66
CA ASP B 323 14.29 -38.75 -22.28
C ASP B 323 12.92 -38.45 -21.66
N ASN B 324 12.94 -37.60 -20.66
CA ASN B 324 11.70 -37.19 -20.00
C ASN B 324 10.67 -36.76 -21.03
N ARG B 325 11.13 -35.99 -22.00
CA ARG B 325 10.27 -35.54 -23.09
C ARG B 325 9.71 -36.74 -23.87
N GLU B 326 10.57 -37.73 -24.13
CA GLU B 326 10.16 -38.93 -24.85
C GLU B 326 9.17 -39.73 -24.04
N TRP B 327 9.39 -39.80 -22.73
CA TRP B 327 8.52 -40.59 -21.87
C TRP B 327 7.10 -40.05 -21.79
N TYR B 328 6.97 -38.72 -21.79
CA TYR B 328 5.68 -38.11 -21.72
C TYR B 328 4.95 -38.26 -23.05
N GLN B 329 5.72 -38.12 -24.12
CA GLN B 329 5.16 -38.27 -25.46
C GLN B 329 4.53 -39.65 -25.60
N SER B 330 5.21 -40.67 -25.10
CA SER B 330 4.73 -42.04 -25.24
C SER B 330 3.45 -42.22 -24.42
N THR B 331 3.16 -41.23 -23.59
CA THR B 331 1.99 -41.28 -22.72
C THR B 331 0.74 -40.64 -23.36
N ILE B 332 0.93 -39.99 -24.50
CA ILE B 332 -0.14 -39.28 -25.19
C ILE B 332 -0.95 -40.15 -26.17
N PRO B 333 -2.26 -40.28 -25.94
CA PRO B 333 -3.13 -41.07 -26.82
C PRO B 333 -3.06 -40.58 -28.27
N GLN B 334 -3.40 -41.47 -29.20
CA GLN B 334 -3.52 -41.12 -30.61
C GLN B 334 -2.29 -40.38 -31.13
N THR C 8 27.31 38.61 5.42
CA THR C 8 26.01 37.96 5.28
C THR C 8 25.04 38.40 6.39
N GLU C 9 24.01 39.14 5.99
CA GLU C 9 23.03 39.68 6.93
C GLU C 9 21.95 38.66 7.27
N GLN C 10 21.53 37.91 6.26
CA GLN C 10 20.47 36.92 6.45
C GLN C 10 20.91 35.90 7.49
N GLU C 11 22.06 35.29 7.26
CA GLU C 11 22.59 34.30 8.20
C GLU C 11 22.60 34.88 9.62
N ASP C 12 23.03 36.12 9.75
CA ASP C 12 23.09 36.73 11.08
C ASP C 12 21.71 36.79 11.69
N VAL C 13 20.78 37.39 10.95
CA VAL C 13 19.41 37.59 11.43
C VAL C 13 18.73 36.25 11.74
N LEU C 14 19.00 35.22 10.94
CA LEU C 14 18.50 33.89 11.25
C LEU C 14 18.93 33.47 12.65
N ALA C 15 20.23 33.34 12.85
CA ALA C 15 20.77 32.93 14.14
C ALA C 15 20.33 33.87 15.24
N LYS C 16 20.10 35.12 14.87
CA LYS C 16 19.62 36.11 15.82
C LYS C 16 18.22 35.72 16.27
N GLU C 17 17.38 35.38 15.31
CA GLU C 17 16.01 34.97 15.58
C GLU C 17 15.96 33.62 16.30
N LEU C 18 16.87 32.72 15.93
CA LEU C 18 16.92 31.40 16.56
C LEU C 18 17.37 31.49 18.00
N GLU C 19 18.07 32.56 18.35
CA GLU C 19 18.43 32.81 19.74
C GLU C 19 17.19 32.71 20.63
N ASP C 20 16.03 33.02 20.04
CA ASP C 20 14.77 33.04 20.77
C ASP C 20 14.18 31.64 20.87
N VAL C 21 14.99 30.63 20.59
CA VAL C 21 14.45 29.27 20.50
C VAL C 21 13.74 28.78 21.76
N ASN C 22 14.18 29.20 22.94
CA ASN C 22 13.56 28.73 24.18
C ASN C 22 12.42 29.60 24.64
N LYS C 23 12.00 30.55 23.81
CA LYS C 23 10.96 31.48 24.22
C LYS C 23 9.63 31.24 23.51
N TRP C 24 8.58 31.14 24.31
CA TRP C 24 7.23 31.25 23.79
C TRP C 24 7.19 32.57 23.08
N GLY C 25 6.90 32.56 21.79
CA GLY C 25 6.85 33.79 21.03
C GLY C 25 7.87 33.88 19.89
N LEU C 26 8.56 32.77 19.64
CA LEU C 26 9.48 32.71 18.51
C LEU C 26 8.83 33.25 17.26
N HIS C 27 9.57 34.08 16.52
CA HIS C 27 9.09 34.64 15.26
C HIS C 27 9.23 33.60 14.15
N VAL C 28 8.50 32.51 14.30
CA VAL C 28 8.69 31.35 13.45
C VAL C 28 8.41 31.63 11.98
N PHE C 29 7.55 32.60 11.69
CA PHE C 29 7.27 32.95 10.30
C PHE C 29 8.45 33.70 9.69
N ARG C 30 9.10 34.55 10.48
CA ARG C 30 10.29 35.27 10.05
C ARG C 30 11.43 34.26 9.82
N ILE C 31 11.61 33.35 10.76
CA ILE C 31 12.60 32.30 10.62
C ILE C 31 12.39 31.54 9.31
N ALA C 32 11.13 31.30 8.98
CA ALA C 32 10.77 30.68 7.72
C ALA C 32 11.29 31.47 6.53
N GLU C 33 11.13 32.79 6.59
CA GLU C 33 11.55 33.65 5.49
C GLU C 33 13.05 33.61 5.32
N LEU C 34 13.76 33.79 6.44
CA LEU C 34 15.22 33.88 6.45
C LEU C 34 15.90 32.62 5.95
N SER C 35 15.38 31.48 6.41
CA SER C 35 15.96 30.17 6.13
C SER C 35 15.54 29.59 4.79
N GLY C 36 14.75 30.34 4.03
CA GLY C 36 14.29 29.90 2.73
C GLY C 36 13.28 28.77 2.83
N ASN C 37 12.22 29.01 3.59
CA ASN C 37 11.20 28.00 3.85
C ASN C 37 11.76 26.69 4.40
N ARG C 38 12.62 26.80 5.40
CA ARG C 38 13.20 25.64 6.05
C ARG C 38 13.18 25.76 7.58
N PRO C 39 12.10 26.33 8.14
CA PRO C 39 12.06 26.53 9.58
C PRO C 39 12.14 25.23 10.37
N LEU C 40 11.61 24.15 9.81
CA LEU C 40 11.52 22.89 10.54
C LEU C 40 12.91 22.35 10.73
N THR C 41 13.73 22.48 9.70
CA THR C 41 15.11 22.06 9.78
C THR C 41 15.96 22.88 10.75
N VAL C 42 15.95 24.20 10.58
CA VAL C 42 16.83 25.03 11.39
C VAL C 42 16.35 25.06 12.84
N ILE C 43 15.04 25.03 13.04
CA ILE C 43 14.49 24.98 14.40
C ILE C 43 14.69 23.60 15.06
N MET C 44 14.47 22.54 14.29
CA MET C 44 14.71 21.19 14.80
C MET C 44 16.17 21.03 15.15
N HIS C 45 17.04 21.57 14.30
CA HIS C 45 18.46 21.40 14.49
C HIS C 45 18.93 22.18 15.72
N THR C 46 18.52 23.44 15.79
CA THR C 46 18.85 24.29 16.93
C THR C 46 18.46 23.61 18.23
N ILE C 47 17.25 23.06 18.27
CA ILE C 47 16.73 22.49 19.50
C ILE C 47 17.47 21.22 19.86
N PHE C 48 17.88 20.46 18.84
CA PHE C 48 18.64 19.24 19.08
C PHE C 48 20.00 19.56 19.71
N GLN C 49 20.65 20.59 19.20
CA GLN C 49 21.85 21.12 19.84
C GLN C 49 21.51 21.63 21.24
N GLU C 50 20.40 22.36 21.35
CA GLU C 50 20.04 23.00 22.60
C GLU C 50 19.81 21.97 23.71
N ARG C 51 19.56 20.73 23.32
CA ARG C 51 19.35 19.65 24.27
C ARG C 51 20.39 18.57 24.08
N ASP C 52 21.46 18.91 23.38
CA ASP C 52 22.58 17.99 23.20
C ASP C 52 22.05 16.63 22.77
N LEU C 53 20.95 16.64 22.01
CA LEU C 53 20.34 15.41 21.51
C LEU C 53 21.29 14.64 20.57
N LEU C 54 21.98 15.36 19.70
CA LEU C 54 22.91 14.70 18.80
C LEU C 54 23.94 13.89 19.60
N LYS C 55 24.54 14.54 20.59
CA LYS C 55 25.44 13.88 21.52
C LYS C 55 24.74 12.73 22.27
N THR C 56 23.75 13.05 23.08
CA THR C 56 23.03 12.03 23.84
C THR C 56 22.72 10.77 23.03
N PHE C 57 22.32 10.94 21.78
CA PHE C 57 21.89 9.82 20.95
C PHE C 57 22.80 9.57 19.74
N LYS C 58 24.02 10.06 19.83
CA LYS C 58 25.02 9.88 18.76
C LYS C 58 24.36 10.01 17.40
N ILE C 59 23.61 11.09 17.21
CA ILE C 59 23.05 11.36 15.90
C ILE C 59 24.08 12.05 15.00
N PRO C 60 24.48 11.39 13.93
CA PRO C 60 25.36 12.08 12.98
C PRO C 60 24.66 13.34 12.47
N VAL C 61 25.43 14.36 12.12
CA VAL C 61 24.83 15.64 11.79
C VAL C 61 24.32 15.69 10.35
N ASP C 62 25.08 15.10 9.43
CA ASP C 62 24.63 14.99 8.05
C ASP C 62 23.29 14.27 8.04
N THR C 63 23.16 13.30 8.94
CA THR C 63 21.99 12.45 9.00
C THR C 63 20.78 13.24 9.50
N LEU C 64 20.95 13.94 10.62
CA LEU C 64 19.88 14.78 11.13
C LEU C 64 19.43 15.71 10.04
N ILE C 65 20.40 16.41 9.45
CA ILE C 65 20.14 17.39 8.42
C ILE C 65 19.46 16.77 7.19
N THR C 66 19.91 15.60 6.75
CA THR C 66 19.29 14.96 5.61
C THR C 66 17.89 14.49 5.93
N TYR C 67 17.72 13.79 7.05
CA TYR C 67 16.38 13.49 7.52
C TYR C 67 15.52 14.74 7.67
N LEU C 68 16.06 15.80 8.26
CA LEU C 68 15.27 17.00 8.48
C LEU C 68 14.86 17.66 7.16
N MET C 69 15.77 17.72 6.21
CA MET C 69 15.46 18.28 4.89
C MET C 69 14.37 17.44 4.25
N THR C 70 14.53 16.13 4.31
CA THR C 70 13.58 15.22 3.71
C THR C 70 12.20 15.39 4.33
N LEU C 71 12.17 15.42 5.66
CA LEU C 71 10.92 15.53 6.40
C LEU C 71 10.17 16.81 6.05
N GLU C 72 10.85 17.94 6.09
CA GLU C 72 10.26 19.21 5.72
C GLU C 72 9.67 19.20 4.30
N ASP C 73 10.33 18.51 3.38
CA ASP C 73 9.89 18.48 1.98
C ASP C 73 8.62 17.68 1.82
N HIS C 74 8.33 16.86 2.82
CA HIS C 74 7.09 16.12 2.82
C HIS C 74 5.95 16.84 3.51
N TYR C 75 6.20 18.08 3.93
CA TYR C 75 5.10 18.96 4.24
C TYR C 75 4.83 19.74 2.98
N HIS C 76 3.62 20.26 2.82
CA HIS C 76 3.24 20.91 1.58
C HIS C 76 3.24 22.41 1.67
N ALA C 77 4.09 23.04 0.87
CA ALA C 77 4.18 24.49 0.81
C ALA C 77 2.84 25.15 0.45
N ASP C 78 2.01 24.43 -0.31
CA ASP C 78 0.74 24.96 -0.80
C ASP C 78 -0.41 24.81 0.19
N VAL C 79 -0.16 24.15 1.31
CA VAL C 79 -1.19 23.98 2.33
C VAL C 79 -0.99 25.11 3.35
N ALA C 80 -2.02 25.94 3.50
CA ALA C 80 -1.86 27.20 4.20
C ALA C 80 -1.50 27.00 5.67
N TYR C 81 -2.15 26.06 6.32
CA TYR C 81 -1.91 25.84 7.74
C TYR C 81 -1.06 24.60 8.08
N HIS C 82 -1.47 23.43 7.62
CA HIS C 82 -0.76 22.21 8.05
C HIS C 82 0.52 21.97 7.26
N ASN C 83 1.44 22.91 7.37
CA ASN C 83 2.70 22.86 6.62
C ASN C 83 3.88 22.77 7.56
N ASN C 84 5.08 22.92 6.99
CA ASN C 84 6.32 22.81 7.75
C ASN C 84 6.51 23.89 8.82
N ILE C 85 5.88 25.04 8.65
CA ILE C 85 5.97 26.07 9.66
C ILE C 85 5.12 25.69 10.86
N HIS C 86 3.95 25.13 10.57
CA HIS C 86 3.10 24.62 11.64
C HIS C 86 3.88 23.57 12.42
N ALA C 87 4.50 22.64 11.70
CA ALA C 87 5.37 21.64 12.33
C ALA C 87 6.46 22.30 13.17
N ALA C 88 7.21 23.22 12.56
CA ALA C 88 8.32 23.89 13.22
C ALA C 88 7.83 24.51 14.51
N ASP C 89 6.65 25.09 14.43
CA ASP C 89 6.01 25.75 15.55
C ASP C 89 5.72 24.76 16.67
N VAL C 90 5.05 23.67 16.32
CA VAL C 90 4.71 22.67 17.32
C VAL C 90 5.98 22.11 17.96
N VAL C 91 7.01 21.89 17.17
CA VAL C 91 8.31 21.48 17.70
C VAL C 91 8.78 22.43 18.79
N GLN C 92 8.91 23.70 18.42
CA GLN C 92 9.45 24.70 19.32
C GLN C 92 8.56 24.96 20.54
N SER C 93 7.25 24.88 20.34
CA SER C 93 6.32 25.03 21.46
C SER C 93 6.34 23.83 22.39
N THR C 94 6.62 22.65 21.84
CA THR C 94 6.76 21.48 22.67
C THR C 94 8.07 21.60 23.42
N HIS C 95 9.08 22.11 22.73
CA HIS C 95 10.40 22.32 23.30
C HIS C 95 10.33 23.22 24.53
N VAL C 96 9.52 24.27 24.43
CA VAL C 96 9.36 25.20 25.54
C VAL C 96 8.53 24.60 26.65
N LEU C 97 7.53 23.80 26.30
CA LEU C 97 6.65 23.17 27.28
C LEU C 97 7.38 22.10 28.08
N LEU C 98 8.29 21.37 27.43
CA LEU C 98 9.18 20.44 28.13
C LEU C 98 10.06 21.15 29.17
N SER C 99 10.50 22.38 28.84
CA SER C 99 11.30 23.16 29.78
C SER C 99 10.52 23.68 30.97
N THR C 100 9.22 23.41 31.06
CA THR C 100 8.47 23.95 32.18
C THR C 100 9.13 23.51 33.50
N PRO C 101 9.26 24.46 34.45
CA PRO C 101 9.86 24.26 35.77
C PRO C 101 9.21 23.10 36.54
N ALA C 102 7.88 23.03 36.47
CA ALA C 102 7.11 21.96 37.10
C ALA C 102 7.54 20.56 36.62
N LEU C 103 8.12 20.50 35.43
CA LEU C 103 8.47 19.22 34.83
C LEU C 103 9.99 19.01 34.81
N GLU C 104 10.71 19.93 35.42
CA GLU C 104 12.16 19.81 35.42
C GLU C 104 12.64 18.44 35.92
N ALA C 105 13.59 17.88 35.19
CA ALA C 105 14.13 16.57 35.51
C ALA C 105 13.07 15.47 35.53
N VAL C 106 11.83 15.79 35.13
CA VAL C 106 10.79 14.75 35.12
C VAL C 106 10.94 13.74 33.99
N PHE C 107 11.28 14.21 32.80
CA PHE C 107 11.37 13.28 31.68
C PHE C 107 12.80 12.91 31.35
N THR C 108 12.95 11.68 30.88
CA THR C 108 14.21 11.15 30.40
C THR C 108 14.53 11.68 29.01
N ASP C 109 15.79 11.55 28.59
CA ASP C 109 16.19 12.00 27.25
C ASP C 109 15.36 11.35 26.14
N LEU C 110 15.24 10.03 26.17
CA LEU C 110 14.43 9.28 25.20
C LEU C 110 13.00 9.81 25.14
N GLU C 111 12.41 10.09 26.29
CA GLU C 111 11.09 10.73 26.33
C GLU C 111 11.11 12.12 25.71
N ILE C 112 12.18 12.87 25.93
CA ILE C 112 12.31 14.20 25.36
C ILE C 112 12.42 14.10 23.84
N LEU C 113 13.22 13.16 23.36
CA LEU C 113 13.38 12.92 21.94
C LEU C 113 12.02 12.59 21.29
N ALA C 114 11.27 11.71 21.93
CA ALA C 114 10.00 11.24 21.39
C ALA C 114 9.00 12.39 21.28
N ALA C 115 8.85 13.17 22.34
CA ALA C 115 7.94 14.32 22.29
C ALA C 115 8.32 15.28 21.16
N ILE C 116 9.62 15.54 21.04
CA ILE C 116 10.11 16.48 20.03
C ILE C 116 10.02 15.90 18.62
N PHE C 117 10.41 14.65 18.48
CA PHE C 117 10.33 14.00 17.17
C PHE C 117 8.87 13.84 16.77
N ALA C 118 8.00 13.52 17.72
CA ALA C 118 6.58 13.39 17.44
C ALA C 118 6.00 14.69 16.89
N SER C 119 6.43 15.80 17.48
CA SER C 119 5.92 17.09 17.08
C SER C 119 6.34 17.42 15.65
N ALA C 120 7.56 17.04 15.29
CA ALA C 120 8.16 17.32 13.98
C ALA C 120 7.42 16.63 12.85
N ILE C 121 6.98 15.41 13.11
CA ILE C 121 6.39 14.58 12.07
C ILE C 121 4.89 14.50 12.23
N HIS C 122 4.34 15.24 13.19
CA HIS C 122 2.96 15.01 13.61
C HIS C 122 1.91 15.36 12.56
N ASP C 123 2.30 16.13 11.55
CA ASP C 123 1.38 16.54 10.51
C ASP C 123 1.97 16.38 9.14
N VAL C 124 2.97 15.52 8.99
CA VAL C 124 3.66 15.41 7.72
C VAL C 124 2.77 14.83 6.61
N ASP C 125 3.05 15.27 5.38
CA ASP C 125 2.26 14.91 4.22
C ASP C 125 0.75 15.20 4.39
N HIS C 126 0.44 16.23 5.16
CA HIS C 126 -0.94 16.62 5.41
C HIS C 126 -1.49 17.31 4.16
N PRO C 127 -2.66 16.87 3.68
CA PRO C 127 -3.26 17.33 2.42
C PRO C 127 -4.08 18.61 2.58
N GLY C 128 -4.30 19.03 3.81
CA GLY C 128 -5.02 20.27 4.04
C GLY C 128 -6.51 20.04 4.00
N VAL C 129 -6.92 18.80 4.22
CA VAL C 129 -8.32 18.46 4.45
C VAL C 129 -8.41 17.57 5.66
N SER C 130 -9.60 17.49 6.23
CA SER C 130 -9.86 16.74 7.46
C SER C 130 -10.02 15.24 7.25
N ASN C 131 -9.98 14.49 8.34
CA ASN C 131 -10.22 13.06 8.29
C ASN C 131 -11.57 12.78 7.68
N GLN C 132 -12.59 13.48 8.14
CA GLN C 132 -13.92 13.21 7.61
C GLN C 132 -13.94 13.33 6.11
N PHE C 133 -13.17 14.27 5.57
CA PHE C 133 -13.13 14.52 4.12
C PHE C 133 -12.52 13.34 3.39
N LEU C 134 -11.44 12.81 3.94
CA LEU C 134 -10.80 11.61 3.41
C LEU C 134 -11.69 10.37 3.54
N ILE C 135 -12.61 10.42 4.50
CA ILE C 135 -13.56 9.34 4.74
C ILE C 135 -14.72 9.44 3.74
N ASN C 136 -15.31 10.63 3.63
CA ASN C 136 -16.35 10.88 2.64
C ASN C 136 -15.92 10.67 1.18
N THR C 137 -14.62 10.68 0.90
CA THR C 137 -14.18 10.45 -0.46
C THR C 137 -13.78 9.00 -0.73
N ASN C 138 -13.81 8.16 0.30
CA ASN C 138 -13.37 6.78 0.21
C ASN C 138 -11.90 6.71 -0.20
N SER C 139 -11.06 7.49 0.45
CA SER C 139 -9.66 7.50 0.07
C SER C 139 -8.90 6.23 0.47
N GLU C 140 -7.85 5.95 -0.28
CA GLU C 140 -6.98 4.82 0.00
C GLU C 140 -6.52 4.86 1.46
N LEU C 141 -6.22 6.08 1.91
CA LEU C 141 -5.83 6.30 3.28
C LEU C 141 -6.93 5.90 4.26
N ALA C 142 -8.15 6.33 3.99
CA ALA C 142 -9.27 6.04 4.87
C ALA C 142 -9.64 4.54 4.85
N LEU C 143 -9.47 3.89 3.71
CA LEU C 143 -9.72 2.46 3.61
C LEU C 143 -8.64 1.72 4.41
N MET C 144 -7.40 2.11 4.17
CA MET C 144 -6.22 1.59 4.83
C MET C 144 -6.36 1.54 6.35
N TYR C 145 -6.79 2.67 6.93
CA TYR C 145 -6.81 2.81 8.37
C TYR C 145 -8.20 2.69 8.99
N ASN C 146 -9.17 2.26 8.21
CA ASN C 146 -10.51 2.08 8.73
C ASN C 146 -11.10 3.33 9.38
N ASP C 147 -10.91 4.47 8.73
CA ASP C 147 -11.59 5.71 9.10
C ASP C 147 -11.24 6.19 10.49
N SER C 148 -10.16 5.66 11.06
CA SER C 148 -9.74 6.01 12.41
C SER C 148 -8.42 6.73 12.42
N SER C 149 -8.42 7.97 12.90
CA SER C 149 -7.18 8.77 12.93
C SER C 149 -6.43 8.58 11.61
N VAL C 150 -7.17 8.67 10.51
CA VAL C 150 -6.58 8.47 9.19
C VAL C 150 -5.33 9.32 9.02
N LEU C 151 -5.49 10.63 9.08
CA LEU C 151 -4.36 11.52 8.90
C LEU C 151 -3.25 11.21 9.89
N GLU C 152 -3.61 11.01 11.15
CA GLU C 152 -2.58 10.82 12.18
C GLU C 152 -1.80 9.53 11.98
N ASN C 153 -2.48 8.47 11.55
CA ASN C 153 -1.80 7.23 11.14
C ASN C 153 -0.89 7.44 9.93
N HIS C 154 -1.39 8.18 8.95
CA HIS C 154 -0.57 8.55 7.80
C HIS C 154 0.63 9.37 8.27
N HIS C 155 0.40 10.39 9.10
CA HIS C 155 1.53 11.16 9.58
C HIS C 155 2.64 10.28 10.18
N LEU C 156 2.27 9.25 10.93
CA LEU C 156 3.27 8.39 11.55
C LEU C 156 4.02 7.55 10.53
N ALA C 157 3.28 6.86 9.66
CA ALA C 157 3.91 6.05 8.63
C ALA C 157 4.91 6.89 7.82
N VAL C 158 4.49 8.07 7.37
CA VAL C 158 5.40 8.91 6.62
C VAL C 158 6.56 9.30 7.50
N GLY C 159 6.25 9.76 8.71
CA GLY C 159 7.28 10.20 9.64
C GLY C 159 8.37 9.16 9.83
N PHE C 160 7.98 7.90 10.02
CA PHE C 160 8.92 6.82 10.29
C PHE C 160 9.57 6.35 9.00
N LYS C 161 8.80 6.26 7.94
CA LYS C 161 9.29 5.68 6.71
C LYS C 161 10.43 6.51 6.13
N LEU C 162 10.38 7.82 6.36
CA LEU C 162 11.41 8.72 5.86
C LEU C 162 12.76 8.45 6.54
N LEU C 163 12.73 7.81 7.71
CA LEU C 163 13.97 7.42 8.37
C LEU C 163 14.80 6.45 7.51
N GLN C 164 14.16 5.87 6.51
CA GLN C 164 14.76 4.78 5.75
C GLN C 164 15.36 5.23 4.45
N GLU C 165 15.08 6.45 4.04
CA GLU C 165 15.76 7.00 2.88
C GLU C 165 17.24 7.21 3.19
N GLU C 166 18.02 7.31 2.13
CA GLU C 166 19.48 7.36 2.22
C GLU C 166 19.98 8.37 3.25
N ASN C 167 20.70 7.85 4.24
CA ASN C 167 21.30 8.68 5.28
C ASN C 167 20.27 9.49 6.06
N CYS C 168 19.17 8.83 6.39
CA CYS C 168 18.09 9.51 7.09
C CYS C 168 17.78 8.89 8.45
N ASP C 169 18.40 7.78 8.78
CA ASP C 169 18.13 7.17 10.07
C ASP C 169 18.83 7.89 11.23
N ILE C 170 18.18 8.90 11.78
CA ILE C 170 18.79 9.69 12.83
C ILE C 170 18.82 8.91 14.14
N PHE C 171 18.21 7.73 14.13
CA PHE C 171 18.21 6.88 15.32
C PHE C 171 19.05 5.63 15.08
N GLN C 172 19.88 5.66 14.04
CA GLN C 172 20.73 4.50 13.71
C GLN C 172 21.62 4.02 14.87
N ASN C 173 21.93 4.90 15.80
CA ASN C 173 22.78 4.53 16.93
C ASN C 173 21.98 4.33 18.20
N LEU C 174 20.65 4.32 18.09
CA LEU C 174 19.82 3.88 19.20
C LEU C 174 19.83 2.36 19.20
N THR C 175 19.67 1.78 20.38
CA THR C 175 19.59 0.33 20.52
C THR C 175 18.17 -0.09 20.25
N LYS C 176 17.97 -1.30 19.74
CA LYS C 176 16.61 -1.80 19.52
C LYS C 176 15.65 -1.37 20.64
N LYS C 177 15.98 -1.69 21.87
CA LYS C 177 15.15 -1.27 23.01
C LYS C 177 14.76 0.23 23.00
N GLN C 178 15.73 1.12 22.79
CA GLN C 178 15.41 2.55 22.71
C GLN C 178 14.48 2.81 21.53
N ARG C 179 14.84 2.26 20.38
CA ARG C 179 14.06 2.40 19.16
C ARG C 179 12.63 1.94 19.40
N GLN C 180 12.48 0.74 19.94
CA GLN C 180 11.17 0.18 20.18
C GLN C 180 10.39 1.07 21.13
N SER C 181 11.08 1.68 22.07
CA SER C 181 10.41 2.47 23.08
C SER C 181 10.01 3.84 22.53
N LEU C 182 10.95 4.44 21.79
CA LEU C 182 10.69 5.68 21.10
C LEU C 182 9.50 5.51 20.15
N ARG C 183 9.51 4.43 19.37
CA ARG C 183 8.42 4.20 18.41
C ARG C 183 7.03 4.24 19.09
N LYS C 184 6.88 3.52 20.19
CA LYS C 184 5.60 3.48 20.87
C LYS C 184 5.20 4.86 21.36
N MET C 185 6.17 5.56 21.93
CA MET C 185 5.87 6.84 22.54
C MET C 185 5.41 7.84 21.50
N VAL C 186 6.12 7.86 20.38
CA VAL C 186 5.77 8.76 19.29
C VAL C 186 4.41 8.40 18.67
N ILE C 187 4.17 7.11 18.46
CA ILE C 187 2.84 6.68 18.00
C ILE C 187 1.78 7.28 18.93
N ASP C 188 1.96 7.11 20.23
CA ASP C 188 0.96 7.52 21.21
C ASP C 188 0.76 9.02 21.20
N ILE C 189 1.85 9.74 20.97
CA ILE C 189 1.77 11.19 20.97
C ILE C 189 1.08 11.70 19.73
N VAL C 190 1.52 11.25 18.55
CA VAL C 190 0.88 11.67 17.32
C VAL C 190 -0.57 11.20 17.21
N LEU C 191 -0.90 10.05 17.77
CA LEU C 191 -2.28 9.58 17.67
C LEU C 191 -3.19 10.45 18.53
N ALA C 192 -2.62 11.05 19.55
CA ALA C 192 -3.39 11.87 20.48
C ALA C 192 -3.64 13.28 19.93
N THR C 193 -2.95 13.62 18.83
CA THR C 193 -3.13 14.92 18.19
C THR C 193 -4.38 14.91 17.34
N ASP C 194 -5.01 13.74 17.25
CA ASP C 194 -6.30 13.63 16.59
C ASP C 194 -7.39 14.39 17.36
N MET C 195 -7.90 15.44 16.75
CA MET C 195 -8.86 16.33 17.40
C MET C 195 -10.07 15.63 18.00
N SER C 196 -10.54 14.59 17.32
CA SER C 196 -11.65 13.81 17.84
C SER C 196 -11.29 13.11 19.14
N LYS C 197 -10.05 13.24 19.60
CA LYS C 197 -9.67 12.68 20.91
C LYS C 197 -9.47 13.76 21.98
N HIS C 198 -9.86 14.98 21.65
CA HIS C 198 -9.63 16.08 22.56
C HIS C 198 -10.23 15.86 23.94
N MET C 199 -11.55 15.68 24.01
CA MET C 199 -12.27 15.52 25.28
C MET C 199 -11.71 14.41 26.14
N ASN C 200 -11.46 13.26 25.53
CA ASN C 200 -10.85 12.15 26.25
C ASN C 200 -9.53 12.55 26.88
N LEU C 201 -8.70 13.24 26.10
CA LEU C 201 -7.38 13.69 26.57
C LEU C 201 -7.52 14.65 27.75
N LEU C 202 -8.29 15.72 27.52
CA LEU C 202 -8.57 16.70 28.56
C LEU C 202 -9.11 16.02 29.81
N ALA C 203 -10.20 15.28 29.68
CA ALA C 203 -10.76 14.58 30.82
C ALA C 203 -9.67 13.89 31.65
N ASP C 204 -8.83 13.11 30.98
CA ASP C 204 -7.73 12.47 31.68
C ASP C 204 -6.82 13.50 32.32
N LEU C 205 -6.59 14.61 31.61
CA LEU C 205 -5.72 15.67 32.10
C LEU C 205 -6.28 16.27 33.39
N LYS C 206 -7.58 16.54 33.38
CA LYS C 206 -8.28 17.09 34.54
C LYS C 206 -8.16 16.12 35.71
N THR C 207 -8.26 14.84 35.40
CA THR C 207 -8.18 13.80 36.41
C THR C 207 -6.78 13.76 36.97
N MET C 208 -5.81 14.00 36.11
CA MET C 208 -4.42 14.05 36.51
C MET C 208 -4.19 15.25 37.43
N VAL C 209 -4.89 16.34 37.15
CA VAL C 209 -4.82 17.53 37.98
C VAL C 209 -5.37 17.22 39.36
N GLU C 210 -6.51 16.56 39.39
CA GLU C 210 -7.15 16.17 40.64
C GLU C 210 -6.19 15.39 41.53
N THR C 211 -5.70 14.27 41.03
CA THR C 211 -4.88 13.36 41.81
C THR C 211 -3.42 13.77 41.74
N LYS C 212 -3.19 15.05 41.50
CA LYS C 212 -1.84 15.58 41.35
C LYS C 212 -0.91 15.13 42.47
N LYS C 213 0.32 14.80 42.11
CA LYS C 213 1.35 14.46 43.09
C LYS C 213 2.60 15.27 42.79
N VAL C 214 3.32 15.69 43.84
CA VAL C 214 4.62 16.32 43.65
C VAL C 214 5.72 15.61 44.46
N THR C 215 6.97 15.82 44.07
CA THR C 215 8.10 15.27 44.79
C THR C 215 8.58 16.29 45.82
N SER C 216 9.49 15.87 46.69
CA SER C 216 10.04 16.77 47.69
C SER C 216 10.63 18.03 47.04
N SER C 217 11.23 17.86 45.87
CA SER C 217 11.79 18.99 45.14
C SER C 217 10.71 19.76 44.35
N GLY C 218 9.45 19.56 44.72
CA GLY C 218 8.35 20.37 44.22
C GLY C 218 8.07 20.25 42.74
N VAL C 219 8.31 19.07 42.19
CA VAL C 219 8.09 18.84 40.77
C VAL C 219 7.09 17.69 40.53
N LEU C 220 6.39 17.73 39.41
CA LEU C 220 5.40 16.71 39.07
C LEU C 220 5.90 15.28 39.23
N LEU C 221 5.14 14.47 39.94
CA LEU C 221 5.48 13.07 40.14
C LEU C 221 4.68 12.20 39.20
N LEU C 222 5.37 11.57 38.26
CA LEU C 222 4.74 10.74 37.23
C LEU C 222 5.37 9.36 37.21
N ASP C 223 4.77 8.43 37.95
CA ASP C 223 5.41 7.15 38.21
C ASP C 223 5.21 6.13 37.09
N ASN C 224 3.96 5.91 36.72
CA ASN C 224 3.64 4.93 35.67
C ASN C 224 3.69 5.49 34.25
N TYR C 225 4.13 4.66 33.30
CA TYR C 225 4.14 5.02 31.88
C TYR C 225 2.86 5.78 31.47
N SER C 226 1.72 5.26 31.89
CA SER C 226 0.43 5.84 31.53
C SER C 226 0.34 7.31 31.92
N ASP C 227 0.88 7.65 33.09
CA ASP C 227 0.85 9.02 33.57
C ASP C 227 1.77 9.88 32.72
N ARG C 228 2.94 9.35 32.44
CA ARG C 228 3.95 10.09 31.71
C ARG C 228 3.61 10.32 30.23
N ILE C 229 3.23 9.25 29.54
CA ILE C 229 2.82 9.38 28.15
C ILE C 229 1.65 10.35 28.06
N GLN C 230 0.74 10.23 29.02
CA GLN C 230 -0.46 11.05 29.04
C GLN C 230 -0.12 12.55 29.17
N VAL C 231 0.92 12.86 29.95
CA VAL C 231 1.32 14.26 30.04
C VAL C 231 1.93 14.70 28.70
N LEU C 232 2.67 13.79 28.08
CA LEU C 232 3.27 14.06 26.79
C LEU C 232 2.20 14.26 25.72
N GLN C 233 1.19 13.40 25.70
CA GLN C 233 0.15 13.57 24.70
C GLN C 233 -0.49 14.94 24.82
N ASN C 234 -0.82 15.32 26.06
CA ASN C 234 -1.41 16.61 26.36
C ASN C 234 -0.47 17.79 26.11
N MET C 235 0.81 17.60 26.37
CA MET C 235 1.76 18.65 26.06
C MET C 235 1.80 18.94 24.56
N VAL C 236 1.94 17.91 23.75
CA VAL C 236 2.05 18.09 22.31
C VAL C 236 0.69 18.45 21.72
N HIS C 237 -0.38 18.02 22.39
CA HIS C 237 -1.72 18.47 22.05
C HIS C 237 -1.85 19.95 22.36
N CYS C 238 -1.29 20.39 23.50
CA CYS C 238 -1.24 21.82 23.83
C CYS C 238 -0.36 22.59 22.85
N ALA C 239 0.81 22.05 22.54
CA ALA C 239 1.62 22.63 21.49
C ALA C 239 0.81 22.79 20.21
N ASP C 240 0.05 21.76 19.88
CA ASP C 240 -0.72 21.74 18.66
C ASP C 240 -1.87 22.77 18.69
N LEU C 241 -2.32 23.11 19.89
CA LEU C 241 -3.34 24.15 20.04
C LEU C 241 -2.76 25.38 20.77
N SER C 242 -1.54 25.75 20.43
CA SER C 242 -0.85 26.83 21.12
C SER C 242 -1.00 28.17 20.44
N ASN C 243 -1.56 28.19 19.22
CA ASN C 243 -1.65 29.43 18.45
C ASN C 243 -2.32 30.60 19.23
N PRO C 244 -3.57 30.42 19.66
CA PRO C 244 -4.26 31.55 20.32
C PRO C 244 -3.53 32.06 21.57
N THR C 245 -2.52 31.33 22.04
CA THR C 245 -1.82 31.70 23.27
C THR C 245 -0.49 32.36 22.96
N LYS C 246 -0.27 32.66 21.70
CA LYS C 246 1.00 33.24 21.28
C LYS C 246 0.78 34.72 21.04
N PRO C 247 1.85 35.52 21.17
CA PRO C 247 1.78 36.94 20.80
C PRO C 247 0.86 37.17 19.61
N LEU C 248 -0.05 38.14 19.73
CA LEU C 248 -1.02 38.42 18.69
C LEU C 248 -0.49 38.35 17.24
N GLN C 249 0.69 38.88 16.96
CA GLN C 249 1.12 38.92 15.56
C GLN C 249 1.22 37.51 14.97
N LEU C 250 1.57 36.55 15.82
CA LEU C 250 1.66 35.14 15.43
C LEU C 250 0.27 34.54 15.24
N TYR C 251 -0.56 34.66 16.27
CA TYR C 251 -1.93 34.15 16.27
C TYR C 251 -2.71 34.66 15.08
N ARG C 252 -2.46 35.90 14.65
CA ARG C 252 -3.15 36.44 13.49
C ARG C 252 -2.88 35.64 12.21
N GLN C 253 -1.61 35.48 11.87
CA GLN C 253 -1.25 34.70 10.68
C GLN C 253 -1.84 33.29 10.75
N TRP C 254 -1.75 32.68 11.94
CA TRP C 254 -2.20 31.31 12.11
C TRP C 254 -3.70 31.18 11.85
N THR C 255 -4.43 32.25 12.13
CA THR C 255 -5.87 32.21 11.90
C THR C 255 -6.18 32.42 10.42
N ASP C 256 -5.48 33.32 9.76
CA ASP C 256 -5.73 33.51 8.33
C ASP C 256 -5.43 32.23 7.59
N ARG C 257 -4.37 31.56 8.04
CA ARG C 257 -3.95 30.34 7.42
C ARG C 257 -4.90 29.19 7.69
N ILE C 258 -5.37 29.05 8.93
CA ILE C 258 -6.28 27.96 9.24
C ILE C 258 -7.62 28.16 8.54
N MET C 259 -8.06 29.42 8.44
CA MET C 259 -9.32 29.72 7.78
C MET C 259 -9.22 29.52 6.28
N GLU C 260 -8.05 29.76 5.71
CA GLU C 260 -7.96 29.56 4.29
C GLU C 260 -7.98 28.09 4.00
N GLU C 261 -7.27 27.34 4.82
CA GLU C 261 -7.25 25.90 4.66
C GLU C 261 -8.69 25.37 4.71
N PHE C 262 -9.45 25.79 5.72
CA PHE C 262 -10.86 25.44 5.83
C PHE C 262 -11.70 25.91 4.64
N PHE C 263 -11.52 27.16 4.24
CA PHE C 263 -12.26 27.65 3.09
C PHE C 263 -11.91 26.87 1.84
N ARG C 264 -10.64 26.50 1.68
CA ARG C 264 -10.25 25.74 0.51
C ARG C 264 -10.82 24.33 0.58
N GLN C 265 -10.94 23.78 1.80
CA GLN C 265 -11.67 22.53 1.94
C GLN C 265 -13.15 22.68 1.56
N GLY C 266 -13.77 23.78 1.99
CA GLY C 266 -15.15 24.02 1.66
C GLY C 266 -15.35 24.06 0.16
N ASP C 267 -14.40 24.70 -0.52
CA ASP C 267 -14.44 24.78 -1.98
C ASP C 267 -14.35 23.37 -2.55
N ARG C 268 -13.36 22.64 -2.04
CA ARG C 268 -13.09 21.28 -2.45
C ARG C 268 -14.31 20.39 -2.23
N GLU C 269 -15.06 20.67 -1.17
CA GLU C 269 -16.26 19.93 -0.86
C GLU C 269 -17.39 20.17 -1.88
N ARG C 270 -17.64 21.43 -2.23
CA ARG C 270 -18.58 21.76 -3.30
C ARG C 270 -18.19 21.15 -4.65
N GLU C 271 -16.93 21.30 -5.05
CA GLU C 271 -16.45 20.76 -6.30
C GLU C 271 -16.74 19.27 -6.45
N ARG C 272 -16.81 18.56 -5.32
CA ARG C 272 -16.91 17.11 -5.31
C ARG C 272 -18.32 16.61 -5.03
N GLY C 273 -19.26 17.54 -4.94
CA GLY C 273 -20.62 17.19 -4.62
C GLY C 273 -20.68 16.49 -3.28
N MET C 274 -19.89 17.00 -2.33
CA MET C 274 -19.89 16.51 -0.97
C MET C 274 -20.81 17.34 -0.10
N GLU C 275 -21.28 16.69 0.96
CA GLU C 275 -21.99 17.32 2.05
C GLU C 275 -21.10 18.45 2.63
N ILE C 276 -21.46 19.71 2.35
CA ILE C 276 -20.62 20.84 2.79
C ILE C 276 -20.64 21.06 4.30
N SER C 277 -19.48 21.47 4.83
CA SER C 277 -19.30 21.66 6.26
C SER C 277 -19.72 23.06 6.71
N PRO C 278 -20.12 23.19 7.98
CA PRO C 278 -20.44 24.47 8.62
C PRO C 278 -19.17 25.19 9.05
N MET C 279 -19.08 26.49 8.76
CA MET C 279 -17.85 27.26 9.03
C MET C 279 -16.73 26.94 8.02
N CYS C 280 -17.10 26.27 6.93
CA CYS C 280 -16.21 26.02 5.80
C CYS C 280 -16.61 26.93 4.64
N ASP C 281 -17.72 27.64 4.79
CA ASP C 281 -18.21 28.55 3.75
C ASP C 281 -17.42 29.84 3.74
N LYS C 282 -16.65 30.07 2.69
CA LYS C 282 -15.81 31.26 2.59
C LYS C 282 -16.63 32.55 2.51
N HIS C 283 -17.95 32.43 2.65
CA HIS C 283 -18.85 33.57 2.51
C HIS C 283 -19.56 33.91 3.83
N ASN C 284 -20.44 33.02 4.27
CA ASN C 284 -21.19 33.26 5.50
C ASN C 284 -20.64 32.50 6.72
N ALA C 285 -19.40 32.81 7.06
CA ALA C 285 -18.78 32.33 8.30
C ALA C 285 -17.95 33.48 8.89
N SER C 286 -17.96 33.60 10.22
CA SER C 286 -17.27 34.71 10.87
C SER C 286 -15.98 34.26 11.57
N VAL C 287 -14.84 34.62 10.99
CA VAL C 287 -13.53 34.19 11.48
C VAL C 287 -13.29 34.54 12.96
N GLU C 288 -13.58 35.79 13.31
CA GLU C 288 -13.42 36.26 14.69
C GLU C 288 -14.30 35.48 15.66
N LYS C 289 -15.58 35.34 15.31
CA LYS C 289 -16.53 34.59 16.13
C LYS C 289 -16.02 33.17 16.44
N SER C 290 -15.48 32.52 15.42
CA SER C 290 -15.01 31.15 15.58
C SER C 290 -13.83 31.08 16.54
N GLN C 291 -12.90 32.02 16.40
CA GLN C 291 -11.76 32.06 17.30
C GLN C 291 -12.20 32.12 18.76
N VAL C 292 -13.05 33.08 19.08
CA VAL C 292 -13.55 33.22 20.44
C VAL C 292 -14.24 31.93 20.86
N GLY C 293 -15.10 31.43 19.98
CA GLY C 293 -15.83 30.20 20.26
C GLY C 293 -14.88 29.04 20.45
N PHE C 294 -13.96 28.89 19.51
CA PHE C 294 -12.96 27.85 19.60
C PHE C 294 -12.20 27.96 20.94
N ILE C 295 -11.72 29.16 21.25
CA ILE C 295 -11.04 29.39 22.53
C ILE C 295 -11.89 28.98 23.74
N ASP C 296 -13.11 29.49 23.79
CA ASP C 296 -14.01 29.24 24.91
C ASP C 296 -14.35 27.77 25.18
N TYR C 297 -14.39 26.94 24.14
CA TYR C 297 -14.86 25.57 24.33
C TYR C 297 -13.73 24.56 24.27
N ILE C 298 -12.62 24.95 23.66
CA ILE C 298 -11.55 24.01 23.46
C ILE C 298 -10.19 24.50 23.94
N VAL C 299 -9.71 25.60 23.38
CA VAL C 299 -8.39 26.08 23.75
C VAL C 299 -8.21 26.48 25.22
N HIS C 300 -9.09 27.34 25.72
CA HIS C 300 -8.98 27.78 27.10
C HIS C 300 -9.14 26.65 28.12
N PRO C 301 -10.16 25.80 27.97
CA PRO C 301 -10.30 24.67 28.90
C PRO C 301 -9.09 23.76 28.90
N LEU C 302 -8.49 23.54 27.73
CA LEU C 302 -7.30 22.71 27.66
C LEU C 302 -6.18 23.35 28.44
N TRP C 303 -5.87 24.59 28.09
CA TRP C 303 -4.75 25.29 28.66
C TRP C 303 -4.95 25.62 30.13
N GLU C 304 -6.22 25.73 30.55
CA GLU C 304 -6.47 26.03 31.95
C GLU C 304 -6.04 24.83 32.76
N THR C 305 -6.35 23.65 32.23
CA THR C 305 -6.02 22.41 32.90
C THR C 305 -4.51 22.21 32.83
N TRP C 306 -3.92 22.49 31.68
CA TRP C 306 -2.48 22.43 31.60
C TRP C 306 -1.89 23.40 32.62
N ALA C 307 -2.48 24.59 32.70
CA ALA C 307 -2.00 25.62 33.60
C ALA C 307 -2.10 25.16 35.05
N ASP C 308 -3.23 24.54 35.40
CA ASP C 308 -3.41 24.04 36.76
C ASP C 308 -2.43 22.92 37.07
N LEU C 309 -2.14 22.08 36.08
CA LEU C 309 -1.23 20.96 36.30
C LEU C 309 0.18 21.45 36.61
N VAL C 310 0.67 22.42 35.85
CA VAL C 310 2.04 22.90 36.01
C VAL C 310 2.08 24.29 36.65
N HIS C 311 1.01 24.64 37.35
CA HIS C 311 0.92 25.88 38.13
C HIS C 311 2.18 26.26 38.91
N PRO C 312 2.62 27.51 38.79
CA PRO C 312 1.98 28.54 37.98
C PRO C 312 2.78 28.76 36.72
N ASP C 313 3.50 27.73 36.27
CA ASP C 313 4.44 27.89 35.17
C ASP C 313 3.84 28.56 33.93
N ALA C 314 2.58 28.27 33.63
CA ALA C 314 2.00 28.70 32.36
C ALA C 314 1.12 29.93 32.47
N GLN C 315 1.12 30.58 33.64
CA GLN C 315 0.27 31.75 33.87
C GLN C 315 0.38 32.78 32.74
N ASP C 316 1.60 33.11 32.36
CA ASP C 316 1.82 33.98 31.20
C ASP C 316 1.06 33.52 29.97
N ILE C 317 1.14 32.22 29.68
CA ILE C 317 0.50 31.68 28.49
C ILE C 317 -1.01 31.82 28.58
N LEU C 318 -1.56 31.60 29.78
CA LEU C 318 -2.99 31.83 30.00
C LEU C 318 -3.35 33.30 29.81
N ASP C 319 -2.55 34.18 30.38
CA ASP C 319 -2.79 35.61 30.26
C ASP C 319 -2.79 36.03 28.80
N THR C 320 -1.87 35.49 28.03
CA THR C 320 -1.82 35.84 26.62
C THR C 320 -3.05 35.31 25.91
N LEU C 321 -3.48 34.12 26.30
CA LEU C 321 -4.66 33.51 25.70
C LEU C 321 -5.90 34.37 25.89
N GLU C 322 -6.18 34.76 27.13
CA GLU C 322 -7.36 35.57 27.43
C GLU C 322 -7.24 36.97 26.83
N ASP C 323 -6.00 37.48 26.79
CA ASP C 323 -5.65 38.66 26.02
C ASP C 323 -6.22 38.50 24.62
N ASN C 324 -5.77 37.45 23.95
CA ASN C 324 -6.10 37.23 22.55
C ASN C 324 -7.57 36.94 22.35
N ARG C 325 -8.18 36.30 23.34
CA ARG C 325 -9.60 36.10 23.34
C ARG C 325 -10.29 37.45 23.19
N GLU C 326 -9.85 38.42 23.99
CA GLU C 326 -10.50 39.72 24.03
C GLU C 326 -10.27 40.51 22.76
N TRP C 327 -9.03 40.58 22.32
CA TRP C 327 -8.74 41.23 21.06
C TRP C 327 -9.71 40.78 19.98
N TYR C 328 -9.72 39.48 19.68
CA TYR C 328 -10.59 38.92 18.64
C TYR C 328 -12.06 39.23 18.86
N GLN C 329 -12.49 39.24 20.11
CA GLN C 329 -13.88 39.57 20.45
C GLN C 329 -14.21 40.99 20.01
N SER C 330 -13.34 41.91 20.41
CA SER C 330 -13.48 43.30 20.04
C SER C 330 -13.69 43.46 18.54
N THR C 331 -13.12 42.56 17.76
CA THR C 331 -13.27 42.64 16.31
C THR C 331 -14.70 42.33 15.91
N ILE C 332 -15.30 41.35 16.57
CA ILE C 332 -16.69 40.99 16.29
C ILE C 332 -17.60 42.21 16.38
N GLN D 10 -23.67 -34.33 -4.32
CA GLN D 10 -24.87 -33.84 -4.96
C GLN D 10 -25.20 -32.45 -4.46
N GLU D 11 -25.68 -31.61 -5.35
CA GLU D 11 -26.07 -30.26 -4.96
C GLU D 11 -27.40 -30.33 -4.20
N ASP D 12 -28.13 -31.42 -4.37
CA ASP D 12 -29.40 -31.65 -3.68
C ASP D 12 -29.18 -31.92 -2.20
N VAL D 13 -28.26 -32.82 -1.90
CA VAL D 13 -27.80 -32.98 -0.54
C VAL D 13 -27.40 -31.62 0.02
N LEU D 14 -26.68 -30.82 -0.78
CA LEU D 14 -26.23 -29.51 -0.34
C LEU D 14 -27.44 -28.61 -0.04
N ALA D 15 -28.44 -28.70 -0.90
CA ALA D 15 -29.62 -27.86 -0.76
C ALA D 15 -30.42 -28.28 0.46
N LYS D 16 -30.32 -29.55 0.84
CA LYS D 16 -31.06 -29.99 2.01
C LYS D 16 -30.38 -29.50 3.27
N GLU D 17 -29.07 -29.68 3.35
CA GLU D 17 -28.30 -29.22 4.51
C GLU D 17 -28.52 -27.73 4.74
N LEU D 18 -28.55 -26.97 3.66
CA LEU D 18 -28.77 -25.54 3.74
C LEU D 18 -30.18 -25.18 4.24
N GLU D 19 -31.01 -26.19 4.42
CA GLU D 19 -32.32 -25.96 4.97
C GLU D 19 -32.17 -25.78 6.46
N ASP D 20 -31.01 -26.17 6.98
CA ASP D 20 -30.74 -25.99 8.41
C ASP D 20 -30.06 -24.64 8.73
N VAL D 21 -29.93 -23.80 7.71
CA VAL D 21 -29.25 -22.54 7.88
C VAL D 21 -29.81 -21.65 8.99
N ASN D 22 -31.08 -21.81 9.36
CA ASN D 22 -31.65 -20.97 10.42
C ASN D 22 -31.51 -21.64 11.77
N LYS D 23 -30.74 -22.71 11.83
CA LYS D 23 -30.67 -23.50 13.04
C LYS D 23 -29.27 -23.47 13.65
N TRP D 24 -29.22 -23.29 14.97
CA TRP D 24 -27.97 -23.49 15.70
C TRP D 24 -27.57 -24.94 15.53
N GLY D 25 -26.35 -25.20 15.10
CA GLY D 25 -25.90 -26.57 15.01
C GLY D 25 -25.76 -27.04 13.59
N LEU D 26 -26.13 -26.19 12.63
CA LEU D 26 -25.89 -26.46 11.22
C LEU D 26 -24.60 -27.26 11.07
N HIS D 27 -24.59 -28.28 10.22
CA HIS D 27 -23.31 -28.95 9.97
C HIS D 27 -22.53 -28.27 8.85
N VAL D 28 -21.86 -27.21 9.25
CA VAL D 28 -21.13 -26.36 8.34
C VAL D 28 -19.95 -27.06 7.68
N PHE D 29 -19.36 -28.05 8.36
CA PHE D 29 -18.29 -28.86 7.75
C PHE D 29 -18.84 -29.74 6.64
N ARG D 30 -19.91 -30.47 6.95
CA ARG D 30 -20.55 -31.25 5.91
C ARG D 30 -20.87 -30.33 4.75
N ILE D 31 -21.25 -29.09 5.06
CA ILE D 31 -21.59 -28.15 4.00
C ILE D 31 -20.39 -27.65 3.23
N ALA D 32 -19.26 -27.51 3.91
CA ALA D 32 -18.02 -27.11 3.25
C ALA D 32 -17.60 -28.18 2.26
N GLU D 33 -17.82 -29.44 2.63
CA GLU D 33 -17.42 -30.55 1.79
C GLU D 33 -18.36 -30.66 0.58
N LEU D 34 -19.65 -30.54 0.83
CA LEU D 34 -20.65 -30.69 -0.22
C LEU D 34 -20.57 -29.59 -1.26
N SER D 35 -20.02 -28.45 -0.86
CA SER D 35 -20.00 -27.26 -1.71
C SER D 35 -18.69 -27.04 -2.42
N GLY D 36 -17.74 -27.96 -2.26
CA GLY D 36 -16.46 -27.83 -2.91
C GLY D 36 -15.59 -26.82 -2.19
N ASN D 37 -15.71 -26.82 -0.87
CA ASN D 37 -15.03 -25.85 -0.01
C ASN D 37 -15.49 -24.41 -0.25
N ARG D 38 -16.80 -24.26 -0.43
CA ARG D 38 -17.39 -22.93 -0.55
C ARG D 38 -18.47 -22.64 0.51
N PRO D 39 -18.22 -23.06 1.77
CA PRO D 39 -19.31 -22.90 2.73
C PRO D 39 -19.64 -21.44 2.97
N LEU D 40 -18.64 -20.56 2.96
CA LEU D 40 -18.92 -19.16 3.16
C LEU D 40 -19.80 -18.62 2.04
N THR D 41 -19.46 -18.92 0.81
CA THR D 41 -20.20 -18.40 -0.32
C THR D 41 -21.63 -18.90 -0.36
N VAL D 42 -21.76 -20.20 -0.14
CA VAL D 42 -23.03 -20.89 -0.21
C VAL D 42 -23.94 -20.50 0.97
N ILE D 43 -23.38 -20.49 2.17
CA ILE D 43 -24.13 -20.06 3.34
C ILE D 43 -24.53 -18.56 3.29
N MET D 44 -23.61 -17.69 2.88
CA MET D 44 -23.92 -16.26 2.71
C MET D 44 -25.06 -16.03 1.74
N HIS D 45 -24.97 -16.68 0.59
CA HIS D 45 -25.96 -16.57 -0.47
C HIS D 45 -27.34 -17.01 -0.01
N THR D 46 -27.38 -18.11 0.72
CA THR D 46 -28.64 -18.64 1.24
C THR D 46 -29.21 -17.62 2.20
N ILE D 47 -28.36 -17.08 3.07
CA ILE D 47 -28.77 -16.08 4.03
C ILE D 47 -29.25 -14.80 3.33
N PHE D 48 -28.54 -14.35 2.30
CA PHE D 48 -29.04 -13.21 1.55
C PHE D 48 -30.41 -13.46 0.93
N GLN D 49 -30.61 -14.60 0.25
CA GLN D 49 -31.96 -14.92 -0.26
C GLN D 49 -32.98 -15.04 0.88
N GLU D 50 -32.66 -15.82 1.89
CA GLU D 50 -33.57 -16.02 2.99
C GLU D 50 -34.06 -14.67 3.51
N ARG D 51 -33.14 -13.70 3.61
CA ARG D 51 -33.48 -12.40 4.21
C ARG D 51 -33.93 -11.39 3.18
N ASP D 52 -33.94 -11.82 1.92
CA ASP D 52 -34.33 -10.96 0.83
C ASP D 52 -33.38 -9.78 0.71
N LEU D 53 -32.13 -9.98 1.08
CA LEU D 53 -31.18 -8.87 1.08
C LEU D 53 -30.83 -8.36 -0.30
N LEU D 54 -30.95 -9.20 -1.32
CA LEU D 54 -30.60 -8.79 -2.69
C LEU D 54 -31.58 -7.78 -3.26
N LYS D 55 -32.86 -8.10 -3.20
CA LYS D 55 -33.93 -7.22 -3.65
C LYS D 55 -33.95 -5.92 -2.86
N THR D 56 -33.85 -6.04 -1.54
CA THR D 56 -33.88 -4.88 -0.66
C THR D 56 -32.77 -3.89 -0.96
N PHE D 57 -31.55 -4.40 -1.16
CA PHE D 57 -30.41 -3.54 -1.43
C PHE D 57 -29.94 -3.54 -2.88
N LYS D 58 -30.80 -4.06 -3.77
CA LYS D 58 -30.56 -4.07 -5.21
C LYS D 58 -29.18 -4.63 -5.50
N ILE D 59 -28.85 -5.72 -4.84
CA ILE D 59 -27.56 -6.34 -5.05
C ILE D 59 -27.63 -7.27 -6.26
N PRO D 60 -26.81 -7.00 -7.29
CA PRO D 60 -26.79 -7.92 -8.42
C PRO D 60 -26.36 -9.28 -7.90
N VAL D 61 -27.06 -10.34 -8.29
CA VAL D 61 -26.80 -11.65 -7.72
C VAL D 61 -25.40 -12.15 -8.11
N ASP D 62 -24.98 -11.88 -9.35
CA ASP D 62 -23.67 -12.33 -9.83
C ASP D 62 -22.57 -11.56 -9.15
N THR D 63 -22.84 -10.31 -8.84
CA THR D 63 -21.89 -9.50 -8.10
C THR D 63 -21.69 -10.10 -6.70
N LEU D 64 -22.78 -10.54 -6.07
CA LEU D 64 -22.71 -11.09 -4.72
C LEU D 64 -21.86 -12.34 -4.69
N ILE D 65 -22.12 -13.23 -5.64
CA ILE D 65 -21.43 -14.50 -5.73
C ILE D 65 -19.96 -14.27 -6.03
N THR D 66 -19.68 -13.33 -6.91
CA THR D 66 -18.30 -12.97 -7.22
C THR D 66 -17.62 -12.45 -5.98
N TYR D 67 -18.28 -11.54 -5.27
CA TYR D 67 -17.67 -11.02 -4.06
C TYR D 67 -17.39 -12.12 -3.07
N LEU D 68 -18.35 -13.02 -2.90
CA LEU D 68 -18.28 -14.07 -1.92
C LEU D 68 -17.20 -15.07 -2.27
N MET D 69 -17.12 -15.43 -3.55
CA MET D 69 -16.07 -16.35 -3.93
C MET D 69 -14.75 -15.67 -3.73
N THR D 70 -14.72 -14.37 -4.01
CA THR D 70 -13.50 -13.60 -3.83
C THR D 70 -13.10 -13.57 -2.35
N LEU D 71 -14.00 -13.07 -1.50
CA LEU D 71 -13.80 -13.05 -0.06
C LEU D 71 -13.37 -14.41 0.46
N GLU D 72 -14.12 -15.44 0.10
CA GLU D 72 -13.81 -16.78 0.57
C GLU D 72 -12.39 -17.19 0.20
N ASP D 73 -11.96 -16.75 -0.97
CA ASP D 73 -10.63 -17.07 -1.47
C ASP D 73 -9.51 -16.40 -0.69
N HIS D 74 -9.81 -15.32 0.01
CA HIS D 74 -8.77 -14.67 0.81
C HIS D 74 -8.79 -15.13 2.25
N TYR D 75 -9.58 -16.14 2.52
CA TYR D 75 -9.36 -16.92 3.71
C TYR D 75 -8.32 -17.97 3.33
N HIS D 76 -7.47 -18.33 4.28
CA HIS D 76 -6.38 -19.24 3.96
C HIS D 76 -6.77 -20.69 4.12
N ALA D 77 -6.61 -21.46 3.05
CA ALA D 77 -6.92 -22.88 3.12
C ALA D 77 -5.92 -23.64 3.99
N ASP D 78 -4.74 -23.09 4.19
CA ASP D 78 -3.73 -23.76 5.02
C ASP D 78 -3.75 -23.34 6.49
N VAL D 79 -4.84 -22.71 6.93
CA VAL D 79 -5.00 -22.34 8.32
C VAL D 79 -6.10 -23.23 8.93
N ALA D 80 -5.76 -23.97 10.00
CA ALA D 80 -6.66 -24.97 10.54
C ALA D 80 -7.99 -24.40 11.01
N TYR D 81 -7.97 -23.25 11.68
CA TYR D 81 -9.16 -22.67 12.29
C TYR D 81 -9.69 -21.40 11.59
N HIS D 82 -8.89 -20.34 11.56
CA HIS D 82 -9.35 -19.05 11.03
C HIS D 82 -9.41 -19.02 9.51
N ASN D 83 -10.20 -19.94 8.96
CA ASN D 83 -10.37 -20.09 7.52
C ASN D 83 -11.82 -19.78 7.12
N ASN D 84 -12.17 -20.01 5.86
CA ASN D 84 -13.52 -19.80 5.36
C ASN D 84 -14.59 -20.61 6.07
N ILE D 85 -14.23 -21.78 6.60
CA ILE D 85 -15.20 -22.58 7.33
C ILE D 85 -15.63 -21.86 8.59
N HIS D 86 -14.67 -21.29 9.30
CA HIS D 86 -14.96 -20.51 10.50
C HIS D 86 -15.74 -19.25 10.14
N ALA D 87 -15.30 -18.55 9.09
CA ALA D 87 -16.06 -17.43 8.57
C ALA D 87 -17.50 -17.84 8.34
N ALA D 88 -17.70 -18.98 7.68
CA ALA D 88 -19.05 -19.42 7.36
C ALA D 88 -19.86 -19.69 8.65
N ASP D 89 -19.19 -20.27 9.63
CA ASP D 89 -19.77 -20.58 10.92
C ASP D 89 -20.31 -19.32 11.62
N VAL D 90 -19.47 -18.31 11.72
CA VAL D 90 -19.83 -17.07 12.40
C VAL D 90 -20.99 -16.36 11.69
N VAL D 91 -20.89 -16.27 10.38
CA VAL D 91 -21.99 -15.72 9.59
C VAL D 91 -23.32 -16.40 9.93
N GLN D 92 -23.32 -17.72 9.85
CA GLN D 92 -24.56 -18.46 10.07
C GLN D 92 -25.03 -18.33 11.52
N SER D 93 -24.09 -18.35 12.46
CA SER D 93 -24.41 -18.16 13.87
C SER D 93 -24.94 -16.75 14.15
N THR D 94 -24.27 -15.76 13.57
CA THR D 94 -24.73 -14.40 13.65
C THR D 94 -26.14 -14.33 13.09
N HIS D 95 -26.32 -15.00 11.97
CA HIS D 95 -27.60 -15.02 11.31
C HIS D 95 -28.69 -15.56 12.23
N VAL D 96 -28.37 -16.65 12.93
CA VAL D 96 -29.31 -17.24 13.85
C VAL D 96 -29.57 -16.31 15.01
N LEU D 97 -28.52 -15.71 15.55
CA LEU D 97 -28.68 -14.81 16.69
C LEU D 97 -29.51 -13.59 16.28
N LEU D 98 -29.32 -13.10 15.07
CA LEU D 98 -30.07 -11.95 14.60
C LEU D 98 -31.54 -12.31 14.64
N SER D 99 -31.81 -13.60 14.50
CA SER D 99 -33.17 -14.10 14.30
C SER D 99 -33.92 -14.37 15.58
N THR D 100 -33.22 -14.31 16.70
CA THR D 100 -33.80 -14.65 17.98
C THR D 100 -35.11 -13.85 18.17
N PRO D 101 -36.15 -14.48 18.74
CA PRO D 101 -37.37 -13.74 19.00
C PRO D 101 -37.13 -12.42 19.71
N ALA D 102 -36.33 -12.43 20.77
CA ALA D 102 -36.07 -11.22 21.55
C ALA D 102 -35.64 -10.00 20.72
N LEU D 103 -35.08 -10.25 19.53
CA LEU D 103 -34.60 -9.16 18.67
C LEU D 103 -35.45 -8.92 17.43
N GLU D 104 -36.64 -9.50 17.39
CA GLU D 104 -37.46 -9.36 16.20
C GLU D 104 -37.85 -7.90 15.94
N ALA D 105 -37.56 -7.46 14.71
CA ALA D 105 -37.85 -6.11 14.25
C ALA D 105 -37.05 -5.00 14.99
N VAL D 106 -36.11 -5.39 15.84
CA VAL D 106 -35.27 -4.42 16.53
C VAL D 106 -34.35 -3.68 15.55
N PHE D 107 -33.79 -4.42 14.60
CA PHE D 107 -32.79 -3.89 13.70
C PHE D 107 -33.30 -3.66 12.29
N THR D 108 -32.75 -2.62 11.67
CA THR D 108 -33.06 -2.27 10.30
C THR D 108 -32.40 -3.23 9.32
N ASP D 109 -32.89 -3.21 8.09
CA ASP D 109 -32.28 -3.99 7.02
C ASP D 109 -30.78 -3.80 6.95
N LEU D 110 -30.35 -2.55 7.19
CA LEU D 110 -28.95 -2.14 7.05
C LEU D 110 -28.05 -2.61 8.21
N GLU D 111 -28.57 -2.58 9.43
CA GLU D 111 -27.83 -3.09 10.56
C GLU D 111 -27.69 -4.60 10.50
N ILE D 112 -28.66 -5.26 9.87
CA ILE D 112 -28.63 -6.69 9.65
C ILE D 112 -27.57 -7.00 8.60
N LEU D 113 -27.65 -6.27 7.50
CA LEU D 113 -26.66 -6.39 6.45
C LEU D 113 -25.24 -6.17 6.98
N ALA D 114 -25.07 -5.17 7.83
CA ALA D 114 -23.76 -4.87 8.38
C ALA D 114 -23.31 -6.03 9.25
N ALA D 115 -24.16 -6.44 10.18
CA ALA D 115 -23.76 -7.50 11.10
C ALA D 115 -23.40 -8.75 10.30
N ILE D 116 -24.17 -9.03 9.26
CA ILE D 116 -23.91 -10.22 8.48
C ILE D 116 -22.66 -10.04 7.65
N PHE D 117 -22.48 -8.88 7.03
CA PHE D 117 -21.25 -8.62 6.30
C PHE D 117 -20.06 -8.67 7.24
N ALA D 118 -20.18 -8.02 8.39
CA ALA D 118 -19.11 -8.01 9.37
C ALA D 118 -18.62 -9.44 9.60
N SER D 119 -19.54 -10.32 9.95
CA SER D 119 -19.22 -11.73 10.18
C SER D 119 -18.48 -12.38 9.02
N ALA D 120 -18.86 -12.08 7.80
CA ALA D 120 -18.24 -12.74 6.66
C ALA D 120 -16.76 -12.36 6.48
N ILE D 121 -16.45 -11.11 6.76
CA ILE D 121 -15.11 -10.61 6.51
C ILE D 121 -14.30 -10.60 7.79
N HIS D 122 -14.94 -10.90 8.91
CA HIS D 122 -14.37 -10.61 10.23
C HIS D 122 -12.98 -11.21 10.50
N ASP D 123 -12.61 -12.24 9.75
CA ASP D 123 -11.29 -12.85 9.88
C ASP D 123 -10.56 -13.00 8.56
N VAL D 124 -10.91 -12.24 7.55
CA VAL D 124 -10.34 -12.49 6.25
C VAL D 124 -8.83 -12.26 6.23
N ASP D 125 -8.14 -13.20 5.59
CA ASP D 125 -6.70 -13.12 5.40
C ASP D 125 -5.97 -13.32 6.70
N HIS D 126 -6.58 -14.08 7.59
CA HIS D 126 -5.96 -14.42 8.85
C HIS D 126 -4.77 -15.35 8.58
N PRO D 127 -3.59 -15.01 9.13
CA PRO D 127 -2.37 -15.79 8.92
C PRO D 127 -2.27 -17.02 9.81
N GLY D 128 -3.12 -17.14 10.83
CA GLY D 128 -3.09 -18.30 11.72
C GLY D 128 -2.12 -18.16 12.90
N VAL D 129 -1.64 -16.94 13.09
CA VAL D 129 -0.88 -16.56 14.27
C VAL D 129 -1.56 -15.35 14.92
N SER D 130 -1.32 -15.15 16.20
CA SER D 130 -2.05 -14.14 16.94
C SER D 130 -1.51 -12.72 16.72
N ASN D 131 -2.24 -11.72 17.21
CA ASN D 131 -1.76 -10.35 17.19
C ASN D 131 -0.39 -10.19 17.84
N GLN D 132 -0.19 -10.82 19.00
CA GLN D 132 1.08 -10.70 19.71
C GLN D 132 2.24 -11.27 18.90
N PHE D 133 2.00 -12.38 18.21
CA PHE D 133 3.01 -12.97 17.35
C PHE D 133 3.46 -11.96 16.28
N LEU D 134 2.47 -11.29 15.66
CA LEU D 134 2.71 -10.31 14.59
C LEU D 134 3.48 -9.07 15.06
N ILE D 135 3.19 -8.69 16.31
CA ILE D 135 3.87 -7.62 17.01
C ILE D 135 5.29 -8.06 17.38
N ASN D 136 5.41 -9.26 17.89
CA ASN D 136 6.71 -9.78 18.32
C ASN D 136 7.65 -10.08 17.16
N THR D 137 7.12 -10.26 15.96
CA THR D 137 8.00 -10.54 14.82
C THR D 137 8.24 -9.24 14.07
N ASN D 138 7.75 -8.14 14.64
CA ASN D 138 7.86 -6.85 14.00
C ASN D 138 7.25 -6.90 12.60
N SER D 139 6.15 -7.61 12.47
CA SER D 139 5.52 -7.76 11.18
C SER D 139 4.98 -6.43 10.66
N GLU D 140 4.95 -6.33 9.36
CA GLU D 140 4.49 -5.15 8.69
C GLU D 140 3.04 -4.82 9.11
N LEU D 141 2.24 -5.86 9.30
CA LEU D 141 0.85 -5.65 9.67
C LEU D 141 0.84 -5.02 11.05
N ALA D 142 1.64 -5.57 11.96
CA ALA D 142 1.80 -4.95 13.26
C ALA D 142 2.19 -3.47 13.11
N LEU D 143 3.29 -3.20 12.42
CA LEU D 143 3.72 -1.81 12.24
C LEU D 143 2.62 -0.92 11.70
N MET D 144 1.82 -1.47 10.79
CA MET D 144 0.79 -0.71 10.10
C MET D 144 -0.36 -0.29 11.00
N TYR D 145 -0.64 -1.10 12.02
CA TYR D 145 -1.79 -0.82 12.83
C TYR D 145 -1.40 -0.49 14.25
N ASN D 146 -0.15 -0.10 14.41
CA ASN D 146 0.35 0.35 15.70
C ASN D 146 0.11 -0.66 16.81
N ASP D 147 0.36 -1.93 16.48
CA ASP D 147 0.18 -3.03 17.42
C ASP D 147 -1.21 -3.08 18.03
N SER D 148 -2.14 -2.32 17.46
CA SER D 148 -3.48 -2.25 18.00
C SER D 148 -4.49 -2.95 17.12
N SER D 149 -5.04 -4.03 17.63
CA SER D 149 -6.02 -4.80 16.89
C SER D 149 -5.48 -5.00 15.48
N VAL D 150 -4.25 -5.51 15.39
CA VAL D 150 -3.58 -5.64 14.09
C VAL D 150 -4.40 -6.46 13.08
N LEU D 151 -4.61 -7.73 13.37
CA LEU D 151 -5.40 -8.60 12.52
C LEU D 151 -6.76 -8.03 12.20
N GLU D 152 -7.44 -7.51 13.21
CA GLU D 152 -8.79 -7.01 13.00
C GLU D 152 -8.82 -5.80 12.05
N ASN D 153 -7.87 -4.89 12.19
CA ASN D 153 -7.75 -3.78 11.25
C ASN D 153 -7.47 -4.27 9.85
N HIS D 154 -6.67 -5.32 9.75
CA HIS D 154 -6.38 -5.93 8.47
C HIS D 154 -7.60 -6.61 7.88
N HIS D 155 -8.37 -7.34 8.69
CA HIS D 155 -9.57 -7.99 8.17
C HIS D 155 -10.51 -6.99 7.50
N LEU D 156 -10.78 -5.89 8.19
CA LEU D 156 -11.63 -4.84 7.65
C LEU D 156 -11.09 -4.30 6.33
N ALA D 157 -9.79 -4.06 6.31
CA ALA D 157 -9.16 -3.40 5.17
C ALA D 157 -9.30 -4.31 3.98
N VAL D 158 -9.11 -5.60 4.20
CA VAL D 158 -9.18 -6.55 3.10
C VAL D 158 -10.64 -6.73 2.66
N GLY D 159 -11.52 -6.92 3.63
CA GLY D 159 -12.91 -7.11 3.32
C GLY D 159 -13.44 -5.97 2.49
N PHE D 160 -13.12 -4.74 2.87
CA PHE D 160 -13.61 -3.61 2.12
C PHE D 160 -12.91 -3.48 0.76
N LYS D 161 -11.62 -3.76 0.74
CA LYS D 161 -10.85 -3.58 -0.48
C LYS D 161 -11.35 -4.54 -1.54
N LEU D 162 -11.77 -5.71 -1.10
CA LEU D 162 -12.18 -6.76 -2.02
C LEU D 162 -13.37 -6.34 -2.87
N LEU D 163 -14.16 -5.41 -2.34
CA LEU D 163 -15.28 -4.83 -3.05
C LEU D 163 -14.87 -4.14 -4.35
N GLN D 164 -13.59 -3.87 -4.51
CA GLN D 164 -13.14 -3.15 -5.69
C GLN D 164 -12.69 -4.10 -6.79
N GLU D 165 -12.62 -5.39 -6.49
CA GLU D 165 -12.24 -6.31 -7.53
C GLU D 165 -13.37 -6.41 -8.55
N GLU D 166 -13.07 -6.94 -9.73
CA GLU D 166 -14.02 -6.93 -10.82
C GLU D 166 -15.36 -7.45 -10.35
N ASN D 167 -16.40 -6.64 -10.49
CA ASN D 167 -17.77 -7.06 -10.19
C ASN D 167 -17.90 -7.62 -8.76
N CYS D 168 -17.24 -6.98 -7.80
CA CYS D 168 -17.37 -7.40 -6.41
C CYS D 168 -18.09 -6.38 -5.53
N ASP D 169 -18.52 -5.26 -6.09
CA ASP D 169 -19.14 -4.23 -5.28
C ASP D 169 -20.61 -4.51 -5.00
N ILE D 170 -20.85 -5.34 -4.00
CA ILE D 170 -22.19 -5.72 -3.64
C ILE D 170 -22.99 -4.52 -3.11
N PHE D 171 -22.29 -3.47 -2.70
CA PHE D 171 -22.94 -2.29 -2.16
C PHE D 171 -23.11 -1.16 -3.18
N GLN D 172 -22.81 -1.45 -4.43
CA GLN D 172 -22.88 -0.47 -5.52
C GLN D 172 -24.17 0.33 -5.53
N ASN D 173 -25.28 -0.33 -5.20
CA ASN D 173 -26.58 0.36 -5.25
C ASN D 173 -27.08 0.91 -3.91
N LEU D 174 -26.28 0.82 -2.85
CA LEU D 174 -26.62 1.55 -1.63
C LEU D 174 -26.32 3.03 -1.82
N THR D 175 -27.12 3.90 -1.20
CA THR D 175 -26.85 5.33 -1.24
C THR D 175 -25.59 5.66 -0.43
N LYS D 176 -25.10 6.88 -0.57
CA LYS D 176 -23.96 7.32 0.23
C LYS D 176 -24.26 7.23 1.72
N LYS D 177 -25.36 7.80 2.18
CA LYS D 177 -25.66 7.75 3.61
C LYS D 177 -25.65 6.31 4.10
N GLN D 178 -26.33 5.42 3.37
CA GLN D 178 -26.31 4.00 3.71
C GLN D 178 -24.89 3.43 3.73
N ARG D 179 -24.11 3.73 2.73
CA ARG D 179 -22.79 3.12 2.70
C ARG D 179 -21.92 3.54 3.87
N GLN D 180 -22.08 4.78 4.30
CA GLN D 180 -21.27 5.27 5.40
C GLN D 180 -21.77 4.69 6.70
N SER D 181 -23.07 4.52 6.80
CA SER D 181 -23.60 3.91 8.00
C SER D 181 -23.16 2.46 8.11
N LEU D 182 -23.34 1.71 7.01
CA LEU D 182 -22.89 0.34 6.95
C LEU D 182 -21.42 0.25 7.33
N ARG D 183 -20.58 1.00 6.62
CA ARG D 183 -19.15 0.97 6.87
C ARG D 183 -18.78 1.20 8.33
N LYS D 184 -19.35 2.23 8.94
CA LYS D 184 -19.05 2.53 10.31
C LYS D 184 -19.49 1.39 11.22
N MET D 185 -20.64 0.82 10.93
CA MET D 185 -21.14 -0.27 11.75
C MET D 185 -20.24 -1.49 11.59
N VAL D 186 -19.96 -1.88 10.35
CA VAL D 186 -19.06 -2.99 10.15
C VAL D 186 -17.73 -2.81 10.91
N ILE D 187 -17.06 -1.68 10.72
CA ILE D 187 -15.81 -1.41 11.45
C ILE D 187 -15.95 -1.58 12.98
N ASP D 188 -17.02 -1.03 13.54
CA ASP D 188 -17.27 -1.17 14.98
C ASP D 188 -17.37 -2.66 15.34
N ILE D 189 -18.09 -3.40 14.53
CA ILE D 189 -18.34 -4.79 14.83
C ILE D 189 -17.04 -5.59 14.75
N VAL D 190 -16.30 -5.43 13.67
CA VAL D 190 -15.12 -6.26 13.50
C VAL D 190 -13.98 -5.94 14.50
N LEU D 191 -13.81 -4.68 14.86
CA LEU D 191 -12.80 -4.35 15.86
C LEU D 191 -13.21 -4.94 17.20
N ALA D 192 -14.52 -5.02 17.45
CA ALA D 192 -15.02 -5.62 18.67
C ALA D 192 -14.73 -7.13 18.75
N THR D 193 -14.25 -7.74 17.66
CA THR D 193 -13.92 -9.16 17.68
C THR D 193 -12.53 -9.43 18.27
N ASP D 194 -11.70 -8.38 18.37
CA ASP D 194 -10.44 -8.43 19.09
C ASP D 194 -10.64 -8.88 20.54
N MET D 195 -10.15 -10.06 20.90
CA MET D 195 -10.34 -10.60 22.26
C MET D 195 -9.91 -9.60 23.32
N SER D 196 -8.90 -8.82 23.03
CA SER D 196 -8.42 -7.90 24.06
C SER D 196 -9.55 -6.98 24.51
N LYS D 197 -10.58 -6.84 23.68
CA LYS D 197 -11.73 -6.00 24.01
C LYS D 197 -12.90 -6.75 24.66
N HIS D 198 -12.70 -8.03 24.90
CA HIS D 198 -13.73 -8.88 25.49
C HIS D 198 -14.31 -8.28 26.77
N MET D 199 -13.44 -8.10 27.77
CA MET D 199 -13.90 -7.68 29.09
C MET D 199 -14.74 -6.40 29.04
N ASN D 200 -14.41 -5.49 28.12
CA ASN D 200 -15.17 -4.27 28.02
C ASN D 200 -16.54 -4.49 27.39
N LEU D 201 -16.54 -5.20 26.27
CA LEU D 201 -17.78 -5.63 25.65
C LEU D 201 -18.69 -6.34 26.65
N LEU D 202 -18.13 -7.31 27.39
CA LEU D 202 -18.91 -8.03 28.37
C LEU D 202 -19.42 -7.11 29.49
N ALA D 203 -18.55 -6.26 30.03
CA ALA D 203 -18.99 -5.30 31.02
C ALA D 203 -20.16 -4.48 30.48
N ASP D 204 -20.09 -4.08 29.22
CA ASP D 204 -21.14 -3.26 28.62
C ASP D 204 -22.44 -4.05 28.43
N LEU D 205 -22.30 -5.31 28.07
CA LEU D 205 -23.45 -6.17 27.90
C LEU D 205 -24.18 -6.37 29.24
N LYS D 206 -23.42 -6.49 30.34
CA LYS D 206 -24.03 -6.73 31.64
C LYS D 206 -24.85 -5.51 32.07
N THR D 207 -24.24 -4.34 31.89
CA THR D 207 -24.91 -3.09 32.13
C THR D 207 -26.20 -3.02 31.33
N MET D 208 -26.14 -3.46 30.08
CA MET D 208 -27.31 -3.44 29.21
C MET D 208 -28.40 -4.31 29.80
N VAL D 209 -27.98 -5.46 30.33
CA VAL D 209 -28.91 -6.40 30.93
C VAL D 209 -29.52 -5.82 32.20
N GLU D 210 -28.69 -5.27 33.06
CA GLU D 210 -29.12 -4.68 34.33
C GLU D 210 -30.15 -3.58 34.11
N THR D 211 -30.11 -2.99 32.93
CA THR D 211 -31.00 -1.88 32.61
C THR D 211 -31.84 -2.23 31.40
N LYS D 212 -31.98 -3.52 31.14
CA LYS D 212 -32.74 -4.02 30.02
C LYS D 212 -34.19 -3.52 30.06
N LYS D 213 -34.66 -3.06 28.91
CA LYS D 213 -36.06 -2.65 28.75
C LYS D 213 -36.65 -3.38 27.53
N VAL D 214 -37.96 -3.57 27.55
CA VAL D 214 -38.65 -4.25 26.48
C VAL D 214 -39.76 -3.37 25.93
N THR D 215 -40.10 -3.54 24.64
CA THR D 215 -41.15 -2.75 24.00
C THR D 215 -42.54 -3.35 24.20
N SER D 216 -43.58 -2.70 23.69
CA SER D 216 -44.95 -3.23 23.81
C SER D 216 -45.00 -4.67 23.30
N SER D 217 -44.51 -4.87 22.07
CA SER D 217 -44.14 -6.18 21.60
C SER D 217 -42.95 -6.60 22.44
N GLY D 218 -42.75 -7.90 22.63
CA GLY D 218 -41.81 -8.35 23.64
C GLY D 218 -40.34 -8.31 23.25
N VAL D 219 -39.94 -7.30 22.49
CA VAL D 219 -38.57 -7.26 22.01
C VAL D 219 -37.74 -6.18 22.71
N LEU D 220 -36.42 -6.33 22.65
CA LEU D 220 -35.44 -5.47 23.28
C LEU D 220 -35.57 -4.01 22.85
N LEU D 221 -35.66 -3.11 23.83
CA LEU D 221 -35.67 -1.68 23.51
C LEU D 221 -34.23 -1.17 23.38
N LEU D 222 -33.89 -0.68 22.19
CA LEU D 222 -32.57 -0.13 21.91
C LEU D 222 -32.73 1.21 21.18
N ASP D 223 -32.54 2.30 21.90
CA ASP D 223 -33.01 3.58 21.39
C ASP D 223 -31.90 4.59 21.09
N ASN D 224 -30.66 4.12 21.09
CA ASN D 224 -29.51 4.95 20.76
C ASN D 224 -28.44 4.13 20.07
N TYR D 225 -27.63 4.77 19.23
CA TYR D 225 -26.65 4.04 18.43
C TYR D 225 -25.68 3.24 19.29
N SER D 226 -25.22 3.84 20.38
CA SER D 226 -24.29 3.14 21.23
C SER D 226 -24.88 1.83 21.74
N ASP D 227 -26.17 1.82 22.05
CA ASP D 227 -26.80 0.60 22.54
C ASP D 227 -26.93 -0.43 21.43
N ARG D 228 -27.30 0.03 20.25
CA ARG D 228 -27.46 -0.83 19.10
C ARG D 228 -26.15 -1.50 18.70
N ILE D 229 -25.12 -0.70 18.47
CA ILE D 229 -23.84 -1.26 18.10
C ILE D 229 -23.27 -2.21 19.17
N GLN D 230 -23.44 -1.88 20.45
CA GLN D 230 -22.92 -2.75 21.51
C GLN D 230 -23.54 -4.13 21.44
N VAL D 231 -24.85 -4.19 21.24
CA VAL D 231 -25.54 -5.45 21.04
C VAL D 231 -24.98 -6.18 19.82
N LEU D 232 -25.00 -5.50 18.67
CA LEU D 232 -24.44 -6.07 17.45
C LEU D 232 -22.99 -6.54 17.63
N GLN D 233 -22.17 -5.74 18.29
CA GLN D 233 -20.78 -6.11 18.51
C GLN D 233 -20.74 -7.37 19.34
N ASN D 234 -21.49 -7.35 20.44
CA ASN D 234 -21.55 -8.49 21.33
C ASN D 234 -22.13 -9.71 20.65
N MET D 235 -23.05 -9.49 19.73
CA MET D 235 -23.66 -10.58 18.97
C MET D 235 -22.63 -11.32 18.12
N VAL D 236 -21.85 -10.58 17.34
CA VAL D 236 -20.86 -11.19 16.47
C VAL D 236 -19.76 -11.75 17.36
N HIS D 237 -19.55 -11.09 18.49
CA HIS D 237 -18.57 -11.57 19.45
C HIS D 237 -19.02 -12.93 19.98
N CYS D 238 -20.27 -13.05 20.37
CA CYS D 238 -20.82 -14.34 20.78
C CYS D 238 -20.71 -15.38 19.66
N ALA D 239 -21.04 -14.98 18.43
CA ALA D 239 -20.96 -15.92 17.31
C ALA D 239 -19.51 -16.35 17.09
N ASP D 240 -18.59 -15.39 17.20
CA ASP D 240 -17.17 -15.67 17.09
C ASP D 240 -16.77 -16.67 18.15
N LEU D 241 -17.43 -16.61 19.30
CA LEU D 241 -17.14 -17.55 20.40
C LEU D 241 -18.26 -18.55 20.63
N SER D 242 -18.91 -19.00 19.56
CA SER D 242 -20.04 -19.93 19.70
C SER D 242 -19.63 -21.40 19.63
N ASN D 243 -18.39 -21.64 19.24
CA ASN D 243 -17.89 -23.01 19.14
C ASN D 243 -18.35 -23.95 20.26
N PRO D 244 -17.96 -23.67 21.53
CA PRO D 244 -18.36 -24.54 22.64
C PRO D 244 -19.87 -24.62 22.87
N THR D 245 -20.67 -23.79 22.20
CA THR D 245 -22.11 -23.86 22.39
C THR D 245 -22.76 -24.75 21.35
N LYS D 246 -21.96 -25.31 20.46
CA LYS D 246 -22.50 -26.09 19.36
C LYS D 246 -22.51 -27.57 19.77
N PRO D 247 -23.33 -28.38 19.09
CA PRO D 247 -23.32 -29.82 19.33
C PRO D 247 -21.90 -30.30 19.50
N LEU D 248 -21.68 -31.13 20.53
CA LEU D 248 -20.35 -31.58 20.89
C LEU D 248 -19.54 -32.04 19.68
N GLN D 249 -20.20 -32.63 18.69
CA GLN D 249 -19.45 -33.14 17.55
C GLN D 249 -18.84 -32.01 16.70
N LEU D 250 -19.47 -30.84 16.70
CA LEU D 250 -18.91 -29.70 16.02
C LEU D 250 -17.84 -29.05 16.89
N TYR D 251 -18.21 -28.77 18.14
CA TYR D 251 -17.28 -28.18 19.09
C TYR D 251 -15.93 -28.86 19.02
N ARG D 252 -15.92 -30.19 19.11
CA ARG D 252 -14.67 -30.95 19.13
C ARG D 252 -13.84 -30.78 17.84
N GLN D 253 -14.52 -30.72 16.71
CA GLN D 253 -13.85 -30.39 15.44
C GLN D 253 -13.19 -29.00 15.43
N TRP D 254 -13.80 -28.05 16.13
CA TRP D 254 -13.26 -26.71 16.25
C TRP D 254 -12.08 -26.69 17.20
N THR D 255 -12.17 -27.48 18.26
CA THR D 255 -11.06 -27.63 19.19
C THR D 255 -9.84 -28.24 18.53
N ASP D 256 -10.04 -29.27 17.70
CA ASP D 256 -8.91 -29.84 16.96
C ASP D 256 -8.24 -28.75 16.14
N ARG D 257 -9.08 -28.00 15.43
CA ARG D 257 -8.59 -27.01 14.50
C ARG D 257 -7.92 -25.85 15.21
N ILE D 258 -8.50 -25.38 16.31
CA ILE D 258 -7.97 -24.20 16.98
C ILE D 258 -6.66 -24.57 17.64
N MET D 259 -6.53 -25.82 18.08
CA MET D 259 -5.34 -26.26 18.78
C MET D 259 -4.23 -26.55 17.81
N GLU D 260 -4.59 -26.99 16.61
CA GLU D 260 -3.59 -27.22 15.58
C GLU D 260 -2.95 -25.87 15.26
N GLU D 261 -3.80 -24.90 14.98
CA GLU D 261 -3.36 -23.56 14.68
C GLU D 261 -2.47 -23.02 15.82
N PHE D 262 -2.90 -23.21 17.06
CA PHE D 262 -2.16 -22.75 18.23
C PHE D 262 -0.80 -23.41 18.34
N PHE D 263 -0.78 -24.72 18.13
CA PHE D 263 0.47 -25.46 18.23
C PHE D 263 1.43 -25.11 17.11
N ARG D 264 0.92 -24.89 15.90
CA ARG D 264 1.76 -24.41 14.82
C ARG D 264 2.41 -23.10 15.25
N GLN D 265 1.65 -22.25 15.91
CA GLN D 265 2.21 -20.98 16.36
C GLN D 265 3.31 -21.20 17.39
N GLY D 266 3.03 -22.02 18.40
CA GLY D 266 4.04 -22.42 19.35
C GLY D 266 5.26 -23.01 18.68
N ASP D 267 5.05 -23.80 17.64
CA ASP D 267 6.14 -24.36 16.87
C ASP D 267 7.00 -23.27 16.26
N ARG D 268 6.37 -22.37 15.51
CA ARG D 268 7.07 -21.28 14.88
C ARG D 268 7.69 -20.36 15.92
N GLU D 269 7.09 -20.32 17.10
CA GLU D 269 7.62 -19.51 18.19
C GLU D 269 8.92 -20.06 18.74
N ARG D 270 8.91 -21.30 19.21
CA ARG D 270 10.16 -21.87 19.71
C ARG D 270 11.14 -22.06 18.56
N GLU D 271 10.63 -22.32 17.36
CA GLU D 271 11.47 -22.28 16.18
C GLU D 271 12.26 -20.99 16.18
N ARG D 272 11.61 -19.90 15.79
CA ARG D 272 12.22 -18.57 15.72
C ARG D 272 12.90 -18.13 17.01
N GLY D 273 12.82 -18.96 18.05
CA GLY D 273 13.33 -18.62 19.35
C GLY D 273 12.48 -17.50 19.95
N MET D 274 11.53 -17.88 20.81
CA MET D 274 10.59 -16.93 21.38
C MET D 274 9.95 -17.52 22.63
N GLU D 275 9.43 -16.63 23.48
CA GLU D 275 8.59 -17.05 24.61
C GLU D 275 7.28 -17.61 24.08
N ILE D 276 7.03 -18.89 24.30
CA ILE D 276 5.84 -19.54 23.79
C ILE D 276 4.56 -19.05 24.48
N SER D 277 3.53 -18.78 23.68
CA SER D 277 2.24 -18.31 24.18
C SER D 277 1.58 -19.37 25.06
N PRO D 278 0.69 -18.93 25.97
CA PRO D 278 -0.04 -19.91 26.77
C PRO D 278 -0.86 -20.83 25.85
N MET D 279 -0.85 -22.13 26.15
CA MET D 279 -1.64 -23.10 25.40
C MET D 279 -1.07 -23.38 24.00
N CYS D 280 0.05 -22.75 23.67
CA CYS D 280 0.68 -22.94 22.37
C CYS D 280 1.78 -23.99 22.36
N ASP D 281 2.08 -24.55 23.54
CA ASP D 281 3.12 -25.56 23.63
C ASP D 281 2.49 -26.95 23.65
N LYS D 282 2.73 -27.71 22.59
CA LYS D 282 2.19 -29.06 22.48
C LYS D 282 2.93 -30.04 23.38
N HIS D 283 4.00 -29.58 24.01
CA HIS D 283 4.79 -30.43 24.91
C HIS D 283 4.34 -30.31 26.37
N ASN D 284 3.54 -29.28 26.64
CA ASN D 284 2.90 -29.12 27.95
C ASN D 284 1.43 -28.77 27.81
N ALA D 285 0.82 -29.30 26.75
CA ALA D 285 -0.55 -28.98 26.36
C ALA D 285 -1.63 -29.64 27.23
N SER D 286 -2.49 -28.79 27.79
CA SER D 286 -3.66 -29.24 28.54
C SER D 286 -4.96 -28.85 27.80
N VAL D 287 -5.15 -29.40 26.60
CA VAL D 287 -6.28 -29.03 25.76
C VAL D 287 -7.59 -29.01 26.52
N GLU D 288 -7.91 -30.13 27.15
CA GLU D 288 -9.18 -30.22 27.84
C GLU D 288 -9.30 -29.22 28.99
N LYS D 289 -8.27 -29.16 29.83
CA LYS D 289 -8.28 -28.20 30.92
C LYS D 289 -8.45 -26.79 30.36
N SER D 290 -7.85 -26.55 29.19
CA SER D 290 -7.86 -25.23 28.59
C SER D 290 -9.23 -24.82 28.05
N GLN D 291 -9.92 -25.73 27.36
CA GLN D 291 -11.32 -25.51 26.99
C GLN D 291 -12.19 -25.23 28.22
N VAL D 292 -11.99 -26.02 29.28
CA VAL D 292 -12.73 -25.81 30.51
C VAL D 292 -12.43 -24.41 31.05
N GLY D 293 -11.16 -24.06 31.11
CA GLY D 293 -10.77 -22.74 31.59
C GLY D 293 -11.33 -21.65 30.70
N PHE D 294 -11.32 -21.88 29.40
CA PHE D 294 -11.84 -20.88 28.48
C PHE D 294 -13.35 -20.72 28.60
N ILE D 295 -14.02 -21.82 28.91
CA ILE D 295 -15.46 -21.79 29.11
C ILE D 295 -15.80 -21.13 30.45
N ASP D 296 -15.18 -21.59 31.52
CA ASP D 296 -15.40 -21.00 32.84
C ASP D 296 -15.18 -19.49 32.88
N TYR D 297 -14.05 -19.05 32.35
CA TYR D 297 -13.66 -17.65 32.51
C TYR D 297 -14.11 -16.72 31.39
N ILE D 298 -14.33 -17.26 30.20
CA ILE D 298 -14.63 -16.39 29.06
C ILE D 298 -15.95 -16.67 28.34
N VAL D 299 -16.09 -17.88 27.80
CA VAL D 299 -17.28 -18.22 27.03
C VAL D 299 -18.56 -18.27 27.87
N HIS D 300 -18.55 -18.99 28.98
CA HIS D 300 -19.78 -19.09 29.76
C HIS D 300 -20.31 -17.74 30.26
N PRO D 301 -19.44 -16.91 30.82
CA PRO D 301 -19.94 -15.62 31.31
C PRO D 301 -20.57 -14.81 30.19
N LEU D 302 -19.94 -14.84 29.01
CA LEU D 302 -20.42 -14.08 27.87
C LEU D 302 -21.77 -14.57 27.39
N TRP D 303 -21.94 -15.89 27.32
CA TRP D 303 -23.21 -16.46 26.88
C TRP D 303 -24.33 -16.36 27.90
N GLU D 304 -23.96 -16.48 29.17
CA GLU D 304 -24.93 -16.36 30.24
C GLU D 304 -25.49 -14.95 30.15
N THR D 305 -24.60 -13.99 29.97
CA THR D 305 -25.00 -12.60 29.89
C THR D 305 -25.83 -12.35 28.64
N TRP D 306 -25.41 -12.94 27.53
CA TRP D 306 -26.23 -12.85 26.31
C TRP D 306 -27.60 -13.50 26.51
N ALA D 307 -27.59 -14.72 27.04
CA ALA D 307 -28.83 -15.45 27.29
C ALA D 307 -29.81 -14.59 28.07
N ASP D 308 -29.33 -13.90 29.09
CA ASP D 308 -30.16 -13.00 29.88
C ASP D 308 -30.75 -11.88 29.05
N LEU D 309 -29.96 -11.28 28.18
CA LEU D 309 -30.43 -10.18 27.38
C LEU D 309 -31.62 -10.61 26.53
N VAL D 310 -31.51 -11.78 25.90
CA VAL D 310 -32.56 -12.25 25.00
C VAL D 310 -33.44 -13.34 25.62
N HIS D 311 -33.45 -13.42 26.94
CA HIS D 311 -34.14 -14.50 27.66
C HIS D 311 -35.56 -14.73 27.15
N PRO D 312 -35.96 -16.00 27.01
CA PRO D 312 -35.17 -17.21 27.24
C PRO D 312 -34.70 -17.85 25.92
N ASP D 313 -34.62 -17.05 24.86
CA ASP D 313 -34.22 -17.52 23.55
C ASP D 313 -33.02 -18.46 23.56
N ALA D 314 -32.04 -18.16 24.40
CA ALA D 314 -30.78 -18.91 24.33
C ALA D 314 -30.63 -19.98 25.44
N GLN D 315 -31.74 -20.41 26.03
CA GLN D 315 -31.67 -21.44 27.06
C GLN D 315 -30.93 -22.70 26.62
N ASP D 316 -31.21 -23.18 25.42
CA ASP D 316 -30.61 -24.42 24.94
C ASP D 316 -29.15 -24.22 24.57
N ILE D 317 -28.85 -23.06 24.01
CA ILE D 317 -27.49 -22.72 23.68
C ILE D 317 -26.68 -22.79 24.97
N LEU D 318 -27.12 -22.06 25.97
CA LEU D 318 -26.44 -22.08 27.26
C LEU D 318 -26.37 -23.48 27.88
N ASP D 319 -27.43 -24.26 27.77
CA ASP D 319 -27.42 -25.63 28.30
C ASP D 319 -26.40 -26.49 27.58
N THR D 320 -26.38 -26.41 26.26
CA THR D 320 -25.45 -27.20 25.46
C THR D 320 -24.05 -26.83 25.90
N LEU D 321 -23.82 -25.54 26.09
CA LEU D 321 -22.51 -25.05 26.52
C LEU D 321 -22.08 -25.69 27.83
N GLU D 322 -23.03 -25.82 28.74
CA GLU D 322 -22.74 -26.43 30.04
C GLU D 322 -22.48 -27.92 29.89
N ASP D 323 -23.28 -28.59 29.05
CA ASP D 323 -23.01 -29.99 28.73
C ASP D 323 -21.60 -30.17 28.21
N ASN D 324 -21.29 -29.46 27.14
CA ASN D 324 -19.99 -29.58 26.51
C ASN D 324 -18.86 -29.24 27.47
N ARG D 325 -19.16 -28.49 28.51
CA ARG D 325 -18.11 -28.18 29.45
C ARG D 325 -17.86 -29.42 30.28
N GLU D 326 -18.92 -29.99 30.84
CA GLU D 326 -18.80 -31.18 31.68
C GLU D 326 -18.14 -32.32 30.91
N TRP D 327 -18.20 -32.26 29.58
CA TRP D 327 -17.55 -33.26 28.78
C TRP D 327 -16.04 -33.05 28.66
N TYR D 328 -15.60 -31.82 28.41
CA TYR D 328 -14.17 -31.54 28.42
C TYR D 328 -13.54 -31.73 29.81
N GLN D 329 -14.26 -31.32 30.84
CA GLN D 329 -13.82 -31.54 32.22
C GLN D 329 -13.56 -33.04 32.45
N SER D 330 -14.45 -33.87 31.94
CA SER D 330 -14.37 -35.29 32.21
C SER D 330 -13.27 -35.96 31.38
N THR D 331 -12.61 -35.17 30.53
CA THR D 331 -11.56 -35.70 29.67
C THR D 331 -10.22 -35.04 29.90
N ILE D 332 -10.09 -34.30 31.00
CA ILE D 332 -8.80 -33.78 31.41
C ILE D 332 -7.91 -34.96 31.84
N PRO D 333 -6.71 -35.06 31.26
CA PRO D 333 -5.78 -36.13 31.64
C PRO D 333 -5.55 -36.19 33.15
ZN ZN E . 5.26 15.11 -18.19
ZN ZN F . 6.80 12.19 -16.47
C1 J25 G . 15.03 17.33 -19.54
C2 J25 G . 14.15 18.54 -19.71
C3 J25 G . 12.70 18.15 -19.78
S4 J25 G . 12.50 16.44 -19.61
C5 J25 G . 14.20 16.11 -19.48
C6 J25 G . 14.72 14.71 -19.32
N7 J25 G . 16.13 14.65 -19.74
C8 J25 G . 16.92 15.85 -20.10
C9 J25 G . 16.52 17.17 -19.42
N10 J25 G . 11.68 19.05 -19.90
C11 J25 G . 10.50 18.79 -20.49
C12 J25 G . 10.26 19.49 -21.82
C13 J25 G . 10.86 20.88 -21.80
C14 J25 G . 11.66 21.58 -22.68
C15 J25 G . 11.99 22.87 -22.21
C16 J25 G . 11.48 23.23 -20.97
S17 J25 G . 10.56 21.87 -20.42
O18 J25 G . 9.65 18.04 -20.00
C19 J25 G . 14.71 19.91 -19.81
O20 J25 G . 16.09 20.12 -19.42
C21 J25 G . 16.86 21.13 -20.04
C22 J25 G . 17.93 21.57 -19.06
O23 J25 G . 14.06 20.86 -20.26
C24 J25 G . 16.72 13.45 -19.85
O25 J25 G . 16.68 12.43 -18.80
C26 J25 G . 16.11 12.66 -17.50
C27 J25 G . 15.55 11.38 -16.92
O28 J25 G . 17.33 13.18 -20.89
C1 EDO H . 1.23 -3.59 -20.10
O1 EDO H . 0.84 -3.34 -21.45
C2 EDO H . -0.02 -3.86 -19.28
O2 EDO H . -0.74 -5.00 -19.79
S DMS I . -23.70 9.61 -11.10
O DMS I . -23.96 9.99 -9.35
C1 DMS I . -24.09 7.87 -11.43
C2 DMS I . -24.98 10.45 -12.08
C1 EDO J . -9.48 0.07 -30.30
O1 EDO J . -8.45 -0.76 -29.73
C2 EDO J . -10.71 -0.10 -29.42
O2 EDO J . -11.81 0.66 -29.93
ZN ZN K . 9.04 -20.41 -9.75
ZN ZN L . 7.36 -17.37 -10.60
C1 J25 M . 3.53 -23.48 -18.11
C2 J25 M . 4.06 -24.65 -17.36
C3 J25 M . 5.05 -24.22 -16.33
S4 J25 M . 5.27 -22.49 -16.31
C5 J25 M . 4.14 -22.22 -17.61
C6 J25 M . 3.87 -20.84 -18.14
N7 J25 M . 3.33 -21.22 -19.45
C8 J25 M . 2.09 -21.99 -19.38
C9 J25 M . 2.52 -23.46 -19.24
N10 J25 M . 5.69 -25.06 -15.48
C11 J25 M . 6.85 -24.74 -14.93
C12 J25 M . 7.59 -25.87 -14.27
C13 J25 M . 7.30 -27.14 -15.02
C14 J25 M . 7.54 -27.55 -16.32
C15 J25 M . 7.06 -28.84 -16.57
C16 J25 M . 6.44 -29.49 -15.49
S17 J25 M . 6.49 -28.40 -14.17
O18 J25 M . 7.30 -23.60 -14.93
C19 J25 M . 3.62 -26.04 -17.67
O20 J25 M . 2.45 -26.19 -18.51
C21 J25 M . 1.83 -27.47 -18.65
C22 J25 M . 0.37 -27.37 -18.24
O23 J25 M . 4.22 -27.03 -17.27
C24 J25 M . 3.95 -20.90 -20.60
O25 J25 M . 3.86 -21.79 -21.77
C26 J25 M . 2.66 -22.39 -22.28
C27 J25 M . 2.96 -23.67 -23.06
O28 J25 M . 4.64 -19.91 -20.70
C1 EDO N . -5.91 -3.87 2.09
O1 EDO N . -5.13 -4.47 1.05
C2 EDO N . -5.73 -2.36 2.01
O2 EDO N . -4.34 -2.05 1.98
C1 EDO O . 0.10 -20.08 -11.15
O1 EDO O . 0.87 -19.98 -12.37
C2 EDO O . -0.64 -21.41 -11.07
O2 EDO O . -1.73 -21.46 -12.01
N1 EPE P . 6.78 38.63 9.56
C2 EPE P . 8.14 38.85 9.05
C3 EPE P . 8.18 39.78 7.85
N4 EPE P . 7.20 39.43 6.84
C5 EPE P . 5.88 39.05 7.29
C6 EPE P . 5.90 38.11 8.49
C7 EPE P . 7.35 39.94 5.47
C8 EPE P . 8.55 40.88 5.32
O8 EPE P . 9.71 40.13 5.03
C9 EPE P . 6.85 37.57 10.56
C10 EPE P . 6.78 38.06 12.00
S EPE P . 6.49 36.64 13.07
O1S EPE P . 5.07 36.37 13.09
O2S EPE P . 6.94 36.87 14.44
O3S EPE P . 7.23 35.49 12.55
ZN ZN Q . -1.04 19.99 13.97
ZN ZN R . -2.86 17.03 13.01
C1 J25 S . -10.48 23.92 14.81
C2 J25 S . -9.48 25.02 14.65
C3 J25 S . -8.08 24.51 14.76
S4 J25 S . -8.04 22.81 15.04
C5 J25 S . -9.78 22.63 15.03
C6 J25 S . -10.39 21.28 15.26
N7 J25 S . -11.78 21.59 15.54
C8 J25 S . -12.48 22.47 14.58
C9 J25 S . -11.99 23.92 14.76
N10 J25 S . -6.96 25.27 14.66
C11 J25 S . -5.87 24.90 15.34
C12 J25 S . -5.35 25.88 16.38
C13 J25 S . -5.65 27.30 15.98
C14 J25 S . -6.41 28.33 16.54
C15 J25 S . -6.40 29.49 15.77
C16 J25 S . -5.67 29.45 14.60
S17 J25 S . -4.98 27.87 14.49
O18 J25 S . -5.31 23.83 15.15
C19 J25 S . -9.83 26.45 14.38
O20 J25 S . -11.10 26.75 13.73
C21 J25 S . -11.89 27.85 14.13
C22 J25 S . -13.34 27.53 13.78
O23 J25 S . -9.06 27.35 14.69
C24 J25 S . -12.35 21.07 16.63
O25 J25 S . -13.79 20.96 16.81
C26 J25 S . -14.56 22.00 17.44
C27 J25 S . -15.67 21.37 18.28
O28 J25 S . -11.66 20.62 17.54
C1 EDO T . 23.01 5.54 22.04
O1 EDO T . 24.17 5.83 21.26
C2 EDO T . 22.43 6.87 22.51
O2 EDO T . 21.15 6.61 23.09
C1 EDO U . 14.35 2.70 27.11
O1 EDO U . 15.24 1.57 27.19
C2 EDO U . 12.91 2.27 27.40
O2 EDO U . 12.65 2.15 28.81
C1 EDO V . 19.78 30.17 22.24
O1 EDO V . 19.46 30.21 23.62
C2 EDO V . 20.08 28.73 21.84
O2 EDO V . 20.27 28.65 20.42
C1 EDO W . 10.68 37.18 21.39
O1 EDO W . 11.25 35.87 21.56
C2 EDO W . 9.17 37.12 21.54
O2 EDO W . 8.79 36.73 22.87
C1 EDO X . -4.68 8.05 21.59
O1 EDO X . -5.69 8.87 22.24
C2 EDO X . -3.81 7.39 22.66
O2 EDO X . -2.73 6.68 22.04
C1 EDO Y . -6.75 -12.04 -5.45
O1 EDO Y . -6.52 -10.66 -5.09
C2 EDO Y . -7.84 -12.17 -6.53
O2 EDO Y . -9.08 -12.63 -5.98
C1 EDO Z . 10.33 -0.78 12.40
O1 EDO Z . 10.32 -1.53 13.63
C2 EDO Z . 11.16 -1.50 11.35
O2 EDO Z . 11.72 -0.52 10.45
ZN ZN AA . -13.18 -15.30 14.36
ZN ZN BA . -10.69 -12.81 14.88
C1 J25 CA . -8.54 -18.47 23.16
C2 J25 CA . -9.37 -19.56 22.52
C3 J25 CA . -10.26 -19.06 21.46
S4 J25 CA . -10.06 -17.35 21.25
C5 J25 CA . -8.86 -17.18 22.50
C6 J25 CA . -8.29 -15.82 22.80
N7 J25 CA . -7.71 -15.96 24.13
C8 J25 CA . -6.80 -17.11 24.36
C9 J25 CA . -7.52 -18.49 24.27
N10 J25 CA . -11.09 -19.88 20.75
C11 J25 CA . -12.08 -19.43 19.96
C12 J25 CA . -13.02 -20.46 19.37
C13 J25 CA . -13.22 -21.63 20.31
C14 J25 CA . -13.80 -21.81 21.56
C15 J25 CA . -13.72 -23.13 22.02
C16 J25 CA . -13.10 -24.05 21.18
S17 J25 CA . -12.62 -23.16 19.78
O18 J25 CA . -12.22 -18.25 19.68
C19 J25 CA . -9.39 -21.01 22.86
O20 J25 CA . -8.39 -21.60 23.73
C21 J25 CA . -8.44 -22.99 24.02
C22 J25 CA . -7.10 -23.40 24.58
O23 J25 CA . -10.26 -21.72 22.37
C24 J25 CA . -7.97 -15.04 25.08
O25 J25 CA . -7.48 -13.65 25.01
C26 J25 CA . -6.34 -13.25 24.24
C27 J25 CA . -6.07 -11.76 24.41
O28 J25 CA . -8.68 -15.32 26.04
C1 EDO DA . -34.57 -7.31 13.70
O1 EDO DA . -33.31 -7.76 14.19
C2 EDO DA . -34.89 -8.02 12.38
O2 EDO DA . -34.79 -9.44 12.55
C1 EDO EA . -43.18 -13.94 14.29
O1 EDO EA . -43.39 -13.18 15.49
C2 EDO EA . -43.38 -13.03 13.08
O2 EDO EA . -43.85 -11.76 13.55
C1 EDO FA . -30.55 -17.43 20.26
O1 EDO FA . -30.60 -16.09 20.79
C2 EDO FA . -31.68 -17.71 19.27
O2 EDO FA . -31.80 -19.11 19.12
C1 EDO GA . -38.96 -17.53 22.73
O1 EDO GA . -37.62 -18.02 22.80
C2 EDO GA . -39.86 -18.57 22.05
O2 EDO GA . -39.51 -18.78 20.66
C1 EDO HA . -10.41 -21.15 -0.14
O1 EDO HA . -10.03 -20.70 1.16
C2 EDO HA . -11.85 -20.72 -0.40
O2 EDO HA . -12.25 -21.18 -1.70
C1 EDO IA . -12.48 -28.49 3.96
O1 EDO IA . -13.02 -29.61 4.67
C2 EDO IA . -13.24 -28.29 2.64
O2 EDO IA . -13.53 -29.55 2.02
#